data_5Y34
#
_entry.id   5Y34
#
_cell.length_a   75.628
_cell.length_b   116.943
_cell.length_c   113.337
_cell.angle_alpha   90.00
_cell.angle_beta   91.42
_cell.angle_gamma   90.00
#
_symmetry.space_group_name_H-M   'P 1 21 1'
#
loop_
_entity.id
_entity.type
_entity.pdbx_description
1 polymer Hydrogenase
2 polymer 'Membrane-bound hydrogenase small subunit'
3 non-polymer 'NICKEL (III) ION'
4 non-polymer 'CARBONMONOXIDE-(DICYANO) IRON'
5 non-polymer 'OXYGEN ATOM'
6 non-polymer GLYCEROL
7 non-polymer 'MAGNESIUM ION'
8 non-polymer 'FE4-S3 CLUSTER'
9 non-polymer 'FE3-S4 CLUSTER'
10 non-polymer 'IRON/SULFUR CLUSTER'
11 water water
#
loop_
_entity_poly.entity_id
_entity_poly.type
_entity_poly.pdbx_seq_one_letter_code
_entity_poly.pdbx_strand_id
1 'polypeptide(L)'
;MSVLNTPNHYKMDNSGRRVVIDPVTRIEGHMRCEVNVDENNVIQNAVSTGTMWRGLEVILRGRDPRDAWAFVERICGVCT
GCHALASVRAVEDALDIKIPHNATLIREIMAKTLQIHDHIVHFYHLHALDWVNPVNALKADPQATSELQKLVSPHHPMSS
PGYFKDIQIRIQKFVDSGQLGIFKNGYWSNPAYKLSPEADLMAVTHYLEALDFQKEIVKIHAIFGGKNPHPNYMVGGVPC
AINIDGDMAAGAPINMERLNFVKSLIEQGRTFNTNVYVPDVIAIAAFYRDWLYGGGLSATNVMDYGAYPKTPYDKSTDQL
PGGAIINGDWGKIHPVDPRDPEQVQEFVTHSWYKYPDETKGLHPWDGITEPNYELGSKTKGSRTNIIEIDESAKYSWIKS
PRWRGHAVEVGPLARYILAYAQGVEYVKTQVHTSLNRFNAVCRLLDPNHKDITDLKAFLGSTIGRTLARALESEYCGDMM
LDDFNQLISNIKNGDSSTANTDKWDPSSWPEHAKGVGTVAAPRGALAHWIVIEKGKIKNYQCVVPTTWNGSPRDPKGNIG
AFEASLMGTPMERPDEPVEVLRTLHSFDPCLACSTH
;
A,C
2 'polypeptide(L)'
;NKIAHAMETKPRTPVIWLHGLECTCCSESFIRSAHPLAKDVVLSMISLDYDDTLMAASGHAAEAILDEIKEKYKGNYILA
VEGNPPLNQDGMSCIIGGRPFSEQLKRMADDAKAIISWGSCASWGCVQAAKPNPTQATPVHKFLGGGYDKPIIKVPGCPP
IAEVMTGVITYMLTFDRIPELDRQGRPKMFYSQRIHDKCYRRPHFDAGQFVEEWDDEGARKGYCLYKVGCKGPTTYNACS
TVRWNGGTSFPIQSGHGCIGCSEDGFWDKGSFYSRDTEMNAFG
;
B,D
#
loop_
_chem_comp.id
_chem_comp.type
_chem_comp.name
_chem_comp.formula
3NI non-polymer 'NICKEL (III) ION' 'Ni 3'
F3S non-polymer 'FE3-S4 CLUSTER' 'Fe3 S4'
FCO non-polymer 'CARBONMONOXIDE-(DICYANO) IRON' 'C3 Fe N2 O'
GOL non-polymer GLYCEROL 'C3 H8 O3'
MG non-polymer 'MAGNESIUM ION' 'Mg 2'
O non-polymer 'OXYGEN ATOM' O
SF3 non-polymer 'FE4-S3 CLUSTER' 'Fe4 S3'
SF4 non-polymer 'IRON/SULFUR CLUSTER' 'Fe4 S4'
#
# COMPACT_ATOMS: atom_id res chain seq x y z
N SER A 2 50.40 -29.16 2.78
CA SER A 2 50.68 -29.04 4.24
C SER A 2 49.48 -29.56 5.03
N VAL A 3 49.73 -29.95 6.28
CA VAL A 3 48.68 -30.34 7.22
C VAL A 3 48.85 -29.49 8.48
N LEU A 4 47.91 -28.58 8.72
CA LEU A 4 47.99 -27.66 9.86
C LEU A 4 47.04 -28.05 10.97
N ASN A 5 47.60 -28.34 12.14
CA ASN A 5 46.81 -28.71 13.31
C ASN A 5 46.54 -27.47 14.14
N THR A 6 45.31 -26.96 14.00
CA THR A 6 44.98 -25.66 14.60
C THR A 6 44.76 -25.83 16.10
N PRO A 7 44.98 -24.75 16.88
CA PRO A 7 44.72 -24.81 18.32
C PRO A 7 43.24 -25.05 18.62
N ASN A 8 42.35 -24.67 17.69
CA ASN A 8 40.93 -24.97 17.84
C ASN A 8 40.48 -26.29 17.22
N HIS A 9 41.46 -27.18 17.03
CA HIS A 9 41.22 -28.63 16.85
C HIS A 9 40.75 -29.07 15.46
N TYR A 10 41.19 -28.32 14.44
CA TYR A 10 40.97 -28.69 13.06
C TYR A 10 42.29 -29.07 12.41
N LYS A 11 42.21 -29.90 11.39
CA LYS A 11 43.37 -30.36 10.64
C LYS A 11 43.22 -29.85 9.20
N MET A 12 43.84 -28.71 8.91
CA MET A 12 43.68 -28.09 7.59
C MET A 12 44.69 -28.69 6.63
N ASP A 13 44.18 -29.43 5.65
CA ASP A 13 45.00 -30.23 4.75
C ASP A 13 44.72 -29.81 3.32
N ASN A 14 45.71 -29.18 2.68
CA ASN A 14 45.54 -28.72 1.29
C ASN A 14 46.19 -29.62 0.24
N SER A 15 46.35 -30.90 0.55
CA SER A 15 46.93 -31.86 -0.40
C SER A 15 45.91 -32.38 -1.43
N GLY A 16 44.64 -32.33 -1.06
CA GLY A 16 43.57 -32.81 -1.95
C GLY A 16 43.26 -31.85 -3.08
N ARG A 17 42.31 -32.24 -3.94
CA ARG A 17 41.88 -31.40 -5.06
C ARG A 17 41.34 -30.05 -4.59
N ARG A 18 41.77 -28.99 -5.26
CA ARG A 18 41.34 -27.63 -4.90
C ARG A 18 40.13 -27.20 -5.73
N VAL A 19 39.12 -26.65 -5.07
CA VAL A 19 37.94 -26.12 -5.74
C VAL A 19 37.83 -24.63 -5.38
N VAL A 20 37.62 -23.81 -6.40
CA VAL A 20 37.59 -22.35 -6.22
C VAL A 20 36.18 -21.85 -6.57
N ILE A 21 35.61 -21.06 -5.66
CA ILE A 21 34.32 -20.42 -5.88
C ILE A 21 34.54 -18.90 -5.82
N ASP A 22 34.56 -18.25 -6.97
CA ASP A 22 34.76 -16.80 -7.04
C ASP A 22 34.14 -16.34 -8.35
N PRO A 23 33.00 -15.65 -8.30
CA PRO A 23 32.34 -15.08 -7.11
C PRO A 23 31.48 -16.05 -6.32
N VAL A 24 31.43 -15.87 -5.00
CA VAL A 24 30.36 -16.44 -4.19
C VAL A 24 29.18 -15.50 -4.36
N THR A 25 28.10 -16.01 -4.95
CA THR A 25 26.93 -15.20 -5.21
C THR A 25 25.91 -15.36 -4.09
N ARG A 26 24.81 -14.61 -4.17
CA ARG A 26 23.74 -14.66 -3.16
C ARG A 26 24.27 -14.37 -1.76
N ILE A 27 25.15 -13.38 -1.75
CA ILE A 27 25.60 -12.72 -0.55
C ILE A 27 25.57 -11.23 -0.86
N GLU A 28 25.76 -10.41 0.15
CA GLU A 28 26.07 -9.02 -0.08
C GLU A 28 27.58 -8.92 -0.36
N GLY A 29 27.94 -8.19 -1.41
CA GLY A 29 29.34 -7.86 -1.64
C GLY A 29 30.10 -8.99 -2.30
N HIS A 30 31.38 -9.06 -2.02
CA HIS A 30 32.28 -9.91 -2.79
C HIS A 30 33.06 -10.82 -1.88
N MET A 31 32.94 -12.11 -2.16
CA MET A 31 33.72 -13.14 -1.46
C MET A 31 34.28 -14.17 -2.44
N ARG A 32 35.43 -14.71 -2.09
CA ARG A 32 35.99 -15.90 -2.73
C ARG A 32 36.13 -16.97 -1.67
N CYS A 33 35.82 -18.21 -2.03
CA CYS A 33 36.07 -19.32 -1.12
C CYS A 33 36.81 -20.40 -1.89
N GLU A 34 37.84 -20.97 -1.28
CA GLU A 34 38.50 -22.13 -1.86
C GLU A 34 38.47 -23.26 -0.84
N VAL A 35 38.29 -24.49 -1.33
CA VAL A 35 38.35 -25.66 -0.46
C VAL A 35 39.24 -26.72 -1.09
N ASN A 36 39.71 -27.64 -0.26
CA ASN A 36 40.32 -28.89 -0.74
C ASN A 36 39.45 -30.04 -0.30
N VAL A 37 39.24 -30.97 -1.23
CA VAL A 37 38.48 -32.19 -0.93
C VAL A 37 39.39 -33.42 -1.00
N ASP A 38 39.11 -34.40 -0.16
CA ASP A 38 39.87 -35.63 -0.20
C ASP A 38 39.28 -36.58 -1.25
N GLU A 39 39.79 -37.80 -1.26
CA GLU A 39 39.40 -38.80 -2.25
C GLU A 39 37.94 -39.26 -2.14
N ASN A 40 37.35 -39.01 -0.98
CA ASN A 40 35.93 -39.26 -0.71
C ASN A 40 35.05 -38.02 -0.88
N ASN A 41 35.61 -36.97 -1.49
CA ASN A 41 34.90 -35.69 -1.71
C ASN A 41 34.47 -34.98 -0.42
N VAL A 42 35.24 -35.18 0.66
CA VAL A 42 34.99 -34.52 1.94
C VAL A 42 35.95 -33.36 2.06
N ILE A 43 35.42 -32.19 2.43
CA ILE A 43 36.24 -30.99 2.61
C ILE A 43 37.22 -31.18 3.76
N GLN A 44 38.52 -30.98 3.47
CA GLN A 44 39.59 -31.07 4.47
C GLN A 44 40.37 -29.76 4.62
N ASN A 45 39.96 -28.74 3.87
CA ASN A 45 40.54 -27.39 4.03
C ASN A 45 39.55 -26.40 3.48
N ALA A 46 39.48 -25.21 4.08
CA ALA A 46 38.56 -24.16 3.65
C ALA A 46 39.25 -22.84 3.85
N VAL A 47 39.08 -21.95 2.88
CA VAL A 47 39.76 -20.63 2.86
C VAL A 47 38.70 -19.58 2.56
N SER A 48 38.50 -18.67 3.52
CA SER A 48 37.57 -17.53 3.38
C SER A 48 38.31 -16.27 2.97
N THR A 49 37.98 -15.73 1.79
CA THR A 49 38.65 -14.51 1.28
C THR A 49 37.61 -13.40 1.04
N GLY A 50 37.69 -12.32 1.82
CA GLY A 50 36.89 -11.15 1.52
C GLY A 50 37.58 -10.41 0.37
N THR A 51 36.84 -10.18 -0.71
CA THR A 51 37.42 -9.67 -1.98
C THR A 51 37.09 -8.19 -2.29
N MET A 52 36.74 -7.43 -1.25
CA MET A 52 36.55 -5.99 -1.42
C MET A 52 37.02 -5.24 -0.18
N TRP A 53 37.35 -3.96 -0.37
CA TRP A 53 37.59 -3.06 0.74
C TRP A 53 37.37 -1.63 0.24
N ARG A 54 36.84 -0.78 1.12
CA ARG A 54 36.57 0.63 0.78
C ARG A 54 37.32 1.61 1.68
N GLY A 55 37.53 1.25 2.94
CA GLY A 55 38.29 2.12 3.85
C GLY A 55 37.51 3.18 4.59
N LEU A 56 36.30 2.88 5.04
CA LEU A 56 35.51 3.83 5.85
C LEU A 56 36.23 4.32 7.08
N GLU A 57 37.01 3.45 7.73
CA GLU A 57 37.74 3.85 8.93
C GLU A 57 38.74 4.95 8.61
N VAL A 58 39.36 4.87 7.43
CA VAL A 58 40.34 5.88 7.00
C VAL A 58 39.60 7.16 6.64
N ILE A 59 38.52 7.03 5.89
CA ILE A 59 37.72 8.16 5.41
C ILE A 59 37.16 9.00 6.57
N LEU A 60 36.85 8.38 7.69
CA LEU A 60 36.26 9.08 8.82
C LEU A 60 37.21 10.06 9.51
N ARG A 61 38.52 9.86 9.36
CA ARG A 61 39.49 10.64 10.13
C ARG A 61 39.37 12.13 9.89
N GLY A 62 39.32 12.88 10.99
CA GLY A 62 39.30 14.35 10.90
C GLY A 62 37.90 14.93 10.73
N ARG A 63 36.89 14.06 10.62
CA ARG A 63 35.51 14.53 10.41
C ARG A 63 34.82 14.76 11.76
N ASP A 64 33.60 15.28 11.71
CA ASP A 64 32.85 15.60 12.92
C ASP A 64 32.14 14.30 13.39
N PRO A 65 32.30 13.94 14.69
CA PRO A 65 31.61 12.73 15.20
C PRO A 65 30.11 12.75 14.93
N ARG A 66 29.47 13.91 14.87
CA ARG A 66 28.03 13.98 14.61
C ARG A 66 27.64 13.54 13.19
N ASP A 67 28.62 13.60 12.27
CA ASP A 67 28.40 13.19 10.88
C ASP A 67 28.67 11.70 10.65
N ALA A 68 29.37 11.08 11.60
CA ALA A 68 29.86 9.70 11.37
C ALA A 68 28.79 8.71 11.00
N TRP A 69 27.62 8.84 11.63
CA TRP A 69 26.58 7.81 11.46
C TRP A 69 26.23 7.66 10.00
N ALA A 70 26.22 8.73 9.23
CA ALA A 70 25.77 8.67 7.85
C ALA A 70 26.82 7.99 6.96
N PHE A 71 28.10 8.22 7.24
CA PHE A 71 29.19 7.58 6.52
C PHE A 71 29.14 6.08 6.78
N VAL A 72 29.13 5.72 8.05
CA VAL A 72 29.19 4.28 8.38
C VAL A 72 27.91 3.55 8.06
N GLU A 73 26.78 4.23 8.00
CA GLU A 73 25.55 3.58 7.54
C GLU A 73 25.79 2.94 6.16
N ARG A 74 26.53 3.64 5.32
CA ARG A 74 26.86 3.18 3.97
C ARG A 74 27.93 2.11 3.95
N ILE A 75 28.35 1.62 5.12
CA ILE A 75 29.05 0.32 5.12
C ILE A 75 28.17 -0.76 4.47
N CYS A 76 26.86 -0.63 4.62
CA CYS A 76 26.01 -1.71 4.15
C CYS A 76 24.58 -1.30 3.95
N GLY A 77 24.06 -1.63 2.77
CA GLY A 77 22.68 -1.32 2.43
C GLY A 77 21.72 -2.46 2.71
N VAL A 78 22.25 -3.62 3.09
CA VAL A 78 21.43 -4.78 3.45
C VAL A 78 21.12 -4.64 4.93
N CYS A 79 22.14 -4.57 5.78
CA CYS A 79 21.93 -4.29 7.19
C CYS A 79 21.86 -2.78 7.42
N THR A 80 20.95 -2.14 6.68
CA THR A 80 20.89 -0.71 6.61
C THR A 80 20.33 -0.11 7.90
N GLY A 81 21.12 0.75 8.53
CA GLY A 81 20.76 1.37 9.79
C GLY A 81 21.58 0.88 10.96
N CYS A 82 21.97 -0.40 10.96
CA CYS A 82 22.65 -0.88 12.16
C CYS A 82 23.98 -0.18 12.46
N HIS A 83 24.71 0.19 11.40
CA HIS A 83 25.95 0.96 11.62
C HIS A 83 25.71 2.40 12.10
N ALA A 84 24.62 2.99 11.61
CA ALA A 84 24.21 4.30 12.11
C ALA A 84 23.89 4.21 13.59
N LEU A 85 23.17 3.17 13.98
CA LEU A 85 22.85 2.95 15.39
C LEU A 85 24.11 2.75 16.24
N ALA A 86 25.04 1.93 15.76
CA ALA A 86 26.28 1.71 16.50
C ALA A 86 27.05 3.03 16.64
N SER A 87 27.06 3.83 15.58
CA SER A 87 27.80 5.12 15.58
C SER A 87 27.24 6.10 16.58
N VAL A 88 25.92 6.31 16.54
CA VAL A 88 25.35 7.30 17.46
C VAL A 88 25.55 6.81 18.90
N ARG A 89 25.40 5.49 19.11
CA ARG A 89 25.68 4.96 20.43
C ARG A 89 27.13 5.14 20.87
N ALA A 90 28.08 4.98 19.94
CA ALA A 90 29.49 5.17 20.27
C ALA A 90 29.78 6.62 20.66
N VAL A 91 29.22 7.55 19.90
CA VAL A 91 29.44 8.99 20.15
C VAL A 91 28.77 9.36 21.47
N GLU A 92 27.56 8.86 21.69
CA GLU A 92 26.85 9.12 22.93
C GLU A 92 27.60 8.55 24.14
N ASP A 93 28.18 7.37 23.98
CA ASP A 93 29.02 6.79 25.01
C ASP A 93 30.24 7.67 25.31
N ALA A 94 30.94 8.10 24.25
CA ALA A 94 32.14 8.96 24.42
C ALA A 94 31.82 10.24 25.15
N LEU A 95 30.65 10.80 24.86
CA LEU A 95 30.31 12.16 25.31
C LEU A 95 29.34 12.17 26.49
N ASP A 96 29.05 10.98 27.02
CA ASP A 96 28.14 10.82 28.16
CA ASP A 96 28.14 10.82 28.16
C ASP A 96 26.77 11.45 27.88
N ILE A 97 26.18 11.09 26.75
CA ILE A 97 24.84 11.53 26.37
C ILE A 97 23.83 10.42 26.65
N LYS A 98 22.79 10.74 27.45
CA LYS A 98 21.65 9.83 27.62
C LYS A 98 20.50 10.38 26.77
N ILE A 99 19.84 9.52 26.02
CA ILE A 99 18.79 9.96 25.11
C ILE A 99 17.42 9.79 25.76
N PRO A 100 16.38 10.50 25.28
CA PRO A 100 15.06 10.31 25.87
C PRO A 100 14.54 8.87 25.63
N HIS A 101 13.64 8.40 26.48
CA HIS A 101 13.14 7.02 26.35
CA HIS A 101 13.04 7.07 26.37
C HIS A 101 12.50 6.78 24.98
N ASN A 102 11.83 7.77 24.40
CA ASN A 102 11.19 7.54 23.11
C ASN A 102 12.21 7.38 22.02
N ALA A 103 13.36 8.04 22.17
CA ALA A 103 14.45 7.85 21.21
C ALA A 103 15.02 6.43 21.32
N THR A 104 15.23 5.95 22.54
CA THR A 104 15.61 4.54 22.76
C THR A 104 14.64 3.59 22.07
N LEU A 105 13.35 3.79 22.31
CA LEU A 105 12.31 2.89 21.80
C LEU A 105 12.22 2.94 20.29
N ILE A 106 12.30 4.14 19.70
CA ILE A 106 12.16 4.25 18.26
C ILE A 106 13.38 3.62 17.60
N ARG A 107 14.56 3.80 18.18
CA ARG A 107 15.76 3.16 17.60
C ARG A 107 15.61 1.62 17.67
N GLU A 108 15.06 1.12 18.77
CA GLU A 108 14.86 -0.33 18.86
CA GLU A 108 14.79 -0.33 18.92
C GLU A 108 13.77 -0.82 17.89
N ILE A 109 12.74 -0.03 17.67
CA ILE A 109 11.72 -0.36 16.66
C ILE A 109 12.35 -0.41 15.29
N MET A 110 13.22 0.55 14.97
CA MET A 110 13.91 0.52 13.69
C MET A 110 14.84 -0.69 13.59
N ALA A 111 15.51 -1.00 14.69
CA ALA A 111 16.42 -2.16 14.72
C ALA A 111 15.66 -3.47 14.47
N LYS A 112 14.50 -3.61 15.11
CA LYS A 112 13.72 -4.86 14.98
C LYS A 112 13.06 -4.94 13.61
N THR A 113 12.70 -3.81 13.00
CA THR A 113 12.23 -3.75 11.63
C THR A 113 13.33 -4.28 10.72
N LEU A 114 14.55 -3.78 10.91
CA LEU A 114 15.67 -4.26 10.10
C LEU A 114 15.87 -5.79 10.29
N GLN A 115 15.85 -6.26 11.53
CA GLN A 115 16.03 -7.71 11.77
C GLN A 115 15.03 -8.53 10.96
N ILE A 116 13.76 -8.13 10.98
CA ILE A 116 12.71 -8.91 10.31
C ILE A 116 12.89 -8.84 8.80
N HIS A 117 13.07 -7.63 8.28
CA HIS A 117 13.25 -7.47 6.86
C HIS A 117 14.47 -8.24 6.36
N ASP A 118 15.60 -8.06 7.06
CA ASP A 118 16.88 -8.65 6.67
C ASP A 118 16.75 -10.20 6.74
N HIS A 119 16.23 -10.72 7.85
CA HIS A 119 16.12 -12.20 7.97
C HIS A 119 15.24 -12.80 6.89
N ILE A 120 14.08 -12.20 6.63
CA ILE A 120 13.16 -12.70 5.61
C ILE A 120 13.78 -12.70 4.23
N VAL A 121 14.35 -11.56 3.82
CA VAL A 121 14.95 -11.48 2.51
C VAL A 121 16.17 -12.38 2.41
N HIS A 122 16.94 -12.50 3.49
CA HIS A 122 18.04 -13.44 3.44
C HIS A 122 17.53 -14.87 3.15
N PHE A 123 16.59 -15.33 3.95
CA PHE A 123 16.19 -16.72 3.79
C PHE A 123 15.65 -16.98 2.39
N TYR A 124 14.69 -16.17 1.95
CA TYR A 124 14.08 -16.43 0.65
C TYR A 124 14.96 -16.09 -0.53
N HIS A 125 15.49 -14.87 -0.55
CA HIS A 125 16.10 -14.34 -1.76
C HIS A 125 17.56 -14.67 -1.92
N LEU A 126 18.23 -14.99 -0.81
CA LEU A 126 19.65 -15.34 -0.84
C LEU A 126 19.89 -16.81 -0.52
N HIS A 127 19.16 -17.35 0.46
CA HIS A 127 19.48 -18.70 0.93
C HIS A 127 18.69 -19.79 0.25
N ALA A 128 17.42 -19.52 -0.07
CA ALA A 128 16.50 -20.61 -0.44
C ALA A 128 16.98 -21.41 -1.60
N LEU A 129 17.66 -20.79 -2.58
CA LEU A 129 18.08 -21.53 -3.77
C LEU A 129 19.19 -22.56 -3.49
N ASP A 130 19.68 -22.63 -2.26
CA ASP A 130 20.55 -23.73 -1.82
C ASP A 130 19.78 -24.95 -1.34
N TRP A 131 18.46 -24.79 -1.12
CA TRP A 131 17.59 -25.85 -0.59
C TRP A 131 16.48 -26.19 -1.55
N VAL A 132 16.15 -25.27 -2.45
CA VAL A 132 14.97 -25.28 -3.29
C VAL A 132 15.39 -25.34 -4.75
N ASN A 133 14.77 -26.24 -5.50
CA ASN A 133 15.02 -26.43 -6.91
C ASN A 133 13.78 -25.97 -7.69
N PRO A 134 13.84 -24.75 -8.28
CA PRO A 134 12.65 -24.22 -8.96
C PRO A 134 12.27 -25.00 -10.22
N VAL A 135 13.24 -25.63 -10.86
CA VAL A 135 12.96 -26.47 -12.03
C VAL A 135 12.15 -27.69 -11.60
N ASN A 136 12.51 -28.26 -10.45
CA ASN A 136 11.76 -29.40 -9.90
C ASN A 136 10.32 -29.05 -9.49
N ALA A 137 10.10 -27.79 -9.13
CA ALA A 137 8.77 -27.32 -8.79
C ALA A 137 7.79 -27.48 -9.94
N LEU A 138 8.33 -27.52 -11.17
CA LEU A 138 7.50 -27.64 -12.38
C LEU A 138 6.85 -29.02 -12.47
N LYS A 139 7.36 -29.97 -11.69
CA LYS A 139 6.83 -31.33 -11.66
C LYS A 139 5.76 -31.55 -10.59
N ALA A 140 5.55 -30.57 -9.72
CA ALA A 140 4.62 -30.71 -8.60
C ALA A 140 3.17 -30.89 -9.01
N ASP A 141 2.44 -31.68 -8.21
CA ASP A 141 0.99 -31.71 -8.30
C ASP A 141 0.43 -30.57 -7.45
N PRO A 142 -0.36 -29.68 -8.07
CA PRO A 142 -0.88 -28.53 -7.30
C PRO A 142 -1.77 -28.94 -6.11
N GLN A 143 -2.57 -30.01 -6.24
CA GLN A 143 -3.41 -30.43 -5.11
CA GLN A 143 -3.40 -30.44 -5.11
C GLN A 143 -2.55 -30.93 -3.94
N ALA A 144 -1.50 -31.70 -4.25
CA ALA A 144 -0.62 -32.20 -3.19
C ALA A 144 0.19 -31.04 -2.59
N THR A 145 0.52 -30.04 -3.40
CA THR A 145 1.19 -28.84 -2.90
C THR A 145 0.30 -28.12 -1.88
N SER A 146 -0.98 -27.96 -2.22
CA SER A 146 -1.97 -27.43 -1.29
C SER A 146 -2.05 -28.22 0.00
N GLU A 147 -2.11 -29.56 -0.11
CA GLU A 147 -2.11 -30.37 1.11
C GLU A 147 -0.88 -30.15 1.99
N LEU A 148 0.29 -30.07 1.37
CA LEU A 148 1.51 -29.83 2.12
C LEU A 148 1.46 -28.46 2.82
N GLN A 149 1.08 -27.42 2.06
CA GLN A 149 0.92 -26.06 2.58
C GLN A 149 0.03 -26.03 3.83
N LYS A 150 -1.10 -26.73 3.79
CA LYS A 150 -2.04 -26.70 4.90
C LYS A 150 -1.42 -27.36 6.14
N LEU A 151 -0.61 -28.39 5.93
CA LEU A 151 0.13 -29.01 7.03
C LEU A 151 1.27 -28.15 7.56
N VAL A 152 2.00 -27.52 6.65
CA VAL A 152 3.14 -26.68 7.02
C VAL A 152 2.72 -25.45 7.85
N SER A 153 1.64 -24.80 7.42
CA SER A 153 1.16 -23.58 8.08
C SER A 153 -0.35 -23.47 7.95
N PRO A 154 -1.09 -24.13 8.88
CA PRO A 154 -2.55 -24.15 8.75
C PRO A 154 -3.23 -22.78 8.72
N HIS A 155 -2.62 -21.77 9.34
CA HIS A 155 -3.25 -20.46 9.39
C HIS A 155 -3.05 -19.63 8.12
N HIS A 156 -2.04 -19.94 7.32
CA HIS A 156 -1.77 -19.09 6.17
C HIS A 156 -2.89 -19.25 5.16
N PRO A 157 -3.56 -18.17 4.76
CA PRO A 157 -4.73 -18.33 3.88
C PRO A 157 -4.46 -18.84 2.45
N MET A 158 -3.24 -18.62 1.96
CA MET A 158 -2.96 -18.79 0.54
CA MET A 158 -2.90 -18.78 0.54
C MET A 158 -2.54 -20.21 0.20
N SER A 159 -3.52 -21.08 0.11
CA SER A 159 -3.23 -22.48 -0.11
C SER A 159 -3.98 -23.11 -1.25
N SER A 160 -4.78 -22.38 -2.02
CA SER A 160 -5.61 -23.01 -3.06
CA SER A 160 -5.62 -23.04 -3.02
C SER A 160 -4.77 -23.78 -4.06
N PRO A 161 -5.21 -25.00 -4.45
CA PRO A 161 -4.49 -25.68 -5.52
C PRO A 161 -4.38 -24.83 -6.80
N GLY A 162 -5.42 -24.07 -7.11
CA GLY A 162 -5.43 -23.20 -8.30
C GLY A 162 -4.37 -22.11 -8.25
N TYR A 163 -4.11 -21.62 -7.04
CA TYR A 163 -3.06 -20.62 -6.80
C TYR A 163 -1.69 -21.25 -7.08
N PHE A 164 -1.42 -22.43 -6.50
CA PHE A 164 -0.15 -23.08 -6.75
C PHE A 164 0.02 -23.44 -8.23
N LYS A 165 -1.08 -23.84 -8.87
CA LYS A 165 -1.06 -24.14 -10.30
C LYS A 165 -0.74 -22.87 -11.10
N ASP A 166 -1.32 -21.75 -10.71
CA ASP A 166 -1.07 -20.47 -11.39
C ASP A 166 0.39 -20.03 -11.26
N ILE A 167 0.97 -20.22 -10.07
CA ILE A 167 2.40 -19.95 -9.86
C ILE A 167 3.23 -20.86 -10.76
N GLN A 168 2.86 -22.14 -10.80
CA GLN A 168 3.59 -23.08 -11.60
C GLN A 168 3.54 -22.73 -13.09
N ILE A 169 2.36 -22.30 -13.57
CA ILE A 169 2.23 -21.86 -14.95
C ILE A 169 3.17 -20.68 -15.24
N ARG A 170 3.28 -19.77 -14.27
CA ARG A 170 4.15 -18.61 -14.48
C ARG A 170 5.63 -19.03 -14.57
N ILE A 171 6.05 -19.92 -13.68
CA ILE A 171 7.43 -20.36 -13.71
CA ILE A 171 7.42 -20.46 -13.67
C ILE A 171 7.68 -21.20 -14.99
N GLN A 172 6.69 -22.00 -15.40
CA GLN A 172 6.81 -22.75 -16.63
C GLN A 172 6.99 -21.83 -17.84
N LYS A 173 6.22 -20.73 -17.88
CA LYS A 173 6.32 -19.76 -18.98
CA LYS A 173 6.32 -19.77 -18.98
C LYS A 173 7.71 -19.14 -19.02
N PHE A 174 8.21 -18.82 -17.83
CA PHE A 174 9.55 -18.25 -17.68
C PHE A 174 10.60 -19.22 -18.22
N VAL A 175 10.54 -20.48 -17.78
CA VAL A 175 11.48 -21.50 -18.26
C VAL A 175 11.35 -21.71 -19.77
N ASP A 176 10.11 -21.81 -20.26
CA ASP A 176 9.86 -22.04 -21.67
C ASP A 176 10.35 -20.91 -22.58
N SER A 177 10.52 -19.71 -22.02
CA SER A 177 11.03 -18.56 -22.79
C SER A 177 12.48 -18.74 -23.23
N GLY A 178 13.20 -19.63 -22.56
CA GLY A 178 14.62 -19.84 -22.81
C GLY A 178 15.52 -18.77 -22.20
N GLN A 179 14.93 -17.79 -21.51
CA GLN A 179 15.69 -16.75 -20.82
C GLN A 179 15.57 -17.01 -19.33
N LEU A 180 16.50 -17.80 -18.82
CA LEU A 180 16.37 -18.40 -17.50
C LEU A 180 16.81 -17.45 -16.39
N GLY A 181 17.41 -16.31 -16.75
CA GLY A 181 17.78 -15.28 -15.79
C GLY A 181 18.59 -15.83 -14.63
N ILE A 182 18.13 -15.53 -13.42
CA ILE A 182 18.84 -15.91 -12.19
CA ILE A 182 18.85 -15.89 -12.21
C ILE A 182 18.92 -17.42 -11.98
N PHE A 183 18.06 -18.16 -12.67
CA PHE A 183 18.08 -19.62 -12.54
C PHE A 183 19.12 -20.32 -13.45
N LYS A 184 19.65 -19.58 -14.44
CA LYS A 184 20.57 -20.18 -15.43
CA LYS A 184 20.59 -20.15 -15.43
CA LYS A 184 20.57 -20.19 -15.42
C LYS A 184 21.83 -20.78 -14.77
N ASN A 185 22.18 -21.98 -15.19
CA ASN A 185 23.37 -22.67 -14.70
C ASN A 185 23.30 -23.05 -13.22
N GLY A 186 22.11 -23.01 -12.64
CA GLY A 186 21.91 -23.50 -11.28
C GLY A 186 22.23 -24.99 -11.26
N TYR A 187 22.59 -25.52 -10.11
CA TYR A 187 23.03 -26.91 -10.01
C TYR A 187 21.85 -27.86 -9.81
N TRP A 188 20.85 -27.75 -10.68
CA TRP A 188 19.54 -28.34 -10.43
C TRP A 188 19.48 -29.87 -10.54
N SER A 189 20.50 -30.47 -11.16
CA SER A 189 20.55 -31.93 -11.25
C SER A 189 21.35 -32.54 -10.09
N ASN A 190 21.90 -31.70 -9.23
CA ASN A 190 22.69 -32.18 -8.09
C ASN A 190 21.77 -32.83 -7.06
N PRO A 191 22.04 -34.12 -6.71
CA PRO A 191 21.19 -34.82 -5.72
C PRO A 191 21.23 -34.22 -4.31
N ALA A 192 22.08 -33.21 -4.11
CA ALA A 192 22.07 -32.43 -2.87
C ALA A 192 20.73 -31.72 -2.61
N TYR A 193 19.95 -31.49 -3.67
CA TYR A 193 18.60 -30.95 -3.55
C TYR A 193 17.62 -32.07 -3.14
N LYS A 194 16.99 -31.90 -1.98
CA LYS A 194 16.23 -32.98 -1.34
C LYS A 194 14.74 -32.74 -1.20
N LEU A 195 14.24 -31.57 -1.59
CA LEU A 195 12.80 -31.34 -1.52
C LEU A 195 12.03 -32.16 -2.55
N SER A 196 10.81 -32.50 -2.20
CA SER A 196 9.84 -32.99 -3.18
C SER A 196 9.48 -31.86 -4.15
N PRO A 197 8.96 -32.17 -5.35
CA PRO A 197 8.46 -31.13 -6.25
C PRO A 197 7.45 -30.21 -5.56
N GLU A 198 6.60 -30.78 -4.72
CA GLU A 198 5.56 -30.04 -4.00
C GLU A 198 6.16 -29.04 -3.03
N ALA A 199 7.18 -29.45 -2.30
CA ALA A 199 7.87 -28.55 -1.37
C ALA A 199 8.64 -27.49 -2.14
N ASP A 200 9.22 -27.85 -3.27
CA ASP A 200 9.87 -26.85 -4.13
C ASP A 200 8.87 -25.82 -4.61
N LEU A 201 7.68 -26.24 -5.01
CA LEU A 201 6.68 -25.30 -5.51
C LEU A 201 6.14 -24.44 -4.39
N MET A 202 5.92 -25.02 -3.22
CA MET A 202 5.49 -24.22 -2.05
C MET A 202 6.56 -23.16 -1.76
N ALA A 203 7.83 -23.54 -1.76
CA ALA A 203 8.90 -22.61 -1.42
C ALA A 203 9.06 -21.52 -2.47
N VAL A 204 8.94 -21.84 -3.75
CA VAL A 204 9.00 -20.82 -4.82
C VAL A 204 7.86 -19.83 -4.66
N THR A 205 6.67 -20.33 -4.36
CA THR A 205 5.51 -19.51 -4.12
C THR A 205 5.81 -18.54 -2.99
N HIS A 206 6.43 -19.03 -1.92
CA HIS A 206 6.72 -18.16 -0.78
C HIS A 206 7.87 -17.19 -1.05
N TYR A 207 8.81 -17.55 -1.91
CA TYR A 207 9.85 -16.62 -2.35
C TYR A 207 9.14 -15.43 -2.97
N LEU A 208 8.15 -15.65 -3.80
CA LEU A 208 7.43 -14.56 -4.44
C LEU A 208 6.60 -13.77 -3.44
N GLU A 209 5.92 -14.45 -2.52
CA GLU A 209 5.15 -13.78 -1.47
C GLU A 209 6.08 -12.92 -0.61
N ALA A 210 7.25 -13.43 -0.28
CA ALA A 210 8.22 -12.68 0.53
C ALA A 210 8.76 -11.46 -0.21
N LEU A 211 8.95 -11.57 -1.52
CA LEU A 211 9.44 -10.43 -2.32
C LEU A 211 8.38 -9.35 -2.29
N ASP A 212 7.11 -9.71 -2.37
CA ASP A 212 6.03 -8.73 -2.26
C ASP A 212 5.91 -8.11 -0.87
N PHE A 213 6.06 -8.93 0.17
CA PHE A 213 5.87 -8.52 1.53
C PHE A 213 7.00 -7.58 2.00
N GLN A 214 8.23 -7.89 1.62
CA GLN A 214 9.38 -7.24 2.27
C GLN A 214 9.38 -5.71 2.15
N LYS A 215 8.82 -5.21 1.05
CA LYS A 215 8.80 -3.74 0.83
C LYS A 215 7.85 -3.05 1.83
N GLU A 216 6.94 -3.80 2.44
CA GLU A 216 6.00 -3.20 3.38
C GLU A 216 6.60 -2.92 4.74
N ILE A 217 7.35 -3.84 5.31
CA ILE A 217 7.76 -3.73 6.68
C ILE A 217 8.72 -2.52 6.84
N VAL A 218 9.54 -2.25 5.82
CA VAL A 218 10.50 -1.13 5.90
C VAL A 218 9.81 0.22 5.85
N LYS A 219 8.52 0.29 5.59
CA LYS A 219 7.80 1.56 5.73
C LYS A 219 7.89 2.06 7.17
N ILE A 220 8.17 1.21 8.16
CA ILE A 220 8.46 1.67 9.51
C ILE A 220 9.75 2.50 9.52
N HIS A 221 10.77 2.09 8.79
CA HIS A 221 11.97 2.92 8.62
C HIS A 221 11.63 4.21 7.90
N ALA A 222 10.78 4.19 6.89
CA ALA A 222 10.44 5.42 6.17
C ALA A 222 9.73 6.37 7.12
N ILE A 223 8.86 5.91 8.00
CA ILE A 223 8.14 6.79 8.92
C ILE A 223 9.10 7.40 9.95
N PHE A 224 9.85 6.59 10.68
CA PHE A 224 10.74 7.12 11.71
C PHE A 224 12.05 7.71 11.17
N GLY A 225 12.50 7.26 10.01
CA GLY A 225 13.84 7.62 9.50
C GLY A 225 13.86 8.17 8.10
N GLY A 226 12.71 8.48 7.54
CA GLY A 226 12.63 9.12 6.24
C GLY A 226 12.65 8.26 5.00
N LYS A 227 13.41 7.17 5.03
CA LYS A 227 13.68 6.36 3.83
CA LYS A 227 13.65 6.35 3.84
C LYS A 227 14.27 5.01 4.22
N ASN A 228 14.07 4.03 3.34
CA ASN A 228 14.78 2.76 3.42
C ASN A 228 15.07 2.31 1.98
N PRO A 229 16.32 1.92 1.68
CA PRO A 229 17.48 1.88 2.58
C PRO A 229 17.95 3.24 3.08
N HIS A 230 18.74 3.13 4.13
CA HIS A 230 19.53 4.24 4.71
C HIS A 230 18.70 5.30 5.41
N PRO A 231 17.96 4.94 6.47
CA PRO A 231 17.17 5.89 7.24
C PRO A 231 18.09 6.83 8.03
N ASN A 232 17.54 7.97 8.43
CA ASN A 232 18.34 8.95 9.16
C ASN A 232 18.36 8.71 10.65
N TYR A 233 19.48 9.06 11.25
CA TYR A 233 19.73 9.00 12.68
C TYR A 233 20.30 10.34 13.11
N MET A 234 20.50 10.51 14.41
CA MET A 234 21.23 11.70 14.90
C MET A 234 21.78 11.43 16.29
N VAL A 235 22.88 12.09 16.62
CA VAL A 235 23.42 12.02 17.95
C VAL A 235 22.49 12.75 18.92
N GLY A 236 22.07 12.06 19.98
CA GLY A 236 21.27 12.66 21.05
C GLY A 236 19.78 12.33 21.01
N GLY A 237 19.32 11.63 19.99
CA GLY A 237 17.91 11.36 19.91
C GLY A 237 17.51 10.79 18.58
N VAL A 238 16.26 11.00 18.20
CA VAL A 238 15.77 10.66 16.85
C VAL A 238 15.17 11.94 16.27
N PRO A 239 15.29 12.14 14.94
CA PRO A 239 14.80 13.40 14.34
C PRO A 239 13.29 13.50 14.19
N CYS A 240 12.61 12.35 14.34
CA CYS A 240 11.17 12.26 14.06
C CYS A 240 10.34 12.76 15.23
N ALA A 241 10.30 14.09 15.37
CA ALA A 241 9.58 14.73 16.47
C ALA A 241 8.09 14.33 16.51
N ILE A 242 7.55 14.26 17.73
CA ILE A 242 6.21 13.75 17.99
C ILE A 242 5.28 14.90 18.36
N ASN A 243 4.11 14.94 17.71
CA ASN A 243 3.08 15.92 18.07
C ASN A 243 1.76 15.27 17.73
N ILE A 244 1.05 14.81 18.76
CA ILE A 244 -0.19 14.08 18.49
C ILE A 244 -1.42 14.96 18.39
N ASP A 245 -1.51 15.97 19.27
CA ASP A 245 -2.72 16.71 19.57
CA ASP A 245 -2.75 16.74 19.23
C ASP A 245 -2.57 18.23 19.47
N GLY A 246 -1.34 18.71 19.24
CA GLY A 246 -1.08 20.16 19.30
C GLY A 246 -1.13 20.84 17.94
N ASP A 247 -0.92 22.15 17.99
CA ASP A 247 -0.83 22.98 16.80
CA ASP A 247 -0.86 22.94 16.77
C ASP A 247 0.10 22.33 15.76
N MET A 248 -0.39 22.23 14.52
CA MET A 248 0.35 21.73 13.35
CA MET A 248 0.43 21.76 13.39
C MET A 248 0.79 20.28 13.44
N ALA A 249 0.07 19.49 14.25
CA ALA A 249 0.36 18.06 14.39
C ALA A 249 0.44 17.34 13.05
N ALA A 250 -0.45 17.67 12.12
CA ALA A 250 -0.46 17.01 10.80
C ALA A 250 0.88 17.15 10.09
N GLY A 251 1.59 18.25 10.37
CA GLY A 251 2.90 18.49 9.77
C GLY A 251 4.10 17.99 10.55
N ALA A 252 3.87 17.37 11.73
CA ALA A 252 4.97 16.80 12.50
C ALA A 252 5.39 15.46 11.91
N PRO A 253 6.67 15.08 12.08
CA PRO A 253 7.04 13.73 11.65
C PRO A 253 6.14 12.61 12.19
N ILE A 254 5.82 12.64 13.48
CA ILE A 254 5.02 11.56 14.10
C ILE A 254 3.78 12.18 14.70
N ASN A 255 2.64 11.78 14.17
CA ASN A 255 1.34 12.22 14.64
C ASN A 255 0.45 10.98 14.75
N MET A 256 -0.84 11.18 15.02
CA MET A 256 -1.74 10.03 15.23
C MET A 256 -1.79 9.13 14.02
N GLU A 257 -1.91 9.71 12.82
CA GLU A 257 -1.98 8.90 11.60
C GLU A 257 -0.71 8.08 11.38
N ARG A 258 0.46 8.66 11.65
CA ARG A 258 1.71 7.95 11.46
C ARG A 258 1.84 6.79 12.46
N LEU A 259 1.39 7.02 13.69
CA LEU A 259 1.37 5.94 14.69
C LEU A 259 0.45 4.80 14.31
N ASN A 260 -0.73 5.13 13.80
CA ASN A 260 -1.64 4.10 13.31
C ASN A 260 -1.02 3.30 12.17
N PHE A 261 -0.25 3.95 11.31
CA PHE A 261 0.43 3.30 10.19
C PHE A 261 1.46 2.32 10.75
N VAL A 262 2.28 2.75 11.71
CA VAL A 262 3.27 1.87 12.30
C VAL A 262 2.61 0.61 12.91
N LYS A 263 1.52 0.81 13.64
CA LYS A 263 0.81 -0.34 14.24
C LYS A 263 0.45 -1.36 13.16
N SER A 264 -0.15 -0.88 12.08
CA SER A 264 -0.55 -1.77 11.00
CA SER A 264 -0.55 -1.74 10.98
C SER A 264 0.63 -2.53 10.42
N LEU A 265 1.75 -1.85 10.23
CA LEU A 265 2.95 -2.46 9.65
C LEU A 265 3.54 -3.53 10.57
N ILE A 266 3.57 -3.26 11.86
CA ILE A 266 4.10 -4.22 12.83
C ILE A 266 3.27 -5.50 12.78
N GLU A 267 1.96 -5.34 12.80
CA GLU A 267 1.10 -6.54 12.80
C GLU A 267 1.26 -7.35 11.52
N GLN A 268 1.41 -6.70 10.39
CA GLN A 268 1.65 -7.40 9.14
C GLN A 268 2.96 -8.20 9.19
N GLY A 269 4.01 -7.64 9.78
CA GLY A 269 5.26 -8.35 9.92
C GLY A 269 5.14 -9.57 10.83
N ARG A 270 4.43 -9.42 11.95
CA ARG A 270 4.25 -10.50 12.88
C ARG A 270 3.55 -11.66 12.20
N THR A 271 2.51 -11.34 11.42
CA THR A 271 1.73 -12.36 10.73
C THR A 271 2.60 -13.07 9.71
N PHE A 272 3.45 -12.38 8.96
CA PHE A 272 4.28 -13.04 7.98
C PHE A 272 5.30 -13.96 8.65
N ASN A 273 5.91 -13.51 9.74
CA ASN A 273 6.87 -14.32 10.49
C ASN A 273 6.23 -15.63 10.90
N THR A 274 5.04 -15.55 11.49
CA THR A 274 4.38 -16.70 12.10
CA THR A 274 4.48 -16.76 12.07
C THR A 274 3.74 -17.60 11.05
N ASN A 275 3.18 -17.01 10.00
CA ASN A 275 2.41 -17.83 9.03
C ASN A 275 3.19 -18.30 7.83
N VAL A 276 4.30 -17.64 7.50
CA VAL A 276 5.04 -18.00 6.30
C VAL A 276 6.48 -18.40 6.63
N TYR A 277 7.24 -17.47 7.21
CA TYR A 277 8.68 -17.66 7.33
C TYR A 277 9.07 -18.79 8.32
N VAL A 278 8.68 -18.67 9.58
CA VAL A 278 9.04 -19.73 10.56
C VAL A 278 8.58 -21.15 10.13
N PRO A 279 7.33 -21.28 9.67
CA PRO A 279 6.89 -22.65 9.26
C PRO A 279 7.70 -23.18 8.09
N ASP A 280 8.09 -22.33 7.15
CA ASP A 280 8.88 -22.79 6.01
C ASP A 280 10.23 -23.30 6.43
N VAL A 281 10.90 -22.59 7.32
CA VAL A 281 12.22 -23.01 7.71
C VAL A 281 12.15 -24.35 8.46
N ILE A 282 11.18 -24.45 9.36
CA ILE A 282 10.96 -25.74 10.05
C ILE A 282 10.68 -26.90 9.07
N ALA A 283 9.81 -26.67 8.09
CA ALA A 283 9.46 -27.73 7.15
C ALA A 283 10.63 -28.07 6.22
N ILE A 284 11.36 -27.06 5.72
CA ILE A 284 12.50 -27.34 4.87
C ILE A 284 13.57 -28.09 5.67
N ALA A 285 13.78 -27.70 6.92
CA ALA A 285 14.70 -28.40 7.82
C ALA A 285 14.33 -29.88 7.93
N ALA A 286 13.04 -30.17 8.07
CA ALA A 286 12.56 -31.56 8.13
C ALA A 286 12.92 -32.36 6.88
N PHE A 287 12.79 -31.77 5.70
CA PHE A 287 13.19 -32.45 4.46
C PHE A 287 14.69 -32.76 4.45
N TYR A 288 15.48 -31.88 5.09
CA TYR A 288 16.92 -32.05 5.20
C TYR A 288 17.38 -32.61 6.54
N ARG A 289 16.49 -33.39 7.19
CA ARG A 289 16.76 -33.93 8.53
C ARG A 289 18.00 -34.81 8.62
N ASP A 290 18.43 -35.38 7.49
CA ASP A 290 19.62 -36.20 7.45
C ASP A 290 20.89 -35.45 7.04
N TRP A 291 20.80 -34.12 6.97
CA TRP A 291 21.94 -33.29 6.57
C TRP A 291 22.22 -32.29 7.69
N LEU A 292 23.05 -32.70 8.66
CA LEU A 292 23.27 -31.96 9.90
C LEU A 292 24.68 -31.39 9.98
N TYR A 293 25.33 -31.28 8.83
CA TYR A 293 26.64 -30.63 8.70
C TYR A 293 26.58 -29.13 8.93
N GLY A 294 27.75 -28.53 9.11
CA GLY A 294 27.91 -27.07 9.11
C GLY A 294 27.95 -26.43 10.46
N GLY A 295 27.98 -27.20 11.54
CA GLY A 295 28.00 -26.65 12.89
C GLY A 295 29.21 -25.78 13.17
N GLY A 296 30.38 -26.22 12.73
CA GLY A 296 31.61 -25.47 12.93
C GLY A 296 31.80 -25.07 14.39
N LEU A 297 32.06 -23.78 14.62
CA LEU A 297 32.32 -23.28 15.96
C LEU A 297 31.09 -23.13 16.84
N SER A 298 29.90 -23.25 16.25
CA SER A 298 28.66 -22.95 17.00
C SER A 298 28.50 -23.89 18.20
N ALA A 299 29.09 -25.07 18.07
CA ALA A 299 29.10 -26.12 19.09
C ALA A 299 29.93 -25.71 20.30
N THR A 300 30.89 -24.80 20.08
CA THR A 300 31.93 -24.62 21.07
C THR A 300 32.06 -23.17 21.54
N ASN A 301 32.23 -22.22 20.62
CA ASN A 301 32.60 -20.84 20.94
C ASN A 301 31.66 -19.86 20.25
N VAL A 302 30.80 -19.21 21.05
CA VAL A 302 29.83 -18.24 20.50
C VAL A 302 29.83 -16.97 21.34
N MET A 303 29.48 -15.84 20.73
CA MET A 303 29.55 -14.56 21.42
C MET A 303 28.54 -13.58 20.85
N ASP A 304 27.96 -12.79 21.73
CA ASP A 304 27.22 -11.57 21.35
C ASP A 304 27.38 -10.54 22.44
N TYR A 305 27.29 -9.25 22.10
CA TYR A 305 27.36 -8.23 23.15
C TYR A 305 26.11 -8.12 24.00
N GLY A 306 24.98 -8.63 23.52
CA GLY A 306 23.74 -8.57 24.28
C GLY A 306 22.95 -7.35 23.86
N ALA A 307 21.62 -7.48 23.78
CA ALA A 307 20.77 -6.40 23.30
C ALA A 307 19.35 -6.43 23.81
N TYR A 308 18.64 -5.32 23.58
CA TYR A 308 17.22 -5.15 23.82
C TYR A 308 16.85 -5.21 25.30
N PRO A 309 17.41 -4.29 26.10
CA PRO A 309 17.11 -4.30 27.53
C PRO A 309 15.69 -3.82 27.76
N LYS A 310 14.93 -4.56 28.56
CA LYS A 310 13.58 -4.12 28.92
C LYS A 310 13.61 -2.79 29.68
N THR A 311 14.70 -2.58 30.42
CA THR A 311 14.97 -1.31 31.10
C THR A 311 16.12 -0.63 30.39
N PRO A 312 15.88 0.56 29.78
CA PRO A 312 16.92 1.27 29.03
C PRO A 312 18.19 1.40 29.86
N TYR A 313 19.34 1.15 29.22
CA TYR A 313 20.66 1.26 29.83
C TYR A 313 20.95 0.25 30.97
N ASP A 314 20.15 -0.81 31.09
CA ASP A 314 20.38 -1.87 32.09
C ASP A 314 20.52 -3.25 31.44
N LYS A 315 21.76 -3.66 31.18
CA LYS A 315 22.03 -4.89 30.40
C LYS A 315 21.57 -6.18 31.06
N SER A 316 21.38 -6.17 32.37
CA SER A 316 20.88 -7.35 33.05
C SER A 316 19.46 -7.69 32.58
N THR A 317 18.82 -6.74 31.89
CA THR A 317 17.47 -6.93 31.35
C THR A 317 17.44 -7.20 29.84
N ASP A 318 18.61 -7.38 29.23
CA ASP A 318 18.70 -7.69 27.81
C ASP A 318 17.82 -8.91 27.45
N GLN A 319 16.95 -8.72 26.47
CA GLN A 319 16.06 -9.79 26.03
C GLN A 319 16.78 -10.78 25.12
N LEU A 320 17.90 -10.35 24.55
CA LEU A 320 18.88 -11.27 23.95
C LEU A 320 20.20 -11.05 24.68
N PRO A 321 20.37 -11.70 25.84
CA PRO A 321 21.54 -11.43 26.68
C PRO A 321 22.83 -11.95 26.04
N GLY A 322 23.90 -11.19 26.21
CA GLY A 322 25.15 -11.58 25.60
C GLY A 322 26.11 -12.31 26.51
N GLY A 323 27.38 -12.26 26.12
CA GLY A 323 28.42 -13.02 26.77
C GLY A 323 29.11 -13.93 25.78
N ALA A 324 30.01 -14.76 26.28
CA ALA A 324 30.71 -15.73 25.43
C ALA A 324 30.63 -17.09 26.08
N ILE A 325 30.27 -18.07 25.26
CA ILE A 325 30.40 -19.48 25.63
C ILE A 325 31.64 -19.99 24.91
N ILE A 326 32.51 -20.68 25.66
CA ILE A 326 33.78 -21.14 25.15
C ILE A 326 33.93 -22.64 25.47
N ASN A 327 34.54 -23.37 24.54
CA ASN A 327 34.83 -24.79 24.70
C ASN A 327 33.58 -25.63 24.95
N GLY A 328 32.45 -25.17 24.41
CA GLY A 328 31.18 -25.89 24.51
C GLY A 328 30.51 -25.95 25.86
N ASP A 329 30.98 -25.15 26.82
CA ASP A 329 30.38 -25.19 28.15
C ASP A 329 29.24 -24.17 28.25
N TRP A 330 28.02 -24.65 28.00
CA TRP A 330 26.87 -23.78 28.03
C TRP A 330 26.49 -23.35 29.45
N GLY A 331 27.09 -24.01 30.45
CA GLY A 331 26.86 -23.67 31.85
C GLY A 331 27.69 -22.51 32.36
N LYS A 332 28.58 -21.99 31.53
CA LYS A 332 29.46 -20.90 31.94
C LYS A 332 29.43 -19.75 30.93
N ILE A 333 28.72 -18.67 31.28
CA ILE A 333 28.64 -17.48 30.44
CA ILE A 333 28.67 -17.51 30.40
C ILE A 333 29.74 -16.52 30.86
N HIS A 334 30.75 -16.35 30.01
CA HIS A 334 31.83 -15.39 30.29
C HIS A 334 31.33 -14.00 29.92
N PRO A 335 31.49 -13.04 30.84
CA PRO A 335 31.05 -11.68 30.53
C PRO A 335 31.94 -11.08 29.43
N VAL A 336 31.33 -10.36 28.50
CA VAL A 336 32.06 -9.71 27.41
C VAL A 336 32.01 -8.21 27.63
N ASP A 337 33.20 -7.60 27.65
CA ASP A 337 33.34 -6.15 27.83
C ASP A 337 34.08 -5.57 26.63
N PRO A 338 33.37 -4.80 25.78
CA PRO A 338 34.01 -4.23 24.59
C PRO A 338 35.06 -3.16 24.92
N ARG A 339 35.15 -2.75 26.19
CA ARG A 339 36.13 -1.72 26.61
CA ARG A 339 36.13 -1.72 26.59
C ARG A 339 37.46 -2.33 27.04
N ASP A 340 37.47 -3.66 27.25
CA ASP A 340 38.64 -4.35 27.81
C ASP A 340 39.67 -4.66 26.72
N PRO A 341 40.88 -4.07 26.81
CA PRO A 341 41.84 -4.28 25.72
C PRO A 341 42.35 -5.71 25.57
N GLU A 342 42.07 -6.57 26.56
CA GLU A 342 42.48 -7.97 26.53
CA GLU A 342 42.49 -7.96 26.51
C GLU A 342 41.41 -8.86 25.93
N GLN A 343 40.25 -8.30 25.61
CA GLN A 343 39.14 -9.09 25.07
C GLN A 343 39.07 -9.04 23.55
N VAL A 344 38.40 -8.02 22.98
CA VAL A 344 38.31 -7.92 21.53
C VAL A 344 39.62 -7.40 20.95
N GLN A 345 40.26 -8.21 20.11
CA GLN A 345 41.48 -7.79 19.43
CA GLN A 345 41.49 -7.81 19.43
C GLN A 345 41.44 -8.24 17.98
N GLU A 346 42.04 -7.44 17.10
CA GLU A 346 42.13 -7.80 15.70
C GLU A 346 43.56 -7.99 15.26
N PHE A 347 43.82 -9.12 14.63
CA PHE A 347 45.11 -9.44 14.04
C PHE A 347 45.02 -9.29 12.53
N VAL A 348 46.18 -9.11 11.90
CA VAL A 348 46.22 -8.94 10.44
C VAL A 348 47.26 -9.84 9.75
N THR A 349 47.79 -10.84 10.44
CA THR A 349 48.87 -11.62 9.80
C THR A 349 48.42 -12.34 8.54
N HIS A 350 47.13 -12.69 8.44
CA HIS A 350 46.60 -13.29 7.21
C HIS A 350 45.65 -12.38 6.45
N SER A 351 45.75 -11.08 6.72
CA SER A 351 44.89 -10.08 6.08
C SER A 351 45.72 -9.06 5.31
N TRP A 352 45.09 -8.44 4.30
CA TRP A 352 45.76 -7.41 3.49
C TRP A 352 45.88 -6.03 4.14
N TYR A 353 46.46 -6.04 5.34
CA TYR A 353 46.77 -4.82 6.10
C TYR A 353 48.14 -4.93 6.71
N LYS A 354 48.64 -3.79 7.17
CA LYS A 354 49.95 -3.68 7.81
C LYS A 354 49.79 -3.12 9.23
N TYR A 355 50.47 -3.74 10.21
CA TYR A 355 50.72 -3.13 11.52
C TYR A 355 52.21 -2.94 11.68
N PRO A 356 52.64 -1.94 12.50
CA PRO A 356 54.06 -1.82 12.80
C PRO A 356 54.60 -3.10 13.46
N ASP A 357 53.79 -3.71 14.32
CA ASP A 357 54.16 -4.97 14.93
C ASP A 357 53.04 -5.96 14.67
N GLU A 358 53.23 -6.80 13.65
CA GLU A 358 52.16 -7.68 13.23
C GLU A 358 51.96 -8.92 14.09
N THR A 359 52.76 -9.07 15.13
CA THR A 359 52.50 -10.09 16.15
C THR A 359 51.33 -9.68 17.04
N LYS A 360 50.99 -8.40 17.02
CA LYS A 360 50.01 -7.85 17.95
C LYS A 360 48.57 -7.97 17.46
N GLY A 361 47.67 -8.29 18.39
CA GLY A 361 46.25 -8.08 18.19
C GLY A 361 45.87 -6.75 18.81
N LEU A 362 45.20 -5.91 18.03
CA LEU A 362 44.90 -4.56 18.52
C LEU A 362 43.45 -4.43 18.94
N HIS A 363 43.23 -3.97 20.17
CA HIS A 363 41.89 -3.60 20.60
C HIS A 363 41.47 -2.40 19.74
N PRO A 364 40.17 -2.28 19.40
CA PRO A 364 39.83 -1.30 18.34
C PRO A 364 40.07 0.17 18.68
N TRP A 365 40.15 0.54 19.96
CA TRP A 365 40.54 1.93 20.25
C TRP A 365 41.97 2.21 19.79
N ASP A 366 42.76 1.17 19.66
CA ASP A 366 44.12 1.21 19.16
C ASP A 366 44.26 0.69 17.73
N GLY A 367 43.13 0.45 17.06
CA GLY A 367 43.17 -0.19 15.74
C GLY A 367 43.83 0.66 14.68
N ILE A 368 44.34 -0.02 13.65
CA ILE A 368 45.08 0.59 12.56
C ILE A 368 44.55 -0.06 11.28
N THR A 369 44.23 0.75 10.29
CA THR A 369 43.77 0.27 8.99
C THR A 369 44.64 0.86 7.88
N GLU A 370 45.68 0.11 7.54
CA GLU A 370 46.65 0.50 6.53
C GLU A 370 46.71 -0.63 5.51
N PRO A 371 46.23 -0.37 4.27
CA PRO A 371 46.13 -1.49 3.33
C PRO A 371 47.47 -2.05 2.90
N ASN A 372 47.50 -3.36 2.69
CA ASN A 372 48.70 -4.04 2.25
C ASN A 372 48.30 -5.24 1.39
N TYR A 373 47.87 -4.96 0.16
CA TYR A 373 47.49 -6.03 -0.76
C TYR A 373 48.77 -6.69 -1.27
N GLU A 374 48.98 -7.94 -0.88
CA GLU A 374 50.24 -8.63 -1.13
C GLU A 374 49.91 -10.11 -1.11
N LEU A 375 50.26 -10.79 -2.19
CA LEU A 375 49.96 -12.23 -2.30
C LEU A 375 51.16 -13.06 -1.88
N GLY A 376 50.88 -14.22 -1.28
CA GLY A 376 51.95 -15.11 -0.83
C GLY A 376 52.71 -15.69 -2.01
N SER A 377 53.96 -16.06 -1.76
CA SER A 377 54.81 -16.54 -2.83
CA SER A 377 54.83 -16.57 -2.81
C SER A 377 54.41 -17.93 -3.37
N LYS A 378 53.46 -18.58 -2.70
CA LYS A 378 52.92 -19.87 -3.18
C LYS A 378 51.62 -19.71 -3.97
N THR A 379 51.23 -18.46 -4.23
CA THR A 379 50.04 -18.18 -5.04
C THR A 379 50.18 -18.81 -6.43
N LYS A 380 49.11 -19.47 -6.89
CA LYS A 380 49.00 -19.84 -8.30
CA LYS A 380 49.00 -19.84 -8.30
C LYS A 380 48.30 -18.68 -9.01
N GLY A 381 48.98 -18.12 -10.01
CA GLY A 381 48.49 -16.94 -10.72
C GLY A 381 49.38 -15.73 -10.52
N SER A 382 48.81 -14.55 -10.68
CA SER A 382 49.56 -13.31 -10.55
C SER A 382 48.80 -12.30 -9.68
N ARG A 383 49.41 -11.14 -9.47
CA ARG A 383 48.83 -10.11 -8.60
C ARG A 383 47.42 -9.68 -9.02
N THR A 384 47.16 -9.68 -10.31
CA THR A 384 45.84 -9.29 -10.81
C THR A 384 45.10 -10.46 -11.44
N ASN A 385 45.57 -11.67 -11.15
CA ASN A 385 44.90 -12.87 -11.64
C ASN A 385 45.15 -14.04 -10.69
N ILE A 386 44.33 -14.12 -9.65
CA ILE A 386 44.49 -15.16 -8.64
C ILE A 386 43.80 -16.44 -9.12
N ILE A 387 44.59 -17.50 -9.31
CA ILE A 387 44.05 -18.81 -9.70
C ILE A 387 43.78 -19.65 -8.46
N GLU A 388 44.79 -19.76 -7.59
CA GLU A 388 44.61 -20.38 -6.26
C GLU A 388 45.35 -19.54 -5.23
N ILE A 389 44.59 -19.00 -4.29
CA ILE A 389 45.16 -18.09 -3.30
C ILE A 389 46.06 -18.85 -2.32
N ASP A 390 47.08 -18.18 -1.80
CA ASP A 390 48.01 -18.77 -0.86
C ASP A 390 47.59 -18.43 0.58
N GLU A 391 46.86 -19.34 1.20
CA GLU A 391 46.33 -19.11 2.53
C GLU A 391 47.38 -19.22 3.65
N SER A 392 48.62 -19.55 3.30
CA SER A 392 49.70 -19.53 4.29
C SER A 392 50.17 -18.09 4.52
N ALA A 393 49.73 -17.15 3.69
CA ALA A 393 50.16 -15.75 3.80
C ALA A 393 48.91 -14.85 3.94
N LYS A 394 48.95 -13.64 3.38
CA LYS A 394 47.79 -12.75 3.50
C LYS A 394 46.77 -13.08 2.42
N TYR A 395 45.53 -13.34 2.83
CA TYR A 395 44.53 -13.85 1.88
C TYR A 395 43.14 -13.27 1.95
N SER A 396 43.00 -12.12 2.57
CA SER A 396 41.67 -11.56 2.74
C SER A 396 41.72 -10.07 3.09
N TRP A 397 40.68 -9.35 2.66
CA TRP A 397 40.46 -7.98 3.14
C TRP A 397 39.77 -7.95 4.51
N ILE A 398 39.44 -9.11 5.06
CA ILE A 398 38.82 -9.17 6.39
C ILE A 398 39.91 -9.33 7.45
N LYS A 399 39.92 -8.45 8.48
CA LYS A 399 40.81 -8.62 9.63
C LYS A 399 40.41 -9.88 10.44
N SER A 400 41.26 -10.29 11.38
CA SER A 400 40.95 -11.46 12.22
C SER A 400 40.63 -11.05 13.65
N PRO A 401 39.34 -10.86 13.99
CA PRO A 401 39.00 -10.57 15.38
C PRO A 401 38.97 -11.85 16.21
N ARG A 402 39.46 -11.75 17.44
CA ARG A 402 39.42 -12.83 18.43
C ARG A 402 38.97 -12.23 19.75
N TRP A 403 38.44 -13.08 20.61
CA TRP A 403 37.96 -12.67 21.92
C TRP A 403 38.80 -13.43 22.92
N ARG A 404 39.65 -12.72 23.66
CA ARG A 404 40.62 -13.36 24.54
C ARG A 404 41.40 -14.45 23.80
N GLY A 405 41.70 -14.19 22.54
CA GLY A 405 42.48 -15.13 21.72
C GLY A 405 41.67 -16.27 21.11
N HIS A 406 40.38 -16.37 21.44
CA HIS A 406 39.50 -17.42 20.91
C HIS A 406 38.81 -16.99 19.62
N ALA A 407 38.74 -17.89 18.65
CA ALA A 407 37.88 -17.67 17.50
C ALA A 407 36.44 -18.06 17.89
N VAL A 408 35.48 -17.20 17.57
CA VAL A 408 34.08 -17.41 17.94
C VAL A 408 33.15 -17.24 16.75
N GLU A 409 31.98 -17.86 16.84
CA GLU A 409 30.90 -17.62 15.90
C GLU A 409 29.95 -16.58 16.50
N VAL A 410 29.47 -15.70 15.64
CA VAL A 410 28.47 -14.70 16.03
C VAL A 410 27.24 -14.84 15.11
N GLY A 411 26.11 -14.32 15.55
CA GLY A 411 24.90 -14.32 14.74
C GLY A 411 23.67 -14.76 15.50
N PRO A 412 22.51 -14.81 14.83
CA PRO A 412 21.30 -15.28 15.53
C PRO A 412 21.48 -16.60 16.28
N LEU A 413 22.18 -17.57 15.70
CA LEU A 413 22.41 -18.84 16.39
C LEU A 413 23.21 -18.62 17.68
N ALA A 414 24.28 -17.82 17.61
CA ALA A 414 25.04 -17.50 18.81
C ALA A 414 24.13 -16.87 19.87
N ARG A 415 23.31 -15.89 19.46
CA ARG A 415 22.38 -15.26 20.41
C ARG A 415 21.38 -16.27 20.99
N TYR A 416 20.89 -17.20 20.17
CA TYR A 416 19.92 -18.17 20.62
C TYR A 416 20.50 -19.15 21.63
N ILE A 417 21.73 -19.60 21.38
CA ILE A 417 22.46 -20.39 22.35
C ILE A 417 22.67 -19.64 23.68
N LEU A 418 23.14 -18.41 23.57
CA LEU A 418 23.37 -17.60 24.76
C LEU A 418 22.09 -17.33 25.53
N ALA A 419 21.00 -17.07 24.82
CA ALA A 419 19.72 -16.80 25.50
C ALA A 419 19.14 -18.06 26.11
N TYR A 420 19.20 -19.18 25.39
CA TYR A 420 18.76 -20.45 25.94
C TYR A 420 19.53 -20.78 27.22
N ALA A 421 20.86 -20.67 27.14
CA ALA A 421 21.74 -20.98 28.27
C ALA A 421 21.52 -20.07 29.47
N GLN A 422 21.03 -18.85 29.22
CA GLN A 422 20.74 -17.91 30.31
C GLN A 422 19.29 -17.87 30.75
N GLY A 423 18.49 -18.84 30.28
CA GLY A 423 17.13 -19.02 30.78
C GLY A 423 16.12 -17.99 30.31
N VAL A 424 16.33 -17.44 29.12
CA VAL A 424 15.32 -16.58 28.52
C VAL A 424 14.14 -17.45 28.09
N GLU A 425 13.04 -17.33 28.82
CA GLU A 425 11.91 -18.24 28.62
C GLU A 425 11.28 -18.15 27.23
N TYR A 426 11.20 -16.95 26.67
CA TYR A 426 10.65 -16.81 25.33
C TYR A 426 11.44 -17.67 24.33
N VAL A 427 12.76 -17.61 24.43
CA VAL A 427 13.64 -18.33 23.53
C VAL A 427 13.58 -19.83 23.80
N LYS A 428 13.61 -20.21 25.07
CA LYS A 428 13.50 -21.64 25.40
C LYS A 428 12.22 -22.25 24.85
N THR A 429 11.11 -21.52 24.96
CA THR A 429 9.85 -21.95 24.40
C THR A 429 9.90 -22.05 22.88
N GLN A 430 10.46 -21.05 22.20
CA GLN A 430 10.63 -21.13 20.76
C GLN A 430 11.45 -22.33 20.34
N VAL A 431 12.54 -22.59 21.05
CA VAL A 431 13.47 -23.65 20.67
C VAL A 431 12.77 -25.02 20.85
N HIS A 432 12.12 -25.21 21.99
CA HIS A 432 11.46 -26.48 22.24
CA HIS A 432 11.42 -26.47 22.29
C HIS A 432 10.24 -26.68 21.35
N THR A 433 9.45 -25.65 21.11
CA THR A 433 8.33 -25.81 20.20
CA THR A 433 8.32 -25.70 20.19
C THR A 433 8.79 -26.02 18.77
N SER A 434 9.87 -25.38 18.35
CA SER A 434 10.40 -25.60 17.01
CA SER A 434 10.38 -25.59 17.00
C SER A 434 10.94 -27.00 16.80
N LEU A 435 11.60 -27.53 17.83
CA LEU A 435 12.07 -28.92 17.79
C LEU A 435 10.88 -29.87 17.70
N ASN A 436 9.85 -29.62 18.50
CA ASN A 436 8.64 -30.46 18.43
C ASN A 436 8.00 -30.39 17.05
N ARG A 437 7.93 -29.20 16.46
CA ARG A 437 7.33 -29.04 15.13
C ARG A 437 8.19 -29.70 14.06
N PHE A 438 9.51 -29.54 14.19
CA PHE A 438 10.48 -30.18 13.28
C PHE A 438 10.25 -31.69 13.30
N ASN A 439 10.20 -32.23 14.50
CA ASN A 439 9.98 -33.69 14.67
C ASN A 439 8.63 -34.13 14.09
N ALA A 440 7.59 -33.31 14.27
CA ALA A 440 6.29 -33.59 13.67
C ALA A 440 6.32 -33.60 12.14
N VAL A 441 6.96 -32.62 11.52
CA VAL A 441 7.05 -32.63 10.07
C VAL A 441 7.95 -33.78 9.59
N CYS A 442 9.04 -34.06 10.31
CA CYS A 442 9.86 -35.24 9.98
C CYS A 442 9.02 -36.52 9.93
N ARG A 443 8.11 -36.67 10.90
CA ARG A 443 7.27 -37.87 10.99
C ARG A 443 6.25 -37.92 9.86
N LEU A 444 5.78 -36.78 9.38
CA LEU A 444 4.95 -36.70 8.18
CA LEU A 444 4.94 -36.69 8.19
C LEU A 444 5.69 -37.25 6.98
N LEU A 445 6.99 -36.96 6.90
CA LEU A 445 7.82 -37.37 5.79
C LEU A 445 8.34 -38.79 5.95
N ASP A 446 8.63 -39.17 7.19
CA ASP A 446 9.14 -40.49 7.51
C ASP A 446 8.36 -40.96 8.71
N PRO A 447 7.39 -41.88 8.48
CA PRO A 447 6.51 -42.28 9.57
C PRO A 447 7.24 -43.07 10.66
N ASN A 448 8.47 -43.50 10.36
CA ASN A 448 9.32 -44.21 11.31
C ASN A 448 10.36 -43.33 11.99
N HIS A 449 10.20 -42.02 11.83
CA HIS A 449 11.10 -41.03 12.41
C HIS A 449 11.26 -41.19 13.90
N LYS A 450 12.50 -41.16 14.36
CA LYS A 450 12.80 -41.12 15.78
C LYS A 450 13.13 -39.69 16.13
N ASP A 451 12.46 -39.15 17.15
CA ASP A 451 12.59 -37.75 17.52
C ASP A 451 14.02 -37.38 17.80
N ILE A 452 14.42 -36.21 17.31
CA ILE A 452 15.68 -35.63 17.71
C ILE A 452 15.45 -35.02 19.08
N THR A 453 16.42 -35.24 19.98
CA THR A 453 16.34 -34.77 21.35
C THR A 453 17.57 -33.95 21.74
N ASP A 454 18.68 -34.18 21.01
CA ASP A 454 19.99 -33.54 21.28
C ASP A 454 20.05 -32.10 20.78
N LEU A 455 19.86 -31.16 21.69
CA LEU A 455 19.78 -29.73 21.33
C LEU A 455 21.06 -29.15 20.73
N LYS A 456 22.22 -29.57 21.23
CA LYS A 456 23.50 -29.17 20.66
C LYS A 456 23.70 -29.65 19.22
N ALA A 457 23.29 -30.89 18.92
CA ALA A 457 23.42 -31.41 17.57
C ALA A 457 22.47 -30.69 16.62
N PHE A 458 21.27 -30.38 17.13
CA PHE A 458 20.19 -29.79 16.36
C PHE A 458 20.50 -28.34 16.06
N LEU A 459 20.81 -27.59 17.11
CA LEU A 459 21.12 -26.18 16.92
C LEU A 459 22.48 -25.99 16.24
N GLY A 460 23.44 -26.85 16.57
CA GLY A 460 24.82 -26.68 16.11
C GLY A 460 25.01 -27.29 14.74
N SER A 461 24.36 -26.68 13.74
CA SER A 461 24.37 -27.18 12.37
C SER A 461 23.95 -26.04 11.44
N THR A 462 24.20 -26.21 10.15
CA THR A 462 23.65 -25.29 9.15
C THR A 462 22.13 -25.12 9.26
N ILE A 463 21.40 -26.23 9.43
CA ILE A 463 19.97 -26.15 9.68
C ILE A 463 19.66 -25.31 10.92
N GLY A 464 20.35 -25.58 12.03
CA GLY A 464 20.13 -24.86 13.27
C GLY A 464 20.38 -23.36 13.12
N ARG A 465 21.43 -23.03 12.38
CA ARG A 465 21.81 -21.62 12.18
C ARG A 465 20.68 -20.92 11.40
N THR A 466 20.11 -21.62 10.43
CA THR A 466 19.04 -21.10 9.59
C THR A 466 17.77 -20.92 10.42
N LEU A 467 17.47 -21.91 11.23
CA LEU A 467 16.32 -21.86 12.11
C LEU A 467 16.41 -20.72 13.14
N ALA A 468 17.58 -20.57 13.76
CA ALA A 468 17.74 -19.52 14.75
C ALA A 468 17.43 -18.14 14.16
N ARG A 469 17.86 -17.91 12.92
CA ARG A 469 17.57 -16.65 12.23
C ARG A 469 16.06 -16.41 12.13
N ALA A 470 15.31 -17.46 11.75
CA ALA A 470 13.88 -17.30 11.60
C ALA A 470 13.21 -17.07 12.95
N LEU A 471 13.63 -17.83 13.96
CA LEU A 471 13.07 -17.65 15.29
C LEU A 471 13.36 -16.22 15.78
N GLU A 472 14.56 -15.72 15.52
CA GLU A 472 14.92 -14.36 15.96
C GLU A 472 14.01 -13.33 15.30
N SER A 473 13.69 -13.52 14.02
CA SER A 473 12.73 -12.66 13.34
C SER A 473 11.40 -12.59 14.06
N GLU A 474 10.84 -13.76 14.40
CA GLU A 474 9.59 -13.80 15.13
CA GLU A 474 9.59 -13.82 15.13
C GLU A 474 9.69 -13.08 16.48
N TYR A 475 10.76 -13.35 17.23
CA TYR A 475 10.99 -12.71 18.53
C TYR A 475 11.03 -11.18 18.39
N CYS A 476 11.74 -10.69 17.36
CA CYS A 476 11.83 -9.27 17.10
C CYS A 476 10.47 -8.66 16.79
N GLY A 477 9.60 -9.36 16.09
CA GLY A 477 8.27 -8.84 15.83
C GLY A 477 7.47 -8.68 17.11
N ASP A 478 7.55 -9.67 18.00
CA ASP A 478 6.86 -9.57 19.29
C ASP A 478 7.46 -8.44 20.14
N MET A 479 8.79 -8.38 20.19
CA MET A 479 9.43 -7.29 20.92
C MET A 479 9.08 -5.90 20.37
N MET A 480 9.00 -5.78 19.04
CA MET A 480 8.69 -4.48 18.41
CA MET A 480 8.73 -4.46 18.49
C MET A 480 7.28 -4.01 18.79
N LEU A 481 6.33 -4.95 18.85
CA LEU A 481 5.01 -4.58 19.30
C LEU A 481 5.03 -4.11 20.73
N ASP A 482 5.81 -4.77 21.60
CA ASP A 482 5.94 -4.31 22.97
C ASP A 482 6.52 -2.89 22.99
N ASP A 483 7.53 -2.64 22.15
CA ASP A 483 8.16 -1.30 22.10
C ASP A 483 7.16 -0.26 21.65
N PHE A 484 6.36 -0.58 20.65
CA PHE A 484 5.34 0.32 20.17
C PHE A 484 4.34 0.64 21.26
N ASN A 485 3.87 -0.39 21.97
CA ASN A 485 2.93 -0.17 23.06
C ASN A 485 3.55 0.71 24.15
N GLN A 486 4.84 0.53 24.39
CA GLN A 486 5.54 1.37 25.37
C GLN A 486 5.64 2.81 24.88
N LEU A 487 5.87 3.00 23.58
CA LEU A 487 5.92 4.35 22.99
C LEU A 487 4.57 5.05 23.18
N ILE A 488 3.47 4.36 22.89
CA ILE A 488 2.15 4.94 23.06
C ILE A 488 1.92 5.28 24.53
N SER A 489 2.32 4.37 25.43
CA SER A 489 2.15 4.61 26.86
CA SER A 489 2.17 4.61 26.87
C SER A 489 2.92 5.87 27.30
N ASN A 490 4.15 6.02 26.82
CA ASN A 490 4.97 7.19 27.18
C ASN A 490 4.26 8.46 26.74
N ILE A 491 3.79 8.46 25.50
CA ILE A 491 3.06 9.62 24.98
C ILE A 491 1.81 9.90 25.80
N LYS A 492 1.06 8.86 26.12
CA LYS A 492 -0.14 8.99 26.92
C LYS A 492 0.16 9.58 28.29
N ASN A 493 1.30 9.21 28.86
CA ASN A 493 1.76 9.71 30.15
C ASN A 493 2.44 11.07 30.08
N GLY A 494 2.39 11.71 28.92
CA GLY A 494 2.83 13.10 28.77
C GLY A 494 4.20 13.28 28.19
N ASP A 495 4.89 12.20 27.82
CA ASP A 495 6.22 12.28 27.27
C ASP A 495 6.25 12.06 25.76
N SER A 496 6.30 13.16 25.01
CA SER A 496 6.49 13.10 23.57
C SER A 496 7.92 13.47 23.16
N SER A 497 8.85 13.56 24.11
CA SER A 497 10.21 14.03 23.80
C SER A 497 11.01 13.01 22.99
N THR A 498 11.87 13.52 22.08
CA THR A 498 12.64 12.67 21.18
C THR A 498 14.14 12.97 21.10
N ALA A 499 14.59 14.13 21.62
CA ALA A 499 16.00 14.45 21.52
C ALA A 499 16.51 15.23 22.72
N ASN A 500 17.74 14.92 23.09
CA ASN A 500 18.55 15.62 24.10
CA ASN A 500 18.47 15.72 24.05
C ASN A 500 19.63 16.41 23.36
N THR A 501 19.68 17.73 23.54
CA THR A 501 20.63 18.56 22.80
C THR A 501 21.69 19.22 23.67
N ASP A 502 21.75 18.87 24.95
CA ASP A 502 22.72 19.41 25.92
CA ASP A 502 22.69 19.63 25.76
C ASP A 502 24.17 19.36 25.41
N LYS A 503 24.47 18.29 24.67
CA LYS A 503 25.84 18.04 24.21
C LYS A 503 25.95 18.08 22.68
N TRP A 504 25.00 18.76 22.03
CA TRP A 504 25.05 18.88 20.57
C TRP A 504 26.26 19.69 20.10
N ASP A 505 26.57 20.78 20.81
CA ASP A 505 27.65 21.62 20.38
C ASP A 505 29.00 21.12 20.89
N PRO A 506 30.01 21.04 19.98
CA PRO A 506 31.34 20.55 20.36
C PRO A 506 32.02 21.32 21.49
N SER A 507 31.61 22.56 21.75
CA SER A 507 32.14 23.31 22.88
C SER A 507 31.80 22.66 24.22
N SER A 508 30.78 21.78 24.23
CA SER A 508 30.37 21.07 25.45
C SER A 508 31.14 19.76 25.65
N TRP A 509 31.97 19.38 24.68
CA TRP A 509 32.67 18.09 24.73
C TRP A 509 34.00 18.20 25.45
N PRO A 510 34.48 17.07 26.03
CA PRO A 510 35.86 17.08 26.53
C PRO A 510 36.83 17.11 25.36
N GLU A 511 38.03 17.64 25.61
CA GLU A 511 39.07 17.69 24.58
C GLU A 511 39.42 16.31 24.04
N HIS A 512 39.35 15.30 24.90
CA HIS A 512 39.70 13.93 24.52
C HIS A 512 38.60 13.07 25.07
N ALA A 513 38.05 12.21 24.22
CA ALA A 513 37.05 11.24 24.67
C ALA A 513 37.10 9.99 23.81
N LYS A 514 36.68 8.87 24.39
CA LYS A 514 36.56 7.64 23.60
C LYS A 514 35.27 6.94 23.99
N GLY A 515 34.69 6.25 23.02
CA GLY A 515 33.41 5.62 23.25
C GLY A 515 33.29 4.35 22.43
N VAL A 516 32.36 3.50 22.83
CA VAL A 516 32.04 2.29 22.07
C VAL A 516 30.53 2.13 22.03
N GLY A 517 30.02 1.78 20.85
CA GLY A 517 28.60 1.49 20.67
C GLY A 517 28.46 0.07 20.16
N THR A 518 27.55 -0.70 20.76
CA THR A 518 27.31 -2.08 20.33
C THR A 518 25.89 -2.22 19.83
N VAL A 519 25.70 -3.21 18.96
CA VAL A 519 24.40 -3.48 18.37
C VAL A 519 24.31 -5.00 18.18
N ALA A 520 23.13 -5.56 18.46
CA ALA A 520 22.83 -6.94 18.01
C ALA A 520 22.37 -6.82 16.56
N ALA A 521 23.33 -6.72 15.64
CA ALA A 521 22.99 -6.55 14.23
C ALA A 521 22.44 -7.88 13.69
N PRO A 522 21.73 -7.83 12.54
CA PRO A 522 21.16 -9.09 12.02
C PRO A 522 22.15 -10.24 11.91
N ARG A 523 23.44 -10.00 11.67
CA ARG A 523 24.39 -11.11 11.48
C ARG A 523 25.24 -11.42 12.71
N GLY A 524 24.99 -10.70 13.81
CA GLY A 524 25.71 -10.96 15.04
C GLY A 524 26.23 -9.70 15.74
N ALA A 525 27.39 -9.84 16.38
CA ALA A 525 27.90 -8.81 17.29
C ALA A 525 28.57 -7.67 16.52
N LEU A 526 27.97 -6.48 16.56
CA LEU A 526 28.53 -5.29 15.89
C LEU A 526 28.96 -4.28 16.96
N ALA A 527 30.14 -3.69 16.79
CA ALA A 527 30.53 -2.55 17.62
C ALA A 527 31.38 -1.61 16.81
N HIS A 528 31.25 -0.32 17.17
CA HIS A 528 32.10 0.77 16.66
C HIS A 528 32.82 1.40 17.84
N TRP A 529 34.11 1.65 17.66
CA TRP A 529 34.94 2.29 18.66
C TRP A 529 35.47 3.62 18.12
N ILE A 530 35.17 4.70 18.82
CA ILE A 530 35.58 6.04 18.40
C ILE A 530 36.52 6.67 19.42
N VAL A 531 37.52 7.38 18.91
CA VAL A 531 38.36 8.25 19.72
C VAL A 531 38.20 9.65 19.14
N ILE A 532 37.78 10.58 20.01
CA ILE A 532 37.55 11.98 19.64
C ILE A 532 38.65 12.84 20.22
N GLU A 533 39.17 13.74 19.39
CA GLU A 533 40.14 14.72 19.85
C GLU A 533 39.80 16.11 19.30
N LYS A 534 39.60 17.07 20.20
CA LYS A 534 39.36 18.47 19.80
C LYS A 534 38.25 18.59 18.75
N GLY A 535 37.15 17.88 18.99
CA GLY A 535 35.96 17.97 18.15
C GLY A 535 35.98 17.11 16.90
N LYS A 536 37.05 16.36 16.69
CA LYS A 536 37.23 15.60 15.45
CA LYS A 536 37.24 15.60 15.45
C LYS A 536 37.49 14.13 15.72
N ILE A 537 37.25 13.33 14.70
CA ILE A 537 37.48 11.87 14.78
C ILE A 537 38.98 11.59 14.66
N LYS A 538 39.59 11.11 15.75
CA LYS A 538 41.00 10.72 15.76
C LYS A 538 41.18 9.26 15.29
N ASN A 539 40.30 8.37 15.74
CA ASN A 539 40.29 6.98 15.26
C ASN A 539 38.85 6.55 15.28
N TYR A 540 38.51 5.75 14.30
CA TYR A 540 37.18 5.15 14.25
C TYR A 540 37.39 3.76 13.69
N GLN A 541 37.07 2.76 14.51
CA GLN A 541 37.31 1.36 14.16
C GLN A 541 36.05 0.54 14.31
N CYS A 542 35.68 -0.16 13.24
CA CYS A 542 34.51 -1.05 13.24
C CYS A 542 34.95 -2.50 13.26
N VAL A 543 34.30 -3.29 14.12
CA VAL A 543 34.44 -4.76 14.06
C VAL A 543 33.01 -5.26 13.92
N VAL A 544 32.75 -5.92 12.80
CA VAL A 544 31.36 -6.21 12.43
CA VAL A 544 31.41 -6.18 12.30
C VAL A 544 31.14 -7.72 12.39
N PRO A 545 29.86 -8.14 12.43
CA PRO A 545 29.62 -9.60 12.58
C PRO A 545 30.32 -10.48 11.56
N THR A 546 30.28 -10.08 10.30
CA THR A 546 30.92 -10.89 9.27
C THR A 546 32.45 -10.82 9.34
N THR A 547 32.98 -9.76 9.97
CA THR A 547 34.40 -9.73 10.28
C THR A 547 34.76 -10.92 11.19
N TRP A 548 33.96 -11.11 12.24
CA TRP A 548 34.15 -12.29 13.10
C TRP A 548 33.99 -13.59 12.30
N ASN A 549 32.85 -13.75 11.65
CA ASN A 549 32.53 -15.10 11.07
C ASN A 549 33.43 -15.41 9.89
N GLY A 550 33.69 -14.39 9.07
CA GLY A 550 34.46 -14.57 7.83
C GLY A 550 35.97 -14.44 7.96
N SER A 551 36.43 -14.20 9.18
CA SER A 551 37.83 -14.02 9.56
CA SER A 551 37.84 -13.94 9.43
C SER A 551 38.80 -15.02 8.92
N PRO A 552 39.97 -14.58 8.46
CA PRO A 552 41.02 -15.51 8.10
C PRO A 552 41.74 -15.98 9.40
N ARG A 553 42.74 -16.83 9.23
CA ARG A 553 43.44 -17.42 10.35
C ARG A 553 44.20 -16.35 11.15
N ASP A 554 44.46 -16.65 12.42
CA ASP A 554 45.21 -15.76 13.31
C ASP A 554 46.67 -16.25 13.43
N PRO A 555 47.52 -15.55 14.21
CA PRO A 555 48.92 -15.94 14.25
C PRO A 555 49.17 -17.34 14.79
N LYS A 556 48.26 -17.84 15.63
CA LYS A 556 48.34 -19.18 16.22
CA LYS A 556 48.44 -19.19 16.17
C LYS A 556 47.79 -20.26 15.30
N GLY A 557 47.09 -19.84 14.24
CA GLY A 557 46.50 -20.77 13.29
C GLY A 557 45.05 -21.15 13.56
N ASN A 558 44.40 -20.52 14.53
CA ASN A 558 42.98 -20.76 14.73
C ASN A 558 42.19 -20.31 13.50
N ILE A 559 41.25 -21.15 13.08
CA ILE A 559 40.36 -20.84 11.97
C ILE A 559 39.08 -20.20 12.49
N GLY A 560 38.52 -19.29 11.68
CA GLY A 560 37.28 -18.61 12.00
C GLY A 560 36.04 -19.43 11.64
N ALA A 561 34.86 -18.84 11.91
CA ALA A 561 33.60 -19.59 11.80
C ALA A 561 33.28 -20.11 10.41
N PHE A 562 33.47 -19.34 9.35
CA PHE A 562 33.18 -19.84 8.00
C PHE A 562 34.07 -21.04 7.69
N GLU A 563 35.37 -20.91 7.92
CA GLU A 563 36.29 -22.00 7.54
C GLU A 563 35.96 -23.26 8.35
N ALA A 564 35.71 -23.09 9.64
CA ALA A 564 35.32 -24.23 10.53
C ALA A 564 34.06 -24.94 10.05
N SER A 565 33.07 -24.17 9.59
CA SER A 565 31.76 -24.73 9.25
C SER A 565 31.82 -25.64 8.05
N LEU A 566 32.81 -25.47 7.17
CA LEU A 566 32.92 -26.28 5.96
C LEU A 566 33.69 -27.57 6.18
N MET A 567 34.57 -27.59 7.18
CA MET A 567 35.44 -28.73 7.46
C MET A 567 34.62 -30.01 7.71
N GLY A 568 34.98 -31.08 7.01
CA GLY A 568 34.36 -32.39 7.24
C GLY A 568 33.07 -32.57 6.48
N THR A 569 32.69 -31.62 5.63
CA THR A 569 31.45 -31.76 4.86
C THR A 569 31.65 -32.55 3.57
N PRO A 570 30.86 -33.62 3.37
CA PRO A 570 30.94 -34.28 2.07
C PRO A 570 30.18 -33.51 0.99
N MET A 571 30.70 -33.58 -0.23
CA MET A 571 30.05 -32.94 -1.36
C MET A 571 29.64 -34.00 -2.36
N GLU A 572 28.40 -33.92 -2.85
CA GLU A 572 27.94 -34.84 -3.89
C GLU A 572 28.80 -34.64 -5.12
N ARG A 573 29.01 -33.38 -5.47
CA ARG A 573 29.75 -32.99 -6.66
C ARG A 573 30.60 -31.77 -6.33
N PRO A 574 31.90 -31.99 -6.04
CA PRO A 574 32.71 -30.84 -5.63
C PRO A 574 32.69 -29.65 -6.59
N ASP A 575 32.52 -29.90 -7.89
CA ASP A 575 32.50 -28.83 -8.88
CA ASP A 575 32.49 -28.83 -8.89
C ASP A 575 31.12 -28.16 -9.01
N GLU A 576 30.13 -28.66 -8.26
CA GLU A 576 28.80 -28.05 -8.16
C GLU A 576 28.52 -27.87 -6.67
N PRO A 577 29.16 -26.88 -6.04
CA PRO A 577 29.35 -26.87 -4.58
C PRO A 577 28.15 -26.40 -3.75
N VAL A 578 27.00 -27.04 -3.97
CA VAL A 578 25.77 -26.69 -3.27
C VAL A 578 25.94 -26.69 -1.75
N GLU A 579 26.66 -27.67 -1.21
CA GLU A 579 26.84 -27.80 0.24
C GLU A 579 27.64 -26.62 0.81
N VAL A 580 28.66 -26.18 0.07
CA VAL A 580 29.48 -25.05 0.51
C VAL A 580 28.62 -23.79 0.53
N LEU A 581 27.85 -23.57 -0.54
CA LEU A 581 26.99 -22.40 -0.59
C LEU A 581 25.93 -22.45 0.50
N ARG A 582 25.31 -23.60 0.71
CA ARG A 582 24.28 -23.72 1.73
C ARG A 582 24.80 -23.36 3.11
N THR A 583 26.00 -23.84 3.45
CA THR A 583 26.59 -23.55 4.75
C THR A 583 27.09 -22.13 4.85
N LEU A 584 27.85 -21.66 3.87
CA LEU A 584 28.27 -20.24 3.92
C LEU A 584 27.07 -19.33 4.01
N HIS A 585 26.06 -19.56 3.17
CA HIS A 585 24.89 -18.72 3.18
C HIS A 585 24.16 -18.72 4.51
N SER A 586 24.27 -19.80 5.29
CA SER A 586 23.59 -19.87 6.57
C SER A 586 24.11 -18.87 7.60
N PHE A 587 25.33 -18.35 7.37
CA PHE A 587 25.88 -17.25 8.17
C PHE A 587 25.38 -15.91 7.67
N ASP A 588 24.70 -15.88 6.53
CA ASP A 588 24.24 -14.62 5.94
C ASP A 588 25.43 -13.66 5.75
N PRO A 589 26.44 -14.07 4.95
CA PRO A 589 27.64 -13.24 4.85
C PRO A 589 27.35 -11.87 4.26
N CYS A 590 27.85 -10.85 4.93
CA CYS A 590 27.77 -9.50 4.39
C CYS A 590 29.18 -8.99 4.23
N LEU A 591 29.64 -9.03 2.99
CA LEU A 591 31.05 -8.81 2.75
C LEU A 591 31.47 -7.36 2.80
N ALA A 592 30.57 -6.46 2.40
CA ALA A 592 30.81 -5.02 2.52
C ALA A 592 30.93 -4.70 3.99
N CYS A 593 30.03 -5.25 4.82
CA CYS A 593 30.20 -5.13 6.24
C CYS A 593 31.55 -5.63 6.74
N SER A 594 31.93 -6.85 6.33
CA SER A 594 33.08 -7.49 6.91
C SER A 594 34.36 -6.67 6.79
N THR A 595 34.45 -5.92 5.68
CA THR A 595 35.67 -5.19 5.30
C THR A 595 35.58 -3.69 5.49
N HIS A 596 34.39 -3.13 5.26
CA HIS A 596 34.16 -1.68 5.46
C HIS A 596 35.30 -0.81 4.94
N PRO B 11 11.03 -11.69 -26.79
CA PRO B 11 12.14 -11.78 -25.83
C PRO B 11 12.25 -10.56 -24.93
N ARG B 12 12.51 -10.78 -23.65
CA ARG B 12 12.63 -9.74 -22.68
C ARG B 12 14.02 -9.14 -22.78
N THR B 13 14.11 -7.82 -22.56
CA THR B 13 15.36 -7.09 -22.69
C THR B 13 16.44 -7.63 -21.74
N PRO B 14 17.57 -8.09 -22.30
CA PRO B 14 18.65 -8.59 -21.44
C PRO B 14 19.29 -7.48 -20.63
N VAL B 15 19.42 -7.74 -19.33
CA VAL B 15 20.08 -6.83 -18.39
C VAL B 15 21.15 -7.59 -17.62
N ILE B 16 22.36 -7.05 -17.65
CA ILE B 16 23.48 -7.53 -16.85
CA ILE B 16 23.45 -7.55 -16.82
C ILE B 16 23.65 -6.50 -15.73
N TRP B 17 23.56 -6.94 -14.47
CA TRP B 17 23.68 -6.03 -13.34
C TRP B 17 24.97 -6.36 -12.59
N LEU B 18 25.99 -5.51 -12.80
CA LEU B 18 27.29 -5.69 -12.15
C LEU B 18 27.36 -4.94 -10.82
N HIS B 19 28.26 -5.42 -9.94
CA HIS B 19 28.44 -4.83 -8.62
C HIS B 19 29.92 -4.62 -8.40
N GLY B 20 30.33 -3.36 -8.26
CA GLY B 20 31.70 -3.05 -7.88
C GLY B 20 31.89 -2.87 -6.40
N LEU B 21 32.66 -1.86 -6.02
CA LEU B 21 32.69 -1.42 -4.61
C LEU B 21 31.37 -0.74 -4.34
N GLU B 22 30.65 -1.21 -3.33
CA GLU B 22 29.29 -0.81 -3.10
C GLU B 22 28.88 -1.24 -1.69
N CYS B 23 27.69 -0.81 -1.31
CA CYS B 23 27.04 -1.30 -0.09
C CYS B 23 25.77 -2.13 -0.39
N THR B 24 25.35 -2.14 -1.66
CA THR B 24 24.17 -2.90 -2.14
C THR B 24 22.83 -2.20 -1.89
N CYS B 25 22.89 -0.94 -1.47
CA CYS B 25 21.64 -0.24 -1.18
C CYS B 25 20.78 -0.03 -2.44
N CYS B 26 21.42 0.20 -3.60
CA CYS B 26 20.61 0.38 -4.81
C CYS B 26 19.82 -0.88 -5.18
N SER B 27 20.48 -2.04 -5.06
CA SER B 27 19.78 -3.31 -5.29
C SER B 27 18.60 -3.50 -4.33
N GLU B 28 18.84 -3.19 -3.06
CA GLU B 28 17.78 -3.19 -2.08
C GLU B 28 16.66 -2.23 -2.41
N SER B 29 17.04 -0.99 -2.79
CA SER B 29 15.99 -0.08 -3.16
C SER B 29 15.13 -0.60 -4.30
N PHE B 30 15.78 -1.16 -5.32
CA PHE B 30 15.06 -1.65 -6.48
C PHE B 30 13.92 -2.58 -6.08
N ILE B 31 14.17 -3.48 -5.14
CA ILE B 31 13.13 -4.45 -4.80
C ILE B 31 12.04 -3.87 -3.89
N ARG B 32 12.22 -2.61 -3.45
CA ARG B 32 11.16 -1.92 -2.73
C ARG B 32 10.07 -1.39 -3.65
N SER B 33 10.28 -1.45 -4.97
CA SER B 33 9.37 -0.80 -5.88
C SER B 33 7.92 -1.22 -5.68
N ALA B 34 7.03 -0.24 -5.50
CA ALA B 34 5.62 -0.51 -5.28
C ALA B 34 4.92 -0.83 -6.60
N HIS B 35 5.41 -0.23 -7.69
CA HIS B 35 4.79 -0.38 -9.00
C HIS B 35 5.77 0.08 -10.06
N PRO B 36 6.19 -0.83 -10.95
CA PRO B 36 5.87 -2.25 -10.95
C PRO B 36 6.57 -2.97 -9.80
N LEU B 37 6.04 -4.14 -9.44
CA LEU B 37 6.70 -4.95 -8.43
C LEU B 37 7.96 -5.54 -9.02
N ALA B 38 9.00 -5.66 -8.20
CA ALA B 38 10.26 -6.26 -8.67
C ALA B 38 10.04 -7.67 -9.26
N LYS B 39 9.17 -8.44 -8.62
CA LYS B 39 8.83 -9.77 -9.11
C LYS B 39 8.36 -9.73 -10.59
N ASP B 40 7.53 -8.74 -10.93
CA ASP B 40 7.03 -8.62 -12.29
C ASP B 40 8.09 -8.06 -13.25
N VAL B 41 8.94 -7.15 -12.76
CA VAL B 41 10.03 -6.69 -13.59
C VAL B 41 10.90 -7.86 -14.05
N VAL B 42 11.28 -8.71 -13.11
CA VAL B 42 12.21 -9.82 -13.37
CA VAL B 42 12.22 -9.78 -13.43
C VAL B 42 11.57 -10.98 -14.15
N LEU B 43 10.31 -11.25 -13.89
CA LEU B 43 9.63 -12.36 -14.57
C LEU B 43 9.11 -11.99 -15.95
N SER B 44 8.69 -10.74 -16.10
CA SER B 44 7.89 -10.37 -17.27
C SER B 44 8.39 -9.19 -18.10
N MET B 45 9.27 -8.35 -17.56
CA MET B 45 9.66 -7.14 -18.28
C MET B 45 11.08 -7.19 -18.85
N ILE B 46 12.04 -7.45 -17.98
CA ILE B 46 13.42 -7.62 -18.42
C ILE B 46 13.82 -9.10 -18.27
N SER B 47 15.00 -9.43 -18.78
CA SER B 47 15.63 -10.71 -18.44
C SER B 47 16.88 -10.36 -17.64
N LEU B 48 16.81 -10.55 -16.32
CA LEU B 48 17.93 -10.24 -15.44
C LEU B 48 18.91 -11.39 -15.54
N ASP B 49 19.88 -11.25 -16.44
CA ASP B 49 20.71 -12.36 -16.88
C ASP B 49 21.90 -12.62 -15.97
N TYR B 50 22.35 -11.58 -15.30
CA TYR B 50 23.45 -11.70 -14.35
CA TYR B 50 23.43 -11.71 -14.35
C TYR B 50 23.22 -10.70 -13.24
N ASP B 51 23.35 -11.16 -12.00
CA ASP B 51 23.26 -10.31 -10.82
C ASP B 51 23.77 -11.13 -9.63
N ASP B 52 25.00 -10.89 -9.22
CA ASP B 52 25.64 -11.72 -8.19
CA ASP B 52 25.65 -11.65 -8.15
C ASP B 52 24.82 -11.79 -6.89
N THR B 53 23.92 -10.82 -6.66
CA THR B 53 23.05 -10.79 -5.46
C THR B 53 21.99 -11.89 -5.40
N LEU B 54 21.33 -12.13 -6.53
CA LEU B 54 20.14 -12.99 -6.55
C LEU B 54 20.38 -14.30 -7.30
N MET B 55 21.49 -14.38 -8.02
CA MET B 55 21.66 -15.48 -8.94
CA MET B 55 21.86 -15.47 -8.94
C MET B 55 21.94 -16.85 -8.30
N ALA B 56 21.33 -17.88 -8.90
CA ALA B 56 21.50 -19.25 -8.43
C ALA B 56 22.96 -19.71 -8.53
N ALA B 57 23.57 -19.41 -9.67
CA ALA B 57 24.93 -19.85 -9.98
C ALA B 57 26.01 -19.02 -9.28
N SER B 58 27.10 -19.72 -8.95
CA SER B 58 28.30 -19.08 -8.38
CA SER B 58 28.30 -19.12 -8.35
C SER B 58 29.55 -19.51 -9.14
N GLY B 59 30.66 -18.85 -8.84
CA GLY B 59 31.96 -19.27 -9.37
C GLY B 59 31.99 -19.42 -10.87
N HIS B 60 32.55 -20.54 -11.32
CA HIS B 60 32.76 -20.78 -12.75
C HIS B 60 31.44 -20.77 -13.51
N ALA B 61 30.39 -21.31 -12.90
CA ALA B 61 29.07 -21.36 -13.53
C ALA B 61 28.50 -19.96 -13.74
N ALA B 62 28.76 -19.04 -12.81
CA ALA B 62 28.33 -17.67 -12.95
C ALA B 62 29.13 -16.95 -14.03
N GLU B 63 30.45 -17.11 -14.00
CA GLU B 63 31.27 -16.42 -15.00
CA GLU B 63 31.36 -16.51 -15.00
C GLU B 63 30.95 -16.90 -16.42
N ALA B 64 30.54 -18.15 -16.57
CA ALA B 64 30.10 -18.69 -17.87
C ALA B 64 28.93 -17.91 -18.50
N ILE B 65 28.01 -17.45 -17.66
CA ILE B 65 26.87 -16.65 -18.13
CA ILE B 65 26.87 -16.65 -18.13
C ILE B 65 27.32 -15.33 -18.77
N LEU B 66 28.23 -14.61 -18.10
CA LEU B 66 28.75 -13.34 -18.63
CA LEU B 66 28.72 -13.34 -18.63
C LEU B 66 29.31 -13.52 -20.02
N ASP B 67 30.09 -14.59 -20.19
CA ASP B 67 30.71 -14.90 -21.46
C ASP B 67 29.63 -15.19 -22.50
N GLU B 68 28.64 -15.98 -22.11
CA GLU B 68 27.59 -16.39 -23.04
C GLU B 68 26.69 -15.21 -23.44
N ILE B 69 26.23 -14.42 -22.46
CA ILE B 69 25.34 -13.28 -22.74
C ILE B 69 26.03 -12.23 -23.60
N LYS B 70 27.31 -11.97 -23.30
CA LYS B 70 28.13 -11.01 -24.04
C LYS B 70 28.18 -11.35 -25.53
N GLU B 71 28.30 -12.65 -25.86
CA GLU B 71 28.36 -13.06 -27.25
C GLU B 71 26.98 -13.16 -27.90
N LYS B 72 26.05 -13.84 -27.22
CA LYS B 72 24.71 -14.09 -27.76
C LYS B 72 23.93 -12.79 -27.95
N TYR B 73 24.11 -11.85 -27.03
CA TYR B 73 23.40 -10.58 -27.05
C TYR B 73 24.35 -9.38 -27.22
N LYS B 74 25.46 -9.61 -27.92
CA LYS B 74 26.44 -8.55 -28.21
C LYS B 74 25.75 -7.30 -28.77
N GLY B 75 25.95 -6.16 -28.11
CA GLY B 75 25.33 -4.91 -28.53
C GLY B 75 23.87 -4.73 -28.17
N ASN B 76 23.29 -5.72 -27.50
CA ASN B 76 21.84 -5.73 -27.23
C ASN B 76 21.42 -5.79 -25.77
N TYR B 77 22.38 -5.96 -24.86
CA TYR B 77 22.06 -5.94 -23.44
C TYR B 77 22.27 -4.58 -22.81
N ILE B 78 21.44 -4.29 -21.82
CA ILE B 78 21.67 -3.13 -20.97
CA ILE B 78 21.66 -3.14 -20.96
C ILE B 78 22.63 -3.57 -19.87
N LEU B 79 23.68 -2.78 -19.68
CA LEU B 79 24.60 -2.99 -18.59
C LEU B 79 24.27 -2.03 -17.45
N ALA B 80 23.68 -2.58 -16.39
CA ALA B 80 23.42 -1.84 -15.16
C ALA B 80 24.63 -2.02 -14.25
N VAL B 81 25.09 -0.92 -13.67
CA VAL B 81 26.22 -0.99 -12.75
C VAL B 81 25.86 -0.36 -11.43
N GLU B 82 26.00 -1.13 -10.35
N GLU B 82 26.10 -1.12 -10.37
CA GLU B 82 25.95 -0.59 -8.99
CA GLU B 82 25.99 -0.65 -9.00
C GLU B 82 27.37 -0.63 -8.45
C GLU B 82 27.39 -0.65 -8.44
N GLY B 83 27.73 0.36 -7.65
CA GLY B 83 29.08 0.45 -7.13
C GLY B 83 30.05 0.98 -8.18
N ASN B 84 31.33 0.88 -7.90
CA ASN B 84 32.33 1.47 -8.78
C ASN B 84 33.67 0.74 -8.75
N PRO B 85 34.51 0.98 -9.78
CA PRO B 85 35.82 0.34 -9.81
C PRO B 85 36.90 1.11 -9.02
N PRO B 86 37.66 0.41 -8.18
CA PRO B 86 38.85 1.03 -7.59
C PRO B 86 40.06 0.91 -8.52
N LEU B 87 40.91 1.94 -8.53
CA LEU B 87 42.13 1.97 -9.32
C LEU B 87 43.39 1.72 -8.48
N ASN B 88 43.30 1.91 -7.17
CA ASN B 88 44.44 1.61 -6.31
C ASN B 88 44.48 0.11 -6.02
N GLN B 89 45.55 -0.35 -5.36
CA GLN B 89 45.77 -1.78 -5.08
C GLN B 89 45.73 -2.60 -6.37
N ASP B 90 46.13 -1.98 -7.49
CA ASP B 90 46.07 -2.59 -8.81
C ASP B 90 44.67 -3.10 -9.13
N GLY B 91 43.67 -2.46 -8.54
CA GLY B 91 42.28 -2.82 -8.75
C GLY B 91 41.79 -3.94 -7.85
N MET B 92 42.69 -4.49 -7.03
CA MET B 92 42.42 -5.71 -6.28
C MET B 92 41.83 -5.43 -4.89
N SER B 93 41.45 -4.18 -4.67
CA SER B 93 40.49 -3.85 -3.61
C SER B 93 39.05 -4.19 -4.02
N CYS B 94 38.84 -4.66 -5.25
CA CYS B 94 37.56 -5.29 -5.61
C CYS B 94 37.86 -6.39 -6.62
N ILE B 95 37.88 -7.62 -6.11
CA ILE B 95 38.29 -8.78 -6.90
C ILE B 95 37.05 -9.59 -7.24
N ILE B 96 36.89 -9.93 -8.52
CA ILE B 96 35.83 -10.83 -8.95
C ILE B 96 36.45 -11.85 -9.89
N GLY B 97 36.23 -13.14 -9.60
CA GLY B 97 36.84 -14.19 -10.40
C GLY B 97 38.36 -14.12 -10.41
N GLY B 98 38.93 -13.65 -9.31
CA GLY B 98 40.38 -13.53 -9.18
C GLY B 98 41.04 -12.34 -9.88
N ARG B 99 40.22 -11.48 -10.51
CA ARG B 99 40.72 -10.38 -11.33
C ARG B 99 40.09 -9.08 -10.88
N PRO B 100 40.71 -7.93 -11.22
CA PRO B 100 40.07 -6.68 -10.80
C PRO B 100 38.68 -6.51 -11.37
N PHE B 101 37.75 -5.98 -10.57
CA PHE B 101 36.44 -5.66 -11.07
C PHE B 101 36.50 -4.75 -12.29
N SER B 102 37.45 -3.82 -12.29
CA SER B 102 37.57 -2.89 -13.42
C SER B 102 37.67 -3.63 -14.76
N GLU B 103 38.32 -4.79 -14.76
CA GLU B 103 38.43 -5.59 -15.99
C GLU B 103 37.08 -6.18 -16.41
N GLN B 104 36.28 -6.60 -15.43
CA GLN B 104 34.93 -7.10 -15.72
C GLN B 104 34.06 -5.98 -16.30
N LEU B 105 34.10 -4.83 -15.64
CA LEU B 105 33.34 -3.67 -16.07
C LEU B 105 33.71 -3.25 -17.50
N LYS B 106 35.00 -3.15 -17.78
CA LYS B 106 35.43 -2.77 -19.13
C LYS B 106 34.95 -3.78 -20.19
N ARG B 107 35.16 -5.08 -19.93
CA ARG B 107 34.76 -6.13 -20.87
C ARG B 107 33.26 -6.04 -21.20
N MET B 108 32.44 -5.83 -20.18
CA MET B 108 31.01 -5.80 -20.40
C MET B 108 30.55 -4.47 -21.02
N ALA B 109 31.23 -3.38 -20.68
CA ALA B 109 30.90 -2.09 -21.25
C ALA B 109 31.16 -2.06 -22.75
N ASP B 110 32.19 -2.80 -23.18
CA ASP B 110 32.60 -2.86 -24.58
C ASP B 110 31.43 -3.22 -25.49
N ASP B 111 30.56 -4.15 -25.04
CA ASP B 111 29.48 -4.68 -25.89
C ASP B 111 28.08 -4.37 -25.41
N ALA B 112 27.96 -3.46 -24.44
CA ALA B 112 26.66 -2.99 -23.97
C ALA B 112 25.94 -2.13 -25.00
N LYS B 113 24.61 -2.16 -24.98
CA LYS B 113 23.78 -1.27 -25.78
C LYS B 113 23.79 0.12 -25.13
N ALA B 114 23.76 0.13 -23.80
CA ALA B 114 23.72 1.34 -23.00
C ALA B 114 24.07 0.94 -21.57
N ILE B 115 24.52 1.89 -20.78
CA ILE B 115 24.81 1.68 -19.37
C ILE B 115 23.85 2.46 -18.50
N ILE B 116 23.36 1.81 -17.44
CA ILE B 116 22.69 2.51 -16.35
C ILE B 116 23.64 2.52 -15.17
N SER B 117 24.03 3.73 -14.75
CA SER B 117 24.82 3.89 -13.52
CA SER B 117 24.82 3.90 -13.55
C SER B 117 23.86 4.05 -12.35
N TRP B 118 23.58 2.95 -11.66
CA TRP B 118 22.70 3.03 -10.51
C TRP B 118 23.38 3.65 -9.31
N GLY B 119 22.74 4.66 -8.72
CA GLY B 119 23.18 5.20 -7.44
C GLY B 119 24.37 6.14 -7.54
N SER B 120 24.65 6.74 -6.41
CA SER B 120 25.78 7.68 -6.32
C SER B 120 27.16 7.00 -6.46
N CYS B 121 27.28 5.72 -6.08
CA CYS B 121 28.57 5.03 -6.30
C CYS B 121 28.91 4.99 -7.77
N ALA B 122 28.01 4.44 -8.58
CA ALA B 122 28.31 4.30 -9.98
C ALA B 122 28.31 5.65 -10.69
N SER B 123 27.46 6.56 -10.26
CA SER B 123 27.35 7.86 -10.90
C SER B 123 28.51 8.78 -10.61
N TRP B 124 28.94 8.82 -9.34
CA TRP B 124 29.87 9.89 -8.90
C TRP B 124 31.05 9.40 -8.06
N GLY B 125 30.84 8.34 -7.28
CA GLY B 125 31.87 7.81 -6.38
C GLY B 125 31.36 7.36 -5.02
N CYS B 126 30.39 8.13 -4.49
CA CYS B 126 29.79 7.94 -3.18
C CYS B 126 30.82 7.76 -2.06
N VAL B 127 30.50 6.99 -1.02
CA VAL B 127 31.22 7.12 0.25
C VAL B 127 32.69 6.73 0.15
N GLN B 128 33.01 5.67 -0.58
CA GLN B 128 34.40 5.23 -0.74
C GLN B 128 35.25 6.25 -1.47
N ALA B 129 34.60 7.11 -2.25
CA ALA B 129 35.35 8.19 -2.95
C ALA B 129 35.55 9.44 -2.09
N ALA B 130 34.97 9.50 -0.90
CA ALA B 130 35.15 10.66 -0.04
C ALA B 130 36.60 10.70 0.43
N LYS B 131 37.10 11.92 0.72
CA LYS B 131 38.48 12.08 1.15
CA LYS B 131 38.48 12.06 1.14
C LYS B 131 38.86 11.08 2.25
N PRO B 132 40.03 10.42 2.12
CA PRO B 132 41.06 10.58 1.09
C PRO B 132 40.97 9.51 -0.03
N ASN B 133 39.81 8.86 -0.18
CA ASN B 133 39.62 7.89 -1.25
C ASN B 133 40.75 6.83 -1.35
N PRO B 134 40.88 5.99 -0.31
CA PRO B 134 42.02 5.06 -0.26
C PRO B 134 42.11 4.07 -1.43
N THR B 135 40.97 3.73 -2.04
CA THR B 135 41.01 2.77 -3.14
C THR B 135 41.01 3.43 -4.51
N GLN B 136 41.05 4.78 -4.54
CA GLN B 136 40.86 5.50 -5.81
CA GLN B 136 40.84 5.51 -5.80
C GLN B 136 39.63 4.95 -6.54
N ALA B 137 38.52 4.87 -5.82
CA ALA B 137 37.25 4.50 -6.40
C ALA B 137 36.85 5.60 -7.39
N THR B 138 36.37 5.17 -8.55
CA THR B 138 36.19 6.02 -9.73
CA THR B 138 36.12 6.09 -9.65
C THR B 138 34.79 5.73 -10.30
N PRO B 139 33.93 6.75 -10.54
CA PRO B 139 32.62 6.41 -11.11
C PRO B 139 32.74 5.86 -12.53
N VAL B 140 31.68 5.18 -12.98
CA VAL B 140 31.72 4.43 -14.23
C VAL B 140 32.09 5.32 -15.43
N HIS B 141 31.46 6.47 -15.55
CA HIS B 141 31.74 7.33 -16.72
C HIS B 141 33.18 7.82 -16.78
N LYS B 142 33.77 8.09 -15.62
CA LYS B 142 35.17 8.55 -15.59
C LYS B 142 36.11 7.38 -15.87
N PHE B 143 35.76 6.20 -15.36
CA PHE B 143 36.56 5.01 -15.64
C PHE B 143 36.61 4.69 -17.14
N LEU B 144 35.47 4.77 -17.82
CA LEU B 144 35.41 4.40 -19.24
C LEU B 144 36.00 5.50 -20.13
N GLY B 145 35.96 6.74 -19.63
CA GLY B 145 36.62 7.86 -20.31
C GLY B 145 35.79 8.51 -21.40
N GLY B 146 36.28 9.64 -21.90
CA GLY B 146 35.58 10.44 -22.90
C GLY B 146 35.31 9.77 -24.23
N GLY B 147 36.13 8.77 -24.56
CA GLY B 147 35.95 8.01 -25.80
C GLY B 147 34.82 6.99 -25.81
N TYR B 148 34.20 6.73 -24.66
CA TYR B 148 33.13 5.73 -24.60
C TYR B 148 31.92 6.22 -25.39
N ASP B 149 31.43 5.37 -26.29
CA ASP B 149 30.46 5.80 -27.30
C ASP B 149 29.03 5.26 -27.15
N LYS B 150 28.70 4.76 -25.96
CA LYS B 150 27.32 4.37 -25.64
C LYS B 150 26.80 5.29 -24.55
N PRO B 151 25.48 5.48 -24.48
CA PRO B 151 24.94 6.33 -23.42
C PRO B 151 25.18 5.75 -22.04
N ILE B 152 25.48 6.64 -21.09
CA ILE B 152 25.55 6.30 -19.68
C ILE B 152 24.47 7.11 -18.97
N ILE B 153 23.45 6.40 -18.49
CA ILE B 153 22.31 7.00 -17.80
C ILE B 153 22.61 7.00 -16.31
N LYS B 154 22.84 8.18 -15.73
CA LYS B 154 23.14 8.28 -14.30
C LYS B 154 21.85 8.40 -13.52
N VAL B 155 21.67 7.52 -12.53
CA VAL B 155 20.47 7.51 -11.70
C VAL B 155 20.94 7.62 -10.25
N PRO B 156 21.35 8.83 -9.86
CA PRO B 156 22.08 8.95 -8.60
C PRO B 156 21.18 8.98 -7.37
N GLY B 157 21.81 8.99 -6.20
CA GLY B 157 21.11 8.85 -4.94
C GLY B 157 21.72 7.67 -4.19
N CYS B 158 21.64 7.73 -2.88
CA CYS B 158 22.26 6.73 -2.01
C CYS B 158 21.21 6.15 -1.05
N PRO B 159 20.39 5.21 -1.56
CA PRO B 159 20.25 4.84 -2.94
C PRO B 159 19.25 5.75 -3.68
N PRO B 160 19.03 5.52 -4.96
CA PRO B 160 17.90 6.17 -5.63
C PRO B 160 16.56 5.65 -5.09
N ILE B 161 15.50 6.41 -5.29
CA ILE B 161 14.14 5.99 -4.95
C ILE B 161 13.76 4.75 -5.79
N ALA B 162 13.06 3.81 -5.15
CA ALA B 162 12.74 2.56 -5.83
C ALA B 162 11.97 2.77 -7.12
N GLU B 163 10.93 3.61 -7.05
CA GLU B 163 10.07 3.83 -8.21
C GLU B 163 10.72 4.67 -9.29
N VAL B 164 11.78 5.39 -8.93
CA VAL B 164 12.62 6.06 -9.91
C VAL B 164 13.41 5.01 -10.70
N MET B 165 14.01 4.06 -9.99
CA MET B 165 14.75 2.98 -10.66
C MET B 165 13.87 2.18 -11.62
N THR B 166 12.74 1.71 -11.11
CA THR B 166 11.84 0.97 -11.98
C THR B 166 11.15 1.85 -13.01
N GLY B 167 10.97 3.14 -12.68
CA GLY B 167 10.40 4.08 -13.64
C GLY B 167 11.30 4.32 -14.85
N VAL B 168 12.60 4.35 -14.65
CA VAL B 168 13.56 4.46 -15.78
C VAL B 168 13.43 3.23 -16.68
N ILE B 169 13.39 2.04 -16.08
CA ILE B 169 13.28 0.81 -16.84
CA ILE B 169 13.26 0.79 -16.81
C ILE B 169 11.96 0.75 -17.60
N THR B 170 10.84 1.03 -16.91
CA THR B 170 9.56 1.00 -17.61
C THR B 170 9.47 2.03 -18.72
N TYR B 171 10.11 3.20 -18.54
CA TYR B 171 10.10 4.18 -19.60
C TYR B 171 10.78 3.64 -20.86
N MET B 172 11.96 3.07 -20.68
CA MET B 172 12.72 2.53 -21.80
C MET B 172 11.94 1.40 -22.48
N LEU B 173 11.30 0.54 -21.70
CA LEU B 173 10.54 -0.59 -22.26
C LEU B 173 9.24 -0.16 -22.95
N THR B 174 8.60 0.90 -22.44
CA THR B 174 7.31 1.34 -22.94
C THR B 174 7.44 2.28 -24.13
N PHE B 175 8.39 3.21 -24.04
CA PHE B 175 8.49 4.27 -25.04
C PHE B 175 9.63 4.10 -26.02
N ASP B 176 10.42 3.05 -25.83
CA ASP B 176 11.40 2.58 -26.80
C ASP B 176 12.52 3.58 -27.03
N ARG B 177 12.84 4.35 -25.99
CA ARG B 177 14.02 5.21 -26.06
CA ARG B 177 14.00 5.24 -26.06
C ARG B 177 14.58 5.53 -24.68
N ILE B 178 15.83 5.95 -24.68
CA ILE B 178 16.50 6.48 -23.49
CA ILE B 178 16.45 6.45 -23.46
C ILE B 178 15.77 7.77 -23.08
N PRO B 179 15.46 7.94 -21.78
CA PRO B 179 14.85 9.20 -21.43
C PRO B 179 15.79 10.39 -21.69
N GLU B 180 15.21 11.56 -21.91
CA GLU B 180 16.01 12.78 -22.04
C GLU B 180 16.85 12.99 -20.78
N LEU B 181 18.13 13.27 -20.98
CA LEU B 181 19.05 13.47 -19.86
C LEU B 181 19.46 14.92 -19.76
N ASP B 182 19.71 15.35 -18.53
CA ASP B 182 20.31 16.67 -18.30
C ASP B 182 21.81 16.61 -18.60
N ARG B 183 22.51 17.72 -18.41
CA ARG B 183 23.95 17.82 -18.71
CA ARG B 183 23.93 17.77 -18.76
C ARG B 183 24.79 16.84 -17.91
N GLN B 184 24.28 16.42 -16.76
CA GLN B 184 25.00 15.48 -15.93
C GLN B 184 24.60 14.03 -16.20
N GLY B 185 23.79 13.80 -17.23
CA GLY B 185 23.40 12.42 -17.59
C GLY B 185 22.23 11.86 -16.81
N ARG B 186 21.52 12.71 -16.06
CA ARG B 186 20.41 12.25 -15.24
C ARG B 186 19.08 12.40 -15.95
N PRO B 187 18.21 11.39 -15.86
CA PRO B 187 16.92 11.54 -16.53
C PRO B 187 16.08 12.70 -15.99
N LYS B 188 15.65 13.57 -16.90
CA LYS B 188 14.81 14.72 -16.53
C LYS B 188 13.48 14.26 -15.91
N MET B 189 13.08 13.03 -16.27
CA MET B 189 11.94 12.28 -15.67
CA MET B 189 11.90 12.39 -15.70
C MET B 189 11.85 12.51 -14.17
N PHE B 190 13.02 12.50 -13.51
CA PHE B 190 13.08 12.48 -12.06
C PHE B 190 14.05 13.45 -11.40
N TYR B 191 15.04 13.93 -12.15
CA TYR B 191 16.14 14.69 -11.53
C TYR B 191 16.19 16.15 -11.97
N SER B 192 15.09 16.66 -12.49
CA SER B 192 15.11 18.02 -13.04
C SER B 192 14.44 19.07 -12.15
N GLN B 193 14.35 18.80 -10.86
CA GLN B 193 13.99 19.78 -9.85
C GLN B 193 14.80 19.53 -8.58
N ARG B 194 15.08 20.62 -7.87
CA ARG B 194 15.69 20.50 -6.55
C ARG B 194 14.62 20.14 -5.52
N ILE B 195 15.06 19.47 -4.47
CA ILE B 195 14.18 19.11 -3.35
CA ILE B 195 14.13 19.12 -3.41
C ILE B 195 13.43 20.36 -2.87
N HIS B 196 14.18 21.45 -2.68
CA HIS B 196 13.67 22.70 -2.13
C HIS B 196 12.71 23.41 -3.10
N ASP B 197 12.74 23.03 -4.39
CA ASP B 197 11.81 23.52 -5.43
C ASP B 197 10.42 22.89 -5.35
N LYS B 198 10.27 21.83 -4.54
CA LYS B 198 9.03 21.07 -4.42
CA LYS B 198 9.01 21.12 -4.42
CA LYS B 198 9.03 21.07 -4.44
CA LYS B 198 8.98 21.14 -4.42
C LYS B 198 8.79 20.64 -2.98
N CYS B 199 9.31 21.38 -2.01
CA CYS B 199 9.26 20.99 -0.61
C CYS B 199 8.08 21.53 0.16
N TYR B 200 7.32 20.64 0.77
CA TYR B 200 6.11 21.02 1.51
C TYR B 200 6.42 21.88 2.76
N ARG B 201 7.68 21.87 3.22
CA ARG B 201 8.08 22.76 4.34
C ARG B 201 8.52 24.15 3.86
N ARG B 202 8.50 24.38 2.54
CA ARG B 202 8.89 25.70 2.00
C ARG B 202 8.12 26.89 2.61
N PRO B 203 6.82 26.76 2.87
CA PRO B 203 6.13 27.90 3.52
C PRO B 203 6.82 28.35 4.81
N HIS B 204 7.37 27.41 5.57
CA HIS B 204 8.10 27.75 6.80
C HIS B 204 9.43 28.43 6.50
N PHE B 205 10.18 27.91 5.54
CA PHE B 205 11.41 28.55 5.08
C PHE B 205 11.10 30.01 4.74
N ASP B 206 10.02 30.23 4.00
CA ASP B 206 9.67 31.59 3.53
C ASP B 206 9.36 32.52 4.68
N ALA B 207 8.79 31.98 5.75
CA ALA B 207 8.39 32.76 6.91
C ALA B 207 9.47 32.85 7.98
N GLY B 208 10.65 32.32 7.68
CA GLY B 208 11.75 32.25 8.65
C GLY B 208 11.40 31.40 9.87
N GLN B 209 10.64 30.34 9.63
CA GLN B 209 10.19 29.41 10.67
C GLN B 209 11.00 28.14 10.54
N PHE B 210 11.95 27.96 11.46
CA PHE B 210 12.95 26.90 11.38
C PHE B 210 12.99 26.08 12.64
N VAL B 211 13.37 24.82 12.48
CA VAL B 211 13.92 24.06 13.57
C VAL B 211 15.26 24.70 13.96
N GLU B 212 15.35 25.19 15.20
CA GLU B 212 16.60 25.80 15.66
C GLU B 212 17.47 24.82 16.44
N GLU B 213 16.81 23.91 17.17
CA GLU B 213 17.49 22.90 17.96
C GLU B 213 16.58 21.67 17.84
N TRP B 214 17.16 20.48 17.87
CA TRP B 214 16.37 19.27 17.73
C TRP B 214 15.25 19.22 18.77
N ASP B 215 14.08 18.78 18.31
CA ASP B 215 12.90 18.60 19.16
C ASP B 215 12.44 19.87 19.86
N ASP B 216 12.69 21.00 19.20
CA ASP B 216 12.10 22.25 19.68
C ASP B 216 10.67 22.43 19.17
N GLU B 217 10.07 23.57 19.46
CA GLU B 217 8.74 23.89 19.00
C GLU B 217 8.61 23.72 17.48
N GLY B 218 9.59 24.25 16.75
CA GLY B 218 9.59 24.16 15.31
C GLY B 218 9.61 22.73 14.82
N ALA B 219 10.45 21.90 15.43
CA ALA B 219 10.53 20.49 15.03
C ALA B 219 9.16 19.82 15.14
N ARG B 220 8.45 20.11 16.22
CA ARG B 220 7.15 19.48 16.48
C ARG B 220 6.04 20.03 15.60
N LYS B 221 6.29 21.16 14.94
CA LYS B 221 5.36 21.73 13.98
C LYS B 221 5.73 21.45 12.54
N GLY B 222 6.87 20.79 12.31
CA GLY B 222 7.34 20.53 10.95
C GLY B 222 7.91 21.75 10.24
N TYR B 223 8.59 22.62 10.99
CA TYR B 223 9.24 23.79 10.42
C TYR B 223 10.41 23.41 9.52
N CYS B 224 10.89 24.36 8.73
CA CYS B 224 11.97 24.09 7.76
C CYS B 224 13.26 23.65 8.47
N LEU B 225 13.97 22.73 7.82
CA LEU B 225 15.20 22.16 8.35
C LEU B 225 16.50 22.79 7.86
N TYR B 226 16.38 23.99 7.24
CA TYR B 226 17.55 24.67 6.69
C TYR B 226 18.65 24.91 7.75
N LYS B 227 18.24 25.37 8.94
CA LYS B 227 19.22 25.73 9.96
CA LYS B 227 19.22 25.74 9.96
C LYS B 227 19.93 24.53 10.59
N VAL B 228 19.31 23.34 10.46
CA VAL B 228 19.94 22.10 10.96
C VAL B 228 20.65 21.33 9.84
N GLY B 229 20.83 21.98 8.68
CA GLY B 229 21.69 21.39 7.67
C GLY B 229 21.05 20.85 6.40
N CYS B 230 19.76 21.08 6.21
CA CYS B 230 19.09 20.57 5.01
C CYS B 230 19.78 20.97 3.73
N LYS B 231 20.17 20.01 2.89
CA LYS B 231 20.80 20.29 1.61
C LYS B 231 19.82 20.26 0.43
N GLY B 232 18.52 20.28 0.76
CA GLY B 232 17.49 20.33 -0.26
C GLY B 232 17.69 21.48 -1.26
N PRO B 233 18.21 22.67 -0.83
CA PRO B 233 18.37 23.78 -1.79
C PRO B 233 19.32 23.52 -2.95
N THR B 234 20.20 22.53 -2.80
CA THR B 234 21.21 22.26 -3.84
C THR B 234 21.14 20.83 -4.42
N THR B 235 20.07 20.09 -4.09
CA THR B 235 19.99 18.66 -4.41
C THR B 235 18.85 18.39 -5.37
N TYR B 236 19.19 17.83 -6.54
CA TYR B 236 18.21 17.48 -7.56
C TYR B 236 17.78 16.01 -7.41
N ASN B 237 16.50 15.82 -7.08
CA ASN B 237 16.00 14.45 -6.91
C ASN B 237 14.50 14.55 -6.80
N ALA B 238 13.86 13.38 -6.72
CA ALA B 238 12.39 13.27 -6.71
C ALA B 238 11.86 13.02 -5.30
N CYS B 239 12.68 13.24 -4.28
CA CYS B 239 12.28 12.89 -2.91
C CYS B 239 11.10 13.66 -2.37
N SER B 240 10.94 14.92 -2.80
CA SER B 240 9.84 15.73 -2.32
C SER B 240 8.58 15.62 -3.20
N THR B 241 8.65 14.82 -4.28
CA THR B 241 7.53 14.69 -5.21
C THR B 241 7.03 13.24 -5.25
N VAL B 242 7.93 12.33 -5.64
CA VAL B 242 7.63 10.90 -5.64
C VAL B 242 7.71 10.34 -4.21
N ARG B 243 8.71 10.78 -3.46
CA ARG B 243 8.95 10.34 -2.09
C ARG B 243 9.34 8.86 -2.08
N TRP B 244 9.46 8.32 -0.87
CA TRP B 244 10.16 7.07 -0.61
C TRP B 244 9.23 5.98 -0.11
N ASN B 245 9.53 4.73 -0.50
CA ASN B 245 8.88 3.53 0.06
C ASN B 245 7.37 3.56 -0.17
N GLY B 246 7.01 3.59 -1.44
CA GLY B 246 5.61 3.68 -1.86
C GLY B 246 4.98 5.00 -1.42
N GLY B 247 5.75 6.09 -1.50
CA GLY B 247 5.21 7.41 -1.17
C GLY B 247 4.94 7.61 0.30
N THR B 248 5.61 6.86 1.17
CA THR B 248 5.37 6.92 2.59
C THR B 248 5.99 8.15 3.25
N SER B 249 7.23 8.45 2.89
CA SER B 249 7.93 9.57 3.55
C SER B 249 9.10 10.01 2.71
N PHE B 250 9.85 11.00 3.24
CA PHE B 250 11.18 11.29 2.73
C PHE B 250 11.98 11.90 3.88
N PRO B 251 13.32 12.03 3.73
CA PRO B 251 14.08 12.45 4.91
C PRO B 251 13.50 13.68 5.66
N ILE B 252 13.13 14.71 4.89
CA ILE B 252 12.66 15.96 5.47
C ILE B 252 11.32 15.76 6.18
N GLN B 253 10.42 14.92 5.61
CA GLN B 253 9.14 14.72 6.26
C GLN B 253 9.37 14.12 7.65
N SER B 254 10.32 13.20 7.74
CA SER B 254 10.57 12.51 9.00
C SER B 254 11.50 13.29 9.91
N GLY B 255 11.90 14.50 9.49
CA GLY B 255 12.54 15.45 10.44
C GLY B 255 14.04 15.64 10.36
N HIS B 256 14.73 14.99 9.42
CA HIS B 256 16.16 15.22 9.21
C HIS B 256 16.36 15.91 7.87
N GLY B 257 17.22 16.93 7.84
CA GLY B 257 17.49 17.56 6.55
C GLY B 257 18.03 16.57 5.51
N CYS B 258 17.74 16.84 4.25
CA CYS B 258 18.47 16.24 3.15
C CYS B 258 19.97 16.35 3.41
N ILE B 259 20.73 15.30 3.14
CA ILE B 259 22.18 15.32 3.25
C ILE B 259 22.83 15.50 1.88
N GLY B 260 22.01 15.64 0.85
CA GLY B 260 22.49 15.85 -0.53
C GLY B 260 22.91 14.61 -1.29
N CYS B 261 22.31 13.46 -0.94
CA CYS B 261 22.93 12.18 -1.29
C CYS B 261 22.93 11.77 -2.76
N SER B 262 22.24 12.52 -3.60
CA SER B 262 22.27 12.29 -5.06
C SER B 262 23.27 13.20 -5.78
N GLU B 263 23.88 14.16 -5.08
CA GLU B 263 24.77 15.14 -5.72
C GLU B 263 26.22 14.72 -5.71
N ASP B 264 26.88 14.91 -6.85
CA ASP B 264 28.31 14.69 -6.98
C ASP B 264 29.06 15.37 -5.82
N GLY B 265 29.85 14.60 -5.06
CA GLY B 265 30.73 15.18 -4.03
C GLY B 265 30.06 15.48 -2.70
N PHE B 266 28.87 14.94 -2.46
CA PHE B 266 28.11 15.36 -1.28
C PHE B 266 28.78 15.06 0.07
N TRP B 267 29.57 13.98 0.14
CA TRP B 267 30.23 13.61 1.38
C TRP B 267 31.27 14.66 1.82
N ASP B 268 31.87 15.36 0.85
CA ASP B 268 32.90 16.35 1.15
C ASP B 268 32.41 17.78 0.99
N LYS B 269 31.12 17.98 0.75
CA LYS B 269 30.55 19.31 0.58
C LYS B 269 30.67 20.08 1.88
N GLY B 270 30.48 19.40 2.99
CA GLY B 270 30.60 19.96 4.34
C GLY B 270 29.88 19.03 5.30
N SER B 271 30.00 19.29 6.60
CA SER B 271 29.21 18.58 7.60
C SER B 271 27.75 18.59 7.20
N PHE B 272 27.06 17.48 7.50
CA PHE B 272 25.63 17.43 7.16
C PHE B 272 24.81 18.45 7.95
N TYR B 273 25.38 18.93 9.05
CA TYR B 273 24.68 19.91 9.89
C TYR B 273 25.16 21.34 9.57
N SER B 274 26.08 21.49 8.62
CA SER B 274 26.45 22.84 8.12
C SER B 274 25.30 23.30 7.25
N ARG B 275 25.09 24.62 7.19
CA ARG B 275 24.01 25.20 6.42
C ARG B 275 24.34 25.27 4.94
N ASP B 276 23.33 25.10 4.09
CA ASP B 276 23.55 25.04 2.66
C ASP B 276 23.87 26.43 2.09
N THR B 277 24.62 26.41 1.01
CA THR B 277 25.20 27.62 0.45
C THR B 277 24.48 28.06 -0.82
N GLU B 278 24.89 29.23 -1.33
CA GLU B 278 24.32 29.85 -2.54
C GLU B 278 22.83 30.12 -2.42
N MET B 279 22.42 30.51 -1.22
CA MET B 279 21.02 30.78 -0.90
C MET B 279 20.54 32.15 -1.39
N ASN B 280 21.45 33.13 -1.46
CA ASN B 280 21.11 34.49 -1.87
C ASN B 280 21.39 34.76 -3.35
N ALA B 281 20.48 35.49 -3.99
CA ALA B 281 20.68 35.91 -5.39
C ALA B 281 21.72 37.02 -5.49
N PHE B 282 22.00 37.67 -4.38
CA PHE B 282 22.98 38.77 -4.31
C PHE B 282 24.35 38.29 -3.82
N GLY B 283 24.51 36.96 -3.85
CA GLY B 283 25.80 36.30 -3.69
C GLY B 283 26.50 36.26 -5.03
N SER C 2 -58.87 0.51 -2.20
CA SER C 2 -59.04 0.71 -3.66
C SER C 2 -58.27 -0.34 -4.44
N VAL C 3 -58.70 -0.59 -5.69
CA VAL C 3 -58.00 -1.47 -6.61
C VAL C 3 -57.73 -0.69 -7.90
N LEU C 4 -56.46 -0.39 -8.16
CA LEU C 4 -56.07 0.42 -9.31
C LEU C 4 -55.42 -0.41 -10.39
N ASN C 5 -56.06 -0.43 -11.56
CA ASN C 5 -55.57 -1.16 -12.71
C ASN C 5 -54.73 -0.26 -13.59
N THR C 6 -53.41 -0.42 -13.47
CA THR C 6 -52.46 0.49 -14.09
C THR C 6 -52.37 0.21 -15.59
N PRO C 7 -52.04 1.24 -16.40
CA PRO C 7 -51.87 0.97 -17.82
C PRO C 7 -50.69 0.02 -18.11
N ASN C 8 -49.72 -0.07 -17.20
CA ASN C 8 -48.64 -1.04 -17.35
C ASN C 8 -48.91 -2.41 -16.70
N HIS C 9 -50.20 -2.68 -16.49
CA HIS C 9 -50.71 -4.04 -16.26
C HIS C 9 -50.53 -4.61 -14.85
N TYR C 10 -50.54 -3.72 -13.87
CA TYR C 10 -50.52 -4.12 -12.47
C TYR C 10 -51.84 -3.77 -11.80
N LYS C 11 -52.17 -4.51 -10.77
CA LYS C 11 -53.39 -4.27 -10.01
C LYS C 11 -52.99 -3.90 -8.60
N MET C 12 -52.95 -2.60 -8.32
CA MET C 12 -52.51 -2.09 -7.02
C MET C 12 -53.69 -2.10 -6.05
N ASP C 13 -53.60 -2.97 -5.05
CA ASP C 13 -54.71 -3.23 -4.16
C ASP C 13 -54.26 -2.98 -2.74
N ASN C 14 -54.78 -1.91 -2.12
CA ASN C 14 -54.37 -1.55 -0.77
C ASN C 14 -55.34 -1.98 0.33
N SER C 15 -56.12 -3.03 0.07
CA SER C 15 -57.10 -3.54 1.04
C SER C 15 -56.50 -4.48 2.08
N GLY C 16 -55.40 -5.15 1.74
CA GLY C 16 -54.74 -6.08 2.65
C GLY C 16 -53.94 -5.37 3.73
N ARG C 17 -53.30 -6.16 4.59
CA ARG C 17 -52.49 -5.64 5.68
C ARG C 17 -51.36 -4.74 5.17
N ARG C 18 -51.20 -3.58 5.81
CA ARG C 18 -50.17 -2.62 5.44
C ARG C 18 -48.90 -2.83 6.29
N VAL C 19 -47.75 -2.89 5.63
CA VAL C 19 -46.46 -3.01 6.30
C VAL C 19 -45.62 -1.81 5.87
N VAL C 20 -45.04 -1.13 6.86
CA VAL C 20 -44.25 0.09 6.63
C VAL C 20 -42.79 -0.20 6.98
N ILE C 21 -41.90 0.13 6.04
CA ILE C 21 -40.46 0.05 6.26
C ILE C 21 -39.87 1.46 6.15
N ASP C 22 -39.60 2.06 7.30
CA ASP C 22 -39.01 3.40 7.36
C ASP C 22 -38.23 3.52 8.66
N PRO C 23 -36.89 3.54 8.58
CA PRO C 23 -36.05 3.68 7.39
C PRO C 23 -35.81 2.38 6.62
N VAL C 24 -35.70 2.50 5.30
CA VAL C 24 -35.07 1.47 4.50
C VAL C 24 -33.57 1.65 4.69
N THR C 25 -32.91 0.65 5.29
CA THR C 25 -31.49 0.73 5.57
C THR C 25 -30.70 0.06 4.45
N ARG C 26 -29.37 0.14 4.52
CA ARG C 26 -28.48 -0.44 3.49
C ARG C 26 -28.80 0.07 2.08
N ILE C 27 -29.02 1.37 2.03
CA ILE C 27 -29.09 2.12 0.79
C ILE C 27 -28.32 3.39 1.09
N GLU C 28 -28.08 4.17 0.05
CA GLU C 28 -27.65 5.54 0.25
C GLU C 28 -28.88 6.41 0.50
N GLY C 29 -28.79 7.27 1.51
CA GLY C 29 -29.84 8.24 1.75
C GLY C 29 -31.06 7.67 2.43
N HIS C 30 -32.20 8.29 2.16
CA HIS C 30 -33.40 8.05 2.94
C HIS C 30 -34.55 7.63 2.05
N MET C 31 -35.13 6.48 2.38
CA MET C 31 -36.29 5.94 1.69
C MET C 31 -37.27 5.35 2.70
N ARG C 32 -38.55 5.46 2.34
CA ARG C 32 -39.63 4.76 3.00
C ARG C 32 -40.31 3.87 1.96
N CYS C 33 -40.65 2.66 2.36
CA CYS C 33 -41.42 1.78 1.49
C CYS C 33 -42.61 1.23 2.30
N GLU C 34 -43.79 1.25 1.68
CA GLU C 34 -44.97 0.63 2.28
C GLU C 34 -45.50 -0.39 1.30
N VAL C 35 -45.95 -1.53 1.81
CA VAL C 35 -46.59 -2.53 0.99
C VAL C 35 -47.90 -2.97 1.62
N ASN C 36 -48.78 -3.56 0.80
CA ASN C 36 -49.93 -4.29 1.30
C ASN C 36 -49.79 -5.75 0.92
N VAL C 37 -50.08 -6.64 1.87
CA VAL C 37 -50.05 -8.08 1.59
C VAL C 37 -51.44 -8.69 1.68
N ASP C 38 -51.71 -9.67 0.83
CA ASP C 38 -52.96 -10.41 0.93
C ASP C 38 -52.92 -11.50 2.00
N GLU C 39 -53.98 -12.28 2.07
CA GLU C 39 -54.15 -13.35 3.06
C GLU C 39 -53.09 -14.44 2.94
N ASN C 40 -52.48 -14.54 1.76
CA ASN C 40 -51.37 -15.47 1.49
C ASN C 40 -49.98 -14.85 1.65
N ASN C 41 -49.93 -13.63 2.21
CA ASN C 41 -48.67 -12.92 2.43
C ASN C 41 -47.95 -12.54 1.13
N VAL C 42 -48.73 -12.36 0.08
CA VAL C 42 -48.21 -11.95 -1.22
C VAL C 42 -48.45 -10.45 -1.36
N ILE C 43 -47.41 -9.73 -1.75
CA ILE C 43 -47.51 -8.29 -1.96
C ILE C 43 -48.46 -7.96 -3.10
N GLN C 44 -49.46 -7.12 -2.81
CA GLN C 44 -50.44 -6.69 -3.81
C GLN C 44 -50.48 -5.17 -4.01
N ASN C 45 -49.61 -4.46 -3.30
CA ASN C 45 -49.44 -3.02 -3.48
C ASN C 45 -48.07 -2.67 -2.95
N ALA C 46 -47.41 -1.72 -3.60
CA ALA C 46 -46.09 -1.24 -3.19
C ALA C 46 -45.99 0.25 -3.44
N VAL C 47 -45.39 0.94 -2.47
CA VAL C 47 -45.31 2.39 -2.48
C VAL C 47 -43.86 2.81 -2.21
N SER C 48 -43.24 3.48 -3.18
CA SER C 48 -41.87 3.96 -3.07
C SER C 48 -41.87 5.44 -2.70
N THR C 49 -41.28 5.78 -1.55
CA THR C 49 -41.23 7.18 -1.09
C THR C 49 -39.79 7.62 -0.86
N GLY C 50 -39.33 8.61 -1.63
CA GLY C 50 -38.03 9.23 -1.37
C GLY C 50 -38.24 10.22 -0.25
N THR C 51 -37.47 10.06 0.83
CA THR C 51 -37.72 10.82 2.07
C THR C 51 -36.70 11.93 2.33
N MET C 52 -36.02 12.37 1.28
CA MET C 52 -35.13 13.52 1.41
C MET C 52 -35.17 14.38 0.16
N TRP C 53 -34.81 15.66 0.33
CA TRP C 53 -34.58 16.58 -0.78
C TRP C 53 -33.65 17.67 -0.31
N ARG C 54 -32.76 18.10 -1.21
CA ARG C 54 -31.82 19.19 -0.92
C ARG C 54 -31.97 20.39 -1.86
N GLY C 55 -32.36 20.15 -3.11
CA GLY C 55 -32.59 21.27 -4.04
C GLY C 55 -31.39 21.77 -4.83
N LEU C 56 -30.53 20.86 -5.29
CA LEU C 56 -29.36 21.29 -6.07
C LEU C 56 -29.73 22.06 -7.33
N GLU C 57 -30.84 21.70 -7.97
CA GLU C 57 -31.26 22.36 -9.20
C GLU C 57 -31.57 23.83 -8.92
N VAL C 58 -32.16 24.09 -7.76
CA VAL C 58 -32.46 25.46 -7.34
C VAL C 58 -31.17 26.24 -7.00
N ILE C 59 -30.30 25.59 -6.25
CA ILE C 59 -29.04 26.17 -5.80
C ILE C 59 -28.15 26.60 -6.96
N LEU C 60 -28.20 25.86 -8.07
CA LEU C 60 -27.35 26.15 -9.22
C LEU C 60 -27.69 27.43 -9.98
N ARG C 61 -28.94 27.90 -9.84
CA ARG C 61 -29.42 29.05 -10.61
CA ARG C 61 -29.39 29.02 -10.63
C ARG C 61 -28.54 30.28 -10.40
N GLY C 62 -28.13 30.90 -11.51
CA GLY C 62 -27.34 32.13 -11.46
C GLY C 62 -25.84 31.92 -11.31
N ARG C 63 -25.40 30.67 -11.16
CA ARG C 63 -23.97 30.38 -10.98
C ARG C 63 -23.28 30.17 -12.32
N ASP C 64 -21.96 30.01 -12.27
CA ASP C 64 -21.14 29.89 -13.47
C ASP C 64 -21.17 28.43 -13.92
N PRO C 65 -21.51 28.17 -15.20
CA PRO C 65 -21.51 26.77 -15.67
C PRO C 65 -20.20 26.02 -15.38
N ARG C 66 -19.08 26.72 -15.33
CA ARG C 66 -17.78 26.06 -15.10
C ARG C 66 -17.65 25.53 -13.68
N ASP C 67 -18.45 26.07 -12.77
CA ASP C 67 -18.43 25.67 -11.35
C ASP C 67 -19.43 24.53 -11.07
N ALA C 68 -20.35 24.31 -11.99
CA ALA C 68 -21.49 23.43 -11.73
C ALA C 68 -21.08 22.02 -11.32
N TRP C 69 -20.03 21.50 -11.96
CA TRP C 69 -19.67 20.09 -11.76
C TRP C 69 -19.43 19.80 -10.28
N ALA C 70 -18.86 20.75 -9.55
CA ALA C 70 -18.48 20.51 -8.16
C ALA C 70 -19.71 20.48 -7.26
N PHE C 71 -20.69 21.33 -7.57
CA PHE C 71 -21.95 21.35 -6.84
C PHE C 71 -22.69 20.04 -7.04
N VAL C 72 -22.88 19.66 -8.30
CA VAL C 72 -23.67 18.47 -8.59
C VAL C 72 -22.93 17.18 -8.23
N GLU C 73 -21.60 17.20 -8.16
CA GLU C 73 -20.88 16.02 -7.71
C GLU C 73 -21.39 15.61 -6.32
N ARG C 74 -21.66 16.62 -5.51
CA ARG C 74 -22.17 16.42 -4.15
C ARG C 74 -23.62 16.02 -4.08
N ILE C 75 -24.26 15.78 -5.23
CA ILE C 75 -25.52 15.06 -5.20
C ILE C 75 -25.30 13.70 -4.53
N CYS C 76 -24.10 13.13 -4.71
CA CYS C 76 -23.90 11.78 -4.21
C CYS C 76 -22.45 11.41 -3.98
N GLY C 77 -22.19 10.86 -2.80
CA GLY C 77 -20.84 10.45 -2.42
C GLY C 77 -20.57 8.99 -2.68
N VAL C 78 -21.62 8.27 -3.02
CA VAL C 78 -21.50 6.85 -3.38
C VAL C 78 -21.16 6.74 -4.87
N CYS C 79 -22.02 7.28 -5.73
CA CYS C 79 -21.72 7.37 -7.16
C CYS C 79 -20.89 8.64 -7.42
N THR C 80 -19.79 8.74 -6.68
CA THR C 80 -19.02 9.97 -6.67
C THR C 80 -18.25 10.15 -7.96
N GLY C 81 -18.48 11.30 -8.60
CA GLY C 81 -17.86 11.60 -9.88
C GLY C 81 -18.83 11.60 -11.04
N CYS C 82 -19.83 10.70 -11.01
CA CYS C 82 -20.66 10.56 -12.19
C CYS C 82 -21.44 11.85 -12.52
N HIS C 83 -21.84 12.58 -11.49
CA HIS C 83 -22.55 13.84 -11.71
C HIS C 83 -21.60 14.93 -12.21
N ALA C 84 -20.35 14.91 -11.77
CA ALA C 84 -19.36 15.86 -12.29
C ALA C 84 -19.16 15.57 -13.78
N LEU C 85 -19.08 14.29 -14.14
CA LEU C 85 -18.93 13.91 -15.53
C LEU C 85 -20.12 14.34 -16.38
N ALA C 86 -21.34 14.10 -15.88
CA ALA C 86 -22.52 14.55 -16.61
C ALA C 86 -22.51 16.06 -16.80
N SER C 87 -22.07 16.77 -15.76
CA SER C 87 -22.08 18.23 -15.78
C SER C 87 -21.11 18.80 -16.81
N VAL C 88 -19.85 18.38 -16.75
CA VAL C 88 -18.88 18.86 -17.73
C VAL C 88 -19.30 18.49 -19.16
N ARG C 89 -19.87 17.29 -19.33
CA ARG C 89 -20.38 16.91 -20.65
C ARG C 89 -21.54 17.81 -21.09
N ALA C 90 -22.43 18.18 -20.17
CA ALA C 90 -23.56 19.04 -20.50
C ALA C 90 -23.07 20.43 -20.92
N VAL C 91 -22.11 20.96 -20.18
CA VAL C 91 -21.58 22.29 -20.49
C VAL C 91 -20.83 22.25 -21.83
N GLU C 92 -20.00 21.22 -22.01
CA GLU C 92 -19.28 21.03 -23.27
C GLU C 92 -20.24 20.88 -24.46
N ASP C 93 -21.35 20.16 -24.25
CA ASP C 93 -22.39 20.06 -25.27
C ASP C 93 -23.01 21.42 -25.61
N ALA C 94 -23.41 22.17 -24.58
CA ALA C 94 -23.97 23.52 -24.77
C ALA C 94 -23.06 24.46 -25.54
N LEU C 95 -21.77 24.39 -25.24
CA LEU C 95 -20.79 25.34 -25.78
C LEU C 95 -19.96 24.81 -26.96
N ASP C 96 -20.30 23.62 -27.45
CA ASP C 96 -19.59 22.99 -28.57
CA ASP C 96 -19.59 23.00 -28.58
C ASP C 96 -18.09 22.88 -28.31
N ILE C 97 -17.75 22.34 -27.14
CA ILE C 97 -16.37 22.09 -26.74
C ILE C 97 -16.04 20.61 -26.99
N LYS C 98 -15.01 20.35 -27.78
CA LYS C 98 -14.49 19.00 -27.95
C LYS C 98 -13.20 18.86 -27.14
N ILE C 99 -13.11 17.81 -26.33
CA ILE C 99 -11.97 17.65 -25.44
C ILE C 99 -10.89 16.77 -26.07
N PRO C 100 -9.62 16.89 -25.62
CA PRO C 100 -8.58 16.02 -26.18
C PRO C 100 -8.83 14.55 -25.87
N HIS C 101 -8.30 13.67 -26.72
CA HIS C 101 -8.54 12.23 -26.54
CA HIS C 101 -8.44 12.22 -26.57
C HIS C 101 -8.11 11.72 -25.16
N ASN C 102 -7.00 12.23 -24.62
CA ASN C 102 -6.56 11.76 -23.30
C ASN C 102 -7.54 12.16 -22.22
N ALA C 103 -8.20 13.32 -22.38
CA ALA C 103 -9.23 13.72 -21.43
C ALA C 103 -10.42 12.77 -21.51
N THR C 104 -10.83 12.42 -22.72
CA THR C 104 -11.91 11.44 -22.90
C THR C 104 -11.55 10.14 -22.18
N LEU C 105 -10.33 9.67 -22.42
CA LEU C 105 -9.87 8.40 -21.87
C LEU C 105 -9.77 8.45 -20.34
N ILE C 106 -9.20 9.53 -19.80
CA ILE C 106 -9.05 9.58 -18.37
C ILE C 106 -10.40 9.66 -17.67
N ARG C 107 -11.34 10.40 -18.26
CA ARG C 107 -12.69 10.43 -17.72
C ARG C 107 -13.34 9.03 -17.73
N GLU C 108 -13.12 8.29 -18.82
CA GLU C 108 -13.68 6.95 -18.89
CA GLU C 108 -13.64 6.92 -18.94
C GLU C 108 -12.99 6.00 -17.90
N ILE C 109 -11.69 6.16 -17.69
CA ILE C 109 -11.00 5.37 -16.67
C ILE C 109 -11.55 5.67 -15.27
N MET C 110 -11.78 6.95 -14.98
CA MET C 110 -12.40 7.33 -13.70
C MET C 110 -13.81 6.77 -13.58
N ALA C 111 -14.58 6.79 -14.68
CA ALA C 111 -15.95 6.25 -14.67
C ALA C 111 -15.93 4.75 -14.39
N LYS C 112 -15.01 4.05 -15.02
CA LYS C 112 -14.98 2.60 -14.84
C LYS C 112 -14.46 2.20 -13.47
N THR C 113 -13.56 3.01 -12.91
CA THR C 113 -13.11 2.85 -11.53
C THR C 113 -14.31 2.95 -10.61
N LEU C 114 -15.13 3.98 -10.82
CA LEU C 114 -16.33 4.17 -10.01
C LEU C 114 -17.28 2.95 -10.14
N GLN C 115 -17.53 2.50 -11.38
CA GLN C 115 -18.40 1.34 -11.61
CA GLN C 115 -18.40 1.34 -11.60
C GLN C 115 -17.94 0.16 -10.76
N ILE C 116 -16.64 -0.11 -10.78
CA ILE C 116 -16.09 -1.28 -10.09
C ILE C 116 -16.22 -1.11 -8.57
N HIS C 117 -15.77 0.04 -8.07
CA HIS C 117 -15.86 0.29 -6.66
C HIS C 117 -17.29 0.21 -6.16
N ASP C 118 -18.18 0.92 -6.86
CA ASP C 118 -19.56 1.06 -6.46
C ASP C 118 -20.23 -0.32 -6.49
N HIS C 119 -20.04 -1.06 -7.57
CA HIS C 119 -20.70 -2.36 -7.70
C HIS C 119 -20.24 -3.34 -6.62
N ILE C 120 -18.93 -3.41 -6.37
CA ILE C 120 -18.39 -4.30 -5.33
C ILE C 120 -18.90 -3.95 -3.93
N VAL C 121 -18.81 -2.67 -3.56
CA VAL C 121 -19.27 -2.26 -2.25
C VAL C 121 -20.77 -2.41 -2.13
N HIS C 122 -21.50 -2.14 -3.20
CA HIS C 122 -22.92 -2.41 -3.14
C HIS C 122 -23.21 -3.88 -2.82
N PHE C 123 -22.62 -4.78 -3.58
CA PHE C 123 -23.00 -6.16 -3.40
C PHE C 123 -22.66 -6.64 -2.00
N TYR C 124 -21.42 -6.41 -1.57
CA TYR C 124 -21.00 -6.93 -0.28
C TYR C 124 -21.58 -6.16 0.89
N HIS C 125 -21.44 -4.84 0.86
CA HIS C 125 -21.69 -4.08 2.07
C HIS C 125 -23.11 -3.59 2.23
N LEU C 126 -23.86 -3.57 1.12
CA LEU C 126 -25.26 -3.12 1.17
C LEU C 126 -26.22 -4.28 0.89
N HIS C 127 -25.88 -5.12 -0.07
CA HIS C 127 -26.81 -6.14 -0.53
C HIS C 127 -26.68 -7.48 0.18
N ALA C 128 -25.46 -7.88 0.51
CA ALA C 128 -25.21 -9.29 0.87
C ALA C 128 -26.02 -9.75 2.07
N LEU C 129 -26.29 -8.86 3.02
CA LEU C 129 -27.02 -9.27 4.22
C LEU C 129 -28.50 -9.58 3.97
N ASP C 130 -28.96 -9.45 2.73
CA ASP C 130 -30.30 -9.91 2.33
C ASP C 130 -30.24 -11.37 1.86
N TRP C 131 -29.03 -11.88 1.64
CA TRP C 131 -28.81 -13.22 1.12
C TRP C 131 -28.00 -14.08 2.09
N VAL C 132 -27.26 -13.42 2.97
CA VAL C 132 -26.24 -14.02 3.81
C VAL C 132 -26.61 -13.84 5.28
N ASN C 133 -26.56 -14.95 6.01
CA ASN C 133 -26.84 -14.96 7.45
C ASN C 133 -25.54 -15.15 8.24
N PRO C 134 -24.96 -14.05 8.77
CA PRO C 134 -23.70 -14.18 9.49
C PRO C 134 -23.75 -15.05 10.75
N VAL C 135 -24.92 -15.16 11.37
CA VAL C 135 -25.08 -16.01 12.55
C VAL C 135 -24.95 -17.47 12.14
N ASN C 136 -25.55 -17.82 11.01
CA ASN C 136 -25.48 -19.18 10.47
C ASN C 136 -24.05 -19.55 10.07
N ALA C 137 -23.25 -18.56 9.69
CA ALA C 137 -21.84 -18.78 9.37
C ALA C 137 -21.08 -19.44 10.52
N LEU C 138 -21.51 -19.18 11.75
CA LEU C 138 -20.84 -19.68 12.95
C LEU C 138 -20.97 -21.19 13.09
N LYS C 139 -21.90 -21.78 12.33
CA LYS C 139 -22.13 -23.21 12.33
C LYS C 139 -21.35 -23.96 11.25
N ALA C 140 -20.67 -23.23 10.38
CA ALA C 140 -19.96 -23.85 9.25
C ALA C 140 -18.80 -24.72 9.68
N ASP C 141 -18.56 -25.78 8.92
CA ASP C 141 -17.34 -26.54 9.03
C ASP C 141 -16.26 -25.86 8.16
N PRO C 142 -15.12 -25.49 8.77
CA PRO C 142 -14.07 -24.80 8.00
C PRO C 142 -13.54 -25.61 6.82
N GLN C 143 -13.39 -26.94 6.97
CA GLN C 143 -12.89 -27.77 5.87
CA GLN C 143 -12.89 -27.76 5.87
C GLN C 143 -13.87 -27.75 4.70
N ALA C 144 -15.17 -27.90 5.01
CA ALA C 144 -16.20 -27.87 3.98
C ALA C 144 -16.30 -26.48 3.34
N THR C 145 -16.05 -25.42 4.12
CA THR C 145 -16.05 -24.05 3.59
C THR C 145 -14.92 -23.91 2.56
N SER C 146 -13.75 -24.44 2.90
CA SER C 146 -12.62 -24.48 1.97
C SER C 146 -12.98 -25.21 0.68
N GLU C 147 -13.65 -26.37 0.81
CA GLU C 147 -14.05 -27.10 -0.38
C GLU C 147 -15.03 -26.32 -1.24
N LEU C 148 -15.99 -25.67 -0.61
CA LEU C 148 -16.93 -24.84 -1.36
C LEU C 148 -16.18 -23.71 -2.09
N GLN C 149 -15.26 -23.05 -1.39
CA GLN C 149 -14.50 -21.92 -1.93
C GLN C 149 -13.75 -22.38 -3.18
N LYS C 150 -13.14 -23.56 -3.12
CA LYS C 150 -12.34 -24.04 -4.22
C LYS C 150 -13.19 -24.32 -5.46
N LEU C 151 -14.44 -24.73 -5.24
CA LEU C 151 -15.36 -24.97 -6.35
CA LEU C 151 -15.39 -24.98 -6.32
C LEU C 151 -15.91 -23.66 -6.91
N VAL C 152 -16.22 -22.72 -6.01
CA VAL C 152 -16.78 -21.42 -6.40
C VAL C 152 -15.78 -20.61 -7.22
N SER C 153 -14.52 -20.61 -6.80
CA SER C 153 -13.50 -19.82 -7.48
C SER C 153 -12.14 -20.47 -7.31
N PRO C 154 -11.83 -21.42 -8.20
CA PRO C 154 -10.58 -22.17 -8.08
C PRO C 154 -9.31 -21.33 -8.06
N HIS C 155 -9.32 -20.18 -8.72
CA HIS C 155 -8.11 -19.37 -8.81
C HIS C 155 -7.88 -18.50 -7.57
N HIS C 156 -8.92 -18.24 -6.78
CA HIS C 156 -8.74 -17.36 -5.63
C HIS C 156 -7.81 -18.01 -4.62
N PRO C 157 -6.70 -17.34 -4.23
CA PRO C 157 -5.78 -18.08 -3.36
C PRO C 157 -6.25 -18.34 -1.92
N MET C 158 -7.19 -17.53 -1.45
CA MET C 158 -7.53 -17.45 -0.02
CA MET C 158 -7.50 -17.49 -0.01
C MET C 158 -8.57 -18.51 0.35
N SER C 159 -8.14 -19.75 0.51
CA SER C 159 -9.10 -20.82 0.72
C SER C 159 -8.79 -21.73 1.89
N SER C 160 -7.72 -21.50 2.64
CA SER C 160 -7.33 -22.44 3.71
CA SER C 160 -7.34 -22.49 3.65
C SER C 160 -8.43 -22.67 4.72
N PRO C 161 -8.67 -23.93 5.13
CA PRO C 161 -9.60 -24.17 6.20
C PRO C 161 -9.26 -23.34 7.46
N GLY C 162 -7.98 -23.20 7.76
CA GLY C 162 -7.53 -22.46 8.93
C GLY C 162 -7.89 -20.98 8.83
N TYR C 163 -7.87 -20.44 7.61
CA TYR C 163 -8.29 -19.05 7.35
C TYR C 163 -9.78 -18.90 7.63
N PHE C 164 -10.60 -19.81 7.08
CA PHE C 164 -12.03 -19.73 7.34
C PHE C 164 -12.35 -19.92 8.83
N LYS C 165 -11.60 -20.80 9.49
CA LYS C 165 -11.74 -21.02 10.93
CA LYS C 165 -11.76 -21.02 10.93
C LYS C 165 -11.41 -19.73 11.69
N ASP C 166 -10.33 -19.06 11.28
CA ASP C 166 -9.92 -17.82 11.93
C ASP C 166 -10.96 -16.71 11.77
N ILE C 167 -11.55 -16.62 10.59
CA ILE C 167 -12.64 -15.65 10.34
C ILE C 167 -13.81 -15.98 11.25
N GLN C 168 -14.15 -17.25 11.32
CA GLN C 168 -15.24 -17.70 12.17
C GLN C 168 -15.00 -17.37 13.63
N ILE C 169 -13.77 -17.60 14.10
CA ILE C 169 -13.38 -17.26 15.48
C ILE C 169 -13.60 -15.77 15.76
N ARG C 170 -13.22 -14.93 14.80
CA ARG C 170 -13.42 -13.50 14.96
C ARG C 170 -14.91 -13.11 15.04
N ILE C 171 -15.74 -13.70 14.18
CA ILE C 171 -17.16 -13.39 14.20
C ILE C 171 -17.78 -13.94 15.49
N GLN C 172 -17.32 -15.11 15.93
CA GLN C 172 -17.79 -15.68 17.20
C GLN C 172 -17.49 -14.76 18.39
N LYS C 173 -16.26 -14.23 18.41
CA LYS C 173 -15.84 -13.28 19.45
C LYS C 173 -16.73 -12.03 19.46
N PHE C 174 -17.02 -11.53 18.26
CA PHE C 174 -17.89 -10.36 18.08
C PHE C 174 -19.29 -10.66 18.65
N VAL C 175 -19.87 -11.77 18.23
CA VAL C 175 -21.19 -12.17 18.71
C VAL C 175 -21.18 -12.38 20.23
N ASP C 176 -20.13 -13.02 20.74
CA ASP C 176 -20.04 -13.37 22.16
C ASP C 176 -19.92 -12.14 23.05
N SER C 177 -19.42 -11.04 22.49
CA SER C 177 -19.26 -9.78 23.21
C SER C 177 -20.60 -9.18 23.63
N GLY C 178 -21.68 -9.62 22.96
CA GLY C 178 -23.01 -9.08 23.20
C GLY C 178 -23.24 -7.68 22.62
N GLN C 179 -22.24 -7.13 21.93
CA GLN C 179 -22.38 -5.86 21.20
C GLN C 179 -22.44 -6.20 19.72
N LEU C 180 -23.66 -6.39 19.23
CA LEU C 180 -23.86 -6.98 17.91
C LEU C 180 -23.78 -6.01 16.76
N GLY C 181 -23.74 -4.72 17.09
CA GLY C 181 -23.54 -3.67 16.10
C GLY C 181 -24.54 -3.77 14.95
N ILE C 182 -24.02 -3.79 13.73
CA ILE C 182 -24.85 -3.77 12.54
C ILE C 182 -25.69 -5.03 12.36
N PHE C 183 -25.32 -6.09 13.06
CA PHE C 183 -26.06 -7.35 12.98
C PHE C 183 -27.28 -7.40 13.90
N LYS C 184 -27.36 -6.48 14.87
CA LYS C 184 -28.43 -6.49 15.87
C LYS C 184 -29.83 -6.43 15.25
N ASN C 185 -30.71 -7.33 15.69
CA ASN C 185 -32.09 -7.38 15.21
C ASN C 185 -32.23 -7.76 13.73
N GLY C 186 -31.15 -8.26 13.13
CA GLY C 186 -31.24 -8.83 11.79
C GLY C 186 -32.23 -9.97 11.78
N TYR C 187 -32.83 -10.24 10.62
CA TYR C 187 -33.92 -11.22 10.53
C TYR C 187 -33.40 -12.63 10.37
N TRP C 188 -32.47 -13.02 11.23
CA TRP C 188 -31.65 -14.21 11.03
C TRP C 188 -32.38 -15.56 11.17
N SER C 189 -33.55 -15.55 11.82
CA SER C 189 -34.34 -16.78 11.94
C SER C 189 -35.34 -16.92 10.79
N ASN C 190 -35.36 -15.92 9.88
CA ASN C 190 -36.29 -15.94 8.75
C ASN C 190 -35.88 -17.03 7.74
N PRO C 191 -36.82 -17.95 7.41
CA PRO C 191 -36.53 -19.02 6.43
C PRO C 191 -36.17 -18.54 5.03
N ALA C 192 -36.36 -17.24 4.75
CA ALA C 192 -35.95 -16.64 3.48
C ALA C 192 -34.43 -16.76 3.22
N TYR C 193 -33.66 -16.89 4.30
CA TYR C 193 -32.21 -17.14 4.21
C TYR C 193 -31.95 -18.59 3.84
N LYS C 194 -31.35 -18.80 2.66
CA LYS C 194 -31.23 -20.15 2.07
CA LYS C 194 -31.23 -20.14 2.07
C LYS C 194 -29.81 -20.67 1.93
N LEU C 195 -28.80 -19.87 2.27
CA LEU C 195 -27.43 -20.39 2.20
C LEU C 195 -27.15 -21.47 3.24
N SER C 196 -26.28 -22.41 2.88
CA SER C 196 -25.66 -23.32 3.85
C SER C 196 -24.77 -22.51 4.78
N PRO C 197 -24.45 -23.02 5.98
CA PRO C 197 -23.52 -22.31 6.86
C PRO C 197 -22.17 -22.06 6.18
N GLU C 198 -21.73 -22.99 5.34
CA GLU C 198 -20.44 -22.88 4.64
C GLU C 198 -20.48 -21.73 3.65
N ALA C 199 -21.56 -21.61 2.89
CA ALA C 199 -21.73 -20.47 1.97
C ALA C 199 -21.87 -19.16 2.73
N ASP C 200 -22.55 -19.17 3.87
CA ASP C 200 -22.60 -17.96 4.71
C ASP C 200 -21.21 -17.54 5.16
N LEU C 201 -20.39 -18.49 5.62
CA LEU C 201 -19.04 -18.18 6.08
C LEU C 201 -18.16 -17.69 4.95
N MET C 202 -18.25 -18.32 3.78
CA MET C 202 -17.49 -17.89 2.62
C MET C 202 -17.86 -16.44 2.30
N ALA C 203 -19.15 -16.15 2.28
CA ALA C 203 -19.64 -14.81 1.94
C ALA C 203 -19.22 -13.75 2.95
N VAL C 204 -19.30 -14.06 4.23
CA VAL C 204 -18.84 -13.15 5.29
C VAL C 204 -17.34 -12.88 5.13
N THR C 205 -16.57 -13.92 4.85
CA THR C 205 -15.13 -13.77 4.61
C THR C 205 -14.91 -12.82 3.45
N HIS C 206 -15.68 -12.95 2.38
CA HIS C 206 -15.50 -12.10 1.21
C HIS C 206 -16.02 -10.68 1.45
N TYR C 207 -17.00 -10.51 2.32
CA TYR C 207 -17.45 -9.18 2.75
C TYR C 207 -16.24 -8.46 3.35
N LEU C 208 -15.46 -9.13 4.18
CA LEU C 208 -14.28 -8.54 4.79
C LEU C 208 -13.18 -8.29 3.78
N GLU C 209 -12.92 -9.24 2.89
CA GLU C 209 -11.93 -9.05 1.83
C GLU C 209 -12.29 -7.87 0.94
N ALA C 210 -13.57 -7.72 0.65
CA ALA C 210 -14.06 -6.62 -0.20
C ALA C 210 -13.90 -5.28 0.49
N LEU C 211 -14.13 -5.27 1.79
CA LEU C 211 -13.95 -4.04 2.56
C LEU C 211 -12.49 -3.61 2.54
N ASP C 212 -11.56 -4.56 2.61
CA ASP C 212 -10.14 -4.25 2.51
C ASP C 212 -9.75 -3.81 1.09
N PHE C 213 -10.33 -4.46 0.09
CA PHE C 213 -9.96 -4.21 -1.32
C PHE C 213 -10.46 -2.85 -1.80
N GLN C 214 -11.68 -2.49 -1.43
CA GLN C 214 -12.33 -1.36 -2.11
C GLN C 214 -11.56 -0.05 -2.01
N LYS C 215 -10.81 0.12 -0.93
CA LYS C 215 -10.07 1.36 -0.72
C LYS C 215 -8.91 1.47 -1.72
N GLU C 216 -8.50 0.35 -2.31
CA GLU C 216 -7.39 0.35 -3.26
C GLU C 216 -7.77 0.93 -4.61
N ILE C 217 -8.89 0.46 -5.16
CA ILE C 217 -9.18 0.78 -6.55
C ILE C 217 -9.42 2.28 -6.74
N VAL C 218 -9.99 2.93 -5.73
CA VAL C 218 -10.25 4.38 -5.83
C VAL C 218 -8.98 5.23 -5.83
N LYS C 219 -7.83 4.61 -5.56
CA LYS C 219 -6.57 5.33 -5.75
C LYS C 219 -6.39 5.79 -7.19
N ILE C 220 -7.09 5.19 -8.14
CA ILE C 220 -7.10 5.69 -9.52
C ILE C 220 -7.78 7.07 -9.57
N HIS C 221 -8.88 7.23 -8.83
CA HIS C 221 -9.48 8.57 -8.70
C HIS C 221 -8.53 9.55 -8.03
N ALA C 222 -7.80 9.10 -7.01
CA ALA C 222 -6.88 10.02 -6.32
C ALA C 222 -5.81 10.49 -7.29
N ILE C 223 -5.29 9.60 -8.12
CA ILE C 223 -4.26 9.96 -9.07
C ILE C 223 -4.77 10.94 -10.13
N PHE C 224 -5.85 10.62 -10.82
CA PHE C 224 -6.34 11.50 -11.87
C PHE C 224 -7.17 12.68 -11.36
N GLY C 225 -7.79 12.52 -10.20
CA GLY C 225 -8.75 13.50 -9.70
C GLY C 225 -8.49 14.06 -8.31
N GLY C 226 -7.33 13.75 -7.73
CA GLY C 226 -6.92 14.35 -6.46
C GLY C 226 -7.37 13.63 -5.21
N LYS C 227 -8.55 13.01 -5.24
CA LYS C 227 -9.17 12.51 -4.01
C LYS C 227 -10.38 11.66 -4.37
N ASN C 228 -10.71 10.73 -3.46
CA ASN C 228 -11.95 9.99 -3.49
C ASN C 228 -12.42 9.77 -2.05
N PRO C 229 -13.70 10.03 -1.76
CA PRO C 229 -14.72 10.56 -2.64
C PRO C 229 -14.46 11.98 -3.18
N HIS C 230 -15.21 12.28 -4.24
CA HIS C 230 -15.33 13.62 -4.85
C HIS C 230 -14.08 14.09 -5.57
N PRO C 231 -13.65 13.34 -6.61
CA PRO C 231 -12.51 13.79 -7.43
C PRO C 231 -12.82 15.03 -8.24
N ASN C 232 -11.78 15.73 -8.63
CA ASN C 232 -11.95 16.96 -9.41
C ASN C 232 -12.08 16.72 -10.90
N TYR C 233 -12.87 17.58 -11.53
CA TYR C 233 -13.12 17.59 -12.97
C TYR C 233 -12.95 19.04 -13.44
N MET C 234 -13.04 19.25 -14.75
CA MET C 234 -13.11 20.61 -15.28
CA MET C 234 -13.08 20.61 -15.30
C MET C 234 -13.71 20.64 -16.69
N VAL C 235 -14.31 21.76 -17.04
CA VAL C 235 -14.86 21.93 -18.36
C VAL C 235 -13.70 22.08 -19.36
N GLY C 236 -13.70 21.24 -20.39
CA GLY C 236 -12.71 21.33 -21.46
C GLY C 236 -11.59 20.31 -21.39
N GLY C 237 -11.52 19.52 -20.32
CA GLY C 237 -10.49 18.50 -20.26
C GLY C 237 -10.38 17.89 -18.90
N VAL C 238 -9.18 17.48 -18.51
CA VAL C 238 -8.90 16.97 -17.16
C VAL C 238 -7.73 17.78 -16.59
N PRO C 239 -7.74 18.06 -15.26
CA PRO C 239 -6.67 18.93 -14.72
C PRO C 239 -5.33 18.22 -14.52
N CYS C 240 -5.32 16.89 -14.65
CA CYS C 240 -4.11 16.11 -14.36
C CYS C 240 -3.17 16.08 -15.55
N ALA C 241 -2.46 17.18 -15.73
CA ALA C 241 -1.56 17.34 -16.84
C ALA C 241 -0.46 16.27 -16.85
N ILE C 242 -0.06 15.92 -18.07
CA ILE C 242 0.86 14.79 -18.32
C ILE C 242 2.24 15.28 -18.73
N ASN C 243 3.27 14.75 -18.06
CA ASN C 243 4.66 15.03 -18.40
C ASN C 243 5.47 13.81 -18.04
N ILE C 244 5.85 13.03 -19.05
CA ILE C 244 6.51 11.74 -18.79
C ILE C 244 8.03 11.90 -18.73
N ASP C 245 8.60 12.70 -19.63
CA ASP C 245 10.03 12.72 -19.93
CA ASP C 245 10.06 12.76 -19.62
C ASP C 245 10.66 14.13 -19.86
N GLY C 246 9.86 15.16 -19.59
CA GLY C 246 10.35 16.53 -19.68
C GLY C 246 10.79 17.12 -18.36
N ASP C 247 11.27 18.36 -18.45
CA ASP C 247 11.64 19.11 -17.26
CA ASP C 247 11.63 19.15 -17.30
C ASP C 247 10.51 19.12 -16.25
N MET C 248 10.88 18.78 -15.00
CA MET C 248 9.99 18.77 -13.83
CA MET C 248 9.94 18.83 -13.87
C MET C 248 8.87 17.73 -13.90
N ALA C 249 9.10 16.66 -14.67
CA ALA C 249 8.11 15.59 -14.77
C ALA C 249 7.67 15.05 -13.42
N ALA C 250 8.62 14.90 -12.48
CA ALA C 250 8.30 14.35 -11.16
C ALA C 250 7.24 15.17 -10.43
N GLY C 251 7.18 16.46 -10.74
CA GLY C 251 6.17 17.33 -10.17
C GLY C 251 4.87 17.48 -10.95
N ALA C 252 4.76 16.83 -12.11
CA ALA C 252 3.50 16.89 -12.87
C ALA C 252 2.49 15.94 -12.25
N PRO C 253 1.20 16.26 -12.40
CA PRO C 253 0.18 15.30 -11.95
C PRO C 253 0.39 13.88 -12.48
N ILE C 254 0.67 13.73 -13.78
CA ILE C 254 0.80 12.38 -14.36
C ILE C 254 2.18 12.25 -14.96
N ASN C 255 2.94 11.31 -14.43
CA ASN C 255 4.29 11.02 -14.87
C ASN C 255 4.45 9.50 -14.93
N MET C 256 5.66 9.01 -15.20
CA MET C 256 5.87 7.58 -15.38
C MET C 256 5.45 6.79 -14.14
N GLU C 257 5.83 7.27 -12.96
CA GLU C 257 5.53 6.54 -11.72
C GLU C 257 4.02 6.50 -11.49
N ARG C 258 3.31 7.59 -11.78
CA ARG C 258 1.86 7.61 -11.61
C ARG C 258 1.17 6.63 -12.56
N LEU C 259 1.66 6.55 -13.81
CA LEU C 259 1.10 5.60 -14.78
C LEU C 259 1.33 4.18 -14.34
N ASN C 260 2.51 3.88 -13.82
CA ASN C 260 2.78 2.54 -13.29
C ASN C 260 1.85 2.21 -12.13
N PHE C 261 1.54 3.18 -11.29
CA PHE C 261 0.62 2.99 -10.17
C PHE C 261 -0.77 2.65 -10.71
N VAL C 262 -1.26 3.43 -11.67
CA VAL C 262 -2.57 3.16 -12.29
C VAL C 262 -2.61 1.74 -12.86
N LYS C 263 -1.59 1.32 -13.61
CA LYS C 263 -1.55 -0.03 -14.14
C LYS C 263 -1.76 -1.06 -13.04
N SER C 264 -1.03 -0.91 -11.95
CA SER C 264 -1.10 -1.87 -10.85
CA SER C 264 -1.09 -1.87 -10.85
C SER C 264 -2.51 -1.93 -10.27
N LEU C 265 -3.12 -0.78 -10.08
CA LEU C 265 -4.44 -0.70 -9.50
C LEU C 265 -5.52 -1.33 -10.39
N ILE C 266 -5.43 -1.07 -11.70
CA ILE C 266 -6.36 -1.68 -12.66
C ILE C 266 -6.30 -3.20 -12.57
N GLU C 267 -5.09 -3.74 -12.55
CA GLU C 267 -4.95 -5.19 -12.55
C GLU C 267 -5.48 -5.80 -11.26
N GLN C 268 -5.29 -5.14 -10.13
CA GLN C 268 -5.86 -5.60 -8.87
C GLN C 268 -7.38 -5.63 -8.91
N GLY C 269 -8.03 -4.64 -9.50
CA GLY C 269 -9.46 -4.62 -9.65
C GLY C 269 -9.96 -5.75 -10.54
N ARG C 270 -9.31 -5.97 -11.68
CA ARG C 270 -9.68 -7.05 -12.58
C ARG C 270 -9.65 -8.38 -11.86
N THR C 271 -8.59 -8.61 -11.09
CA THR C 271 -8.42 -9.85 -10.33
CA THR C 271 -8.46 -9.88 -10.37
C THR C 271 -9.55 -10.04 -9.33
N PHE C 272 -9.89 -9.00 -8.59
CA PHE C 272 -10.96 -9.12 -7.60
C PHE C 272 -12.31 -9.38 -8.26
N ASN C 273 -12.59 -8.71 -9.37
CA ASN C 273 -13.83 -8.96 -10.13
C ASN C 273 -13.97 -10.42 -10.49
N THR C 274 -12.92 -10.96 -11.08
CA THR C 274 -13.01 -12.30 -11.63
CA THR C 274 -12.92 -12.30 -11.66
C THR C 274 -12.79 -13.40 -10.61
N ASN C 275 -11.99 -13.17 -9.58
CA ASN C 275 -11.75 -14.23 -8.58
C ASN C 275 -12.66 -14.21 -7.37
N VAL C 276 -13.29 -13.08 -7.09
CA VAL C 276 -14.10 -12.99 -5.88
C VAL C 276 -15.55 -12.63 -6.20
N TYR C 277 -15.76 -11.49 -6.81
CA TYR C 277 -17.08 -10.92 -6.94
C TYR C 277 -18.01 -11.70 -7.87
N VAL C 278 -17.64 -11.81 -9.14
CA VAL C 278 -18.47 -12.56 -10.09
C VAL C 278 -18.77 -14.01 -9.64
N PRO C 279 -17.74 -14.76 -9.19
CA PRO C 279 -18.04 -16.13 -8.77
C PRO C 279 -19.00 -16.20 -7.58
N ASP C 280 -18.90 -15.28 -6.64
CA ASP C 280 -19.80 -15.25 -5.49
C ASP C 280 -21.25 -15.02 -5.91
N VAL C 281 -21.48 -14.07 -6.81
CA VAL C 281 -22.84 -13.76 -7.20
C VAL C 281 -23.47 -14.94 -7.92
N ILE C 282 -22.69 -15.57 -8.80
CA ILE C 282 -23.14 -16.79 -9.49
C ILE C 282 -23.48 -17.90 -8.50
N ALA C 283 -22.59 -18.12 -7.53
CA ALA C 283 -22.80 -19.23 -6.57
C ALA C 283 -23.96 -18.95 -5.62
N ILE C 284 -24.06 -17.71 -5.12
CA ILE C 284 -25.20 -17.34 -4.27
C ILE C 284 -26.51 -17.47 -5.03
N ALA C 285 -26.52 -17.03 -6.30
CA ALA C 285 -27.70 -17.18 -7.16
C ALA C 285 -28.18 -18.64 -7.20
N ALA C 286 -27.22 -19.57 -7.35
CA ALA C 286 -27.54 -20.99 -7.42
C ALA C 286 -28.18 -21.50 -6.13
N PHE C 287 -27.74 -21.05 -4.97
CA PHE C 287 -28.44 -21.39 -3.72
C PHE C 287 -29.89 -20.86 -3.72
N TYR C 288 -30.11 -19.75 -4.43
CA TYR C 288 -31.43 -19.12 -4.49
C TYR C 288 -32.16 -19.42 -5.81
N ARG C 289 -31.84 -20.57 -6.41
CA ARG C 289 -32.32 -20.92 -7.75
C ARG C 289 -33.84 -21.02 -7.84
N ASP C 290 -34.50 -21.22 -6.70
CA ASP C 290 -35.97 -21.33 -6.65
C ASP C 290 -36.64 -20.02 -6.28
N TRP C 291 -35.85 -18.95 -6.22
CA TRP C 291 -36.39 -17.64 -5.84
C TRP C 291 -36.15 -16.66 -6.98
N LEU C 292 -37.08 -16.66 -7.94
CA LEU C 292 -36.91 -15.92 -9.19
C LEU C 292 -37.82 -14.69 -9.31
N TYR C 293 -38.28 -14.21 -8.16
CA TYR C 293 -39.13 -13.02 -8.07
C TYR C 293 -38.32 -11.75 -8.33
N GLY C 294 -39.04 -10.64 -8.52
CA GLY C 294 -38.47 -9.30 -8.53
C GLY C 294 -38.14 -8.71 -9.89
N GLY C 295 -38.52 -9.39 -10.97
CA GLY C 295 -38.27 -8.89 -12.33
C GLY C 295 -38.91 -7.54 -12.62
N GLY C 296 -40.15 -7.35 -12.16
CA GLY C 296 -40.82 -6.07 -12.40
C GLY C 296 -40.82 -5.69 -13.87
N LEU C 297 -40.40 -4.47 -14.17
CA LEU C 297 -40.38 -3.96 -15.53
C LEU C 297 -39.23 -4.48 -16.38
N SER C 298 -38.26 -5.15 -15.76
CA SER C 298 -37.00 -5.48 -16.43
C SER C 298 -37.18 -6.34 -17.68
N ALA C 299 -38.17 -7.21 -17.65
CA ALA C 299 -38.43 -8.06 -18.79
C ALA C 299 -39.20 -7.35 -19.90
N THR C 300 -39.76 -6.17 -19.60
CA THR C 300 -40.63 -5.48 -20.57
C THR C 300 -40.08 -4.15 -21.08
N ASN C 301 -39.75 -3.24 -20.16
CA ASN C 301 -39.40 -1.84 -20.47
C ASN C 301 -38.07 -1.45 -19.82
N VAL C 302 -37.01 -1.32 -20.63
CA VAL C 302 -35.68 -0.94 -20.11
C VAL C 302 -35.05 0.14 -20.98
N MET C 303 -34.21 0.98 -20.39
CA MET C 303 -33.61 2.08 -21.13
C MET C 303 -32.23 2.42 -20.58
N ASP C 304 -31.33 2.79 -21.49
CA ASP C 304 -30.07 3.45 -21.13
C ASP C 304 -29.70 4.41 -22.25
N TYR C 305 -28.94 5.47 -21.95
CA TYR C 305 -28.51 6.38 -23.01
C TYR C 305 -27.40 5.82 -23.88
N GLY C 306 -26.69 4.79 -23.39
CA GLY C 306 -25.56 4.22 -24.11
C GLY C 306 -24.27 4.89 -23.74
N ALA C 307 -23.19 4.12 -23.65
CA ALA C 307 -21.92 4.67 -23.19
C ALA C 307 -20.71 3.89 -23.69
N TYR C 308 -19.54 4.48 -23.47
CA TYR C 308 -18.23 3.90 -23.70
C TYR C 308 -17.96 3.64 -25.18
N PRO C 309 -17.99 4.70 -26.00
CA PRO C 309 -17.72 4.47 -27.42
C PRO C 309 -16.24 4.18 -27.67
N LYS C 310 -15.96 3.13 -28.45
CA LYS C 310 -14.58 2.83 -28.84
C LYS C 310 -13.97 4.00 -29.63
N THR C 311 -14.79 4.71 -30.38
CA THR C 311 -14.38 5.95 -31.05
C THR C 311 -15.02 7.14 -30.36
N PRO C 312 -14.20 8.05 -29.77
CA PRO C 312 -14.77 9.20 -29.06
C PRO C 312 -15.79 9.95 -29.92
N TYR C 313 -16.89 10.34 -29.28
CA TYR C 313 -17.97 11.12 -29.91
C TYR C 313 -18.72 10.38 -31.05
N ASP C 314 -18.58 9.05 -31.10
CA ASP C 314 -19.31 8.22 -32.08
C ASP C 314 -20.13 7.11 -31.40
N LYS C 315 -21.41 7.38 -31.16
CA LYS C 315 -22.27 6.49 -30.37
C LYS C 315 -22.52 5.10 -30.97
N SER C 316 -22.37 4.97 -32.29
CA SER C 316 -22.52 3.68 -32.92
C SER C 316 -21.46 2.69 -32.42
N THR C 317 -20.43 3.20 -31.73
CA THR C 317 -19.36 2.37 -31.18
C THR C 317 -19.47 2.13 -29.67
N ASP C 318 -20.57 2.59 -29.06
CA ASP C 318 -20.83 2.34 -27.64
C ASP C 318 -20.67 0.86 -27.25
N GLN C 319 -19.81 0.60 -26.27
CA GLN C 319 -19.59 -0.76 -25.79
C GLN C 319 -20.71 -1.24 -24.87
N LEU C 320 -21.48 -0.30 -24.36
CA LEU C 320 -22.75 -0.58 -23.71
C LEU C 320 -23.77 0.27 -24.45
N PRO C 321 -24.27 -0.23 -25.59
CA PRO C 321 -25.15 0.57 -26.43
C PRO C 321 -26.51 0.79 -25.77
N GLY C 322 -27.07 1.97 -26.01
CA GLY C 322 -28.31 2.34 -25.38
C GLY C 322 -29.52 2.14 -26.25
N GLY C 323 -30.59 2.84 -25.90
CA GLY C 323 -31.88 2.65 -26.52
C GLY C 323 -32.92 2.27 -25.50
N ALA C 324 -34.11 1.98 -25.99
CA ALA C 324 -35.22 1.54 -25.15
C ALA C 324 -35.85 0.30 -25.75
N ILE C 325 -36.05 -0.69 -24.89
CA ILE C 325 -36.86 -1.85 -25.20
C ILE C 325 -38.18 -1.66 -24.48
N ILE C 326 -39.27 -1.83 -25.22
CA ILE C 326 -40.62 -1.56 -24.73
C ILE C 326 -41.50 -2.77 -25.02
N ASN C 327 -42.38 -3.08 -24.07
CA ASN C 327 -43.35 -4.16 -24.17
C ASN C 327 -42.71 -5.53 -24.42
N GLY C 328 -41.49 -5.69 -23.91
CA GLY C 328 -40.78 -6.97 -23.94
C GLY C 328 -40.27 -7.41 -25.30
N ASP C 329 -40.28 -6.51 -26.28
CA ASP C 329 -39.80 -6.86 -27.61
C ASP C 329 -38.31 -6.55 -27.71
N TRP C 330 -37.50 -7.57 -27.42
CA TRP C 330 -36.06 -7.41 -27.45
C TRP C 330 -35.51 -7.25 -28.87
N GLY C 331 -36.35 -7.52 -29.87
CA GLY C 331 -35.96 -7.40 -31.27
C GLY C 331 -36.08 -6.00 -31.86
N LYS C 332 -36.60 -5.06 -31.07
CA LYS C 332 -36.81 -3.69 -31.51
C LYS C 332 -36.17 -2.71 -30.53
N ILE C 333 -35.04 -2.14 -30.92
CA ILE C 333 -34.38 -1.13 -30.09
C ILE C 333 -34.82 0.26 -30.54
N HIS C 334 -35.60 0.93 -29.69
CA HIS C 334 -36.05 2.28 -30.01
C HIS C 334 -34.92 3.24 -29.69
N PRO C 335 -34.57 4.13 -30.65
CA PRO C 335 -33.51 5.10 -30.34
C PRO C 335 -33.95 6.09 -29.27
N VAL C 336 -33.04 6.42 -28.34
CA VAL C 336 -33.33 7.37 -27.28
C VAL C 336 -32.54 8.65 -27.55
N ASP C 337 -33.27 9.76 -27.54
CA ASP C 337 -32.66 11.07 -27.77
C ASP C 337 -33.01 11.95 -26.59
N PRO C 338 -31.99 12.29 -25.77
CA PRO C 338 -32.24 13.16 -24.61
C PRO C 338 -32.61 14.61 -24.97
N ARG C 339 -32.48 14.96 -26.26
CA ARG C 339 -32.83 16.32 -26.72
C ARG C 339 -34.29 16.45 -27.12
N ASP C 340 -34.97 15.32 -27.33
CA ASP C 340 -36.33 15.30 -27.86
C ASP C 340 -37.37 15.58 -26.76
N PRO C 341 -38.11 16.69 -26.88
CA PRO C 341 -39.03 17.01 -25.77
C PRO C 341 -40.20 16.04 -25.61
N GLU C 342 -40.40 15.16 -26.59
CA GLU C 342 -41.46 14.14 -26.52
C GLU C 342 -41.00 12.85 -25.86
N GLN C 343 -39.71 12.76 -25.53
CA GLN C 343 -39.15 11.53 -24.99
C GLN C 343 -39.04 11.56 -23.46
N VAL C 344 -37.93 12.04 -22.91
CA VAL C 344 -37.80 12.16 -21.45
C VAL C 344 -38.65 13.32 -20.93
N GLN C 345 -39.60 12.98 -20.06
CA GLN C 345 -40.44 13.98 -19.40
C GLN C 345 -40.61 13.60 -17.94
N GLU C 346 -40.71 14.61 -17.09
CA GLU C 346 -40.97 14.38 -15.67
C GLU C 346 -42.30 14.96 -15.22
N PHE C 347 -43.10 14.12 -14.57
CA PHE C 347 -44.38 14.49 -13.95
C PHE C 347 -44.20 14.63 -12.45
N VAL C 348 -45.11 15.40 -11.82
CA VAL C 348 -45.05 15.61 -10.37
C VAL C 348 -46.39 15.39 -9.66
N THR C 349 -47.35 14.77 -10.34
CA THR C 349 -48.69 14.54 -9.77
CA THR C 349 -48.68 14.56 -9.77
CA THR C 349 -48.67 14.61 -9.73
C THR C 349 -48.64 13.79 -8.43
N HIS C 350 -47.69 12.88 -8.30
CA HIS C 350 -47.53 12.13 -7.06
C HIS C 350 -46.25 12.46 -6.29
N SER C 351 -45.69 13.63 -6.58
CA SER C 351 -44.43 14.07 -5.97
C SER C 351 -44.63 15.38 -5.24
N TRP C 352 -43.76 15.64 -4.26
CA TRP C 352 -43.84 16.88 -3.47
C TRP C 352 -43.25 18.09 -4.18
N TYR C 353 -43.78 18.36 -5.38
CA TYR C 353 -43.39 19.53 -6.20
C TYR C 353 -44.63 20.14 -6.82
N LYS C 354 -44.48 21.39 -7.26
CA LYS C 354 -45.54 22.12 -7.96
C LYS C 354 -45.14 22.47 -9.40
N TYR C 355 -46.05 22.23 -10.35
CA TYR C 355 -45.96 22.85 -11.70
C TYR C 355 -47.17 23.76 -11.87
N PRO C 356 -47.04 24.80 -12.72
CA PRO C 356 -48.24 25.59 -13.03
C PRO C 356 -49.37 24.72 -13.62
N ASP C 357 -48.99 23.78 -14.49
CA ASP C 357 -49.93 22.85 -15.07
C ASP C 357 -49.47 21.45 -14.73
N GLU C 358 -50.06 20.87 -13.69
CA GLU C 358 -49.57 19.60 -13.20
C GLU C 358 -50.00 18.38 -14.00
N THR C 359 -50.80 18.61 -15.05
CA THR C 359 -51.08 17.57 -16.03
C THR C 359 -49.87 17.35 -16.94
N LYS C 360 -48.94 18.29 -16.95
CA LYS C 360 -47.84 18.27 -17.91
C LYS C 360 -46.64 17.45 -17.45
N GLY C 361 -46.05 16.72 -18.40
CA GLY C 361 -44.72 16.14 -18.20
C GLY C 361 -43.72 17.09 -18.84
N LEU C 362 -42.72 17.50 -18.06
CA LEU C 362 -41.77 18.49 -18.57
C LEU C 362 -40.46 17.85 -18.99
N HIS C 363 -40.05 18.11 -20.25
CA HIS C 363 -38.71 17.77 -20.68
C HIS C 363 -37.73 18.62 -19.85
N PRO C 364 -36.56 18.07 -19.47
CA PRO C 364 -35.76 18.76 -18.45
C PRO C 364 -35.21 20.15 -18.82
N TRP C 365 -35.07 20.47 -20.11
CA TRP C 365 -34.71 21.86 -20.46
C TRP C 365 -35.80 22.85 -20.01
N ASP C 366 -37.03 22.34 -19.87
CA ASP C 366 -38.18 23.11 -19.40
C ASP C 366 -38.54 22.74 -17.96
N GLY C 367 -37.67 21.99 -17.29
CA GLY C 367 -37.99 21.49 -15.96
C GLY C 367 -38.15 22.57 -14.90
N ILE C 368 -38.94 22.25 -13.87
CA ILE C 368 -39.25 23.14 -12.77
C ILE C 368 -39.11 22.37 -11.46
N THR C 369 -38.43 22.95 -10.49
CA THR C 369 -38.28 22.33 -9.17
C THR C 369 -38.72 23.30 -8.10
N GLU C 370 -39.99 23.18 -7.72
CA GLU C 370 -40.63 24.06 -6.75
C GLU C 370 -41.22 23.14 -5.70
N PRO C 371 -40.69 23.18 -4.47
CA PRO C 371 -41.16 22.18 -3.49
C PRO C 371 -42.60 22.39 -3.06
N ASN C 372 -43.28 21.28 -2.81
CA ASN C 372 -44.67 21.31 -2.36
C ASN C 372 -44.92 20.10 -1.47
N TYR C 373 -44.38 20.17 -0.25
CA TYR C 373 -44.58 19.10 0.71
C TYR C 373 -46.01 19.21 1.24
N GLU C 374 -46.85 18.26 0.83
CA GLU C 374 -48.28 18.26 1.13
C GLU C 374 -48.75 16.80 1.16
N LEU C 375 -49.42 16.42 2.24
CA LEU C 375 -49.88 15.05 2.38
C LEU C 375 -51.34 14.92 2.01
N GLY C 376 -51.70 13.79 1.41
CA GLY C 376 -53.08 13.49 1.03
C GLY C 376 -53.99 13.46 2.25
N SER C 377 -55.27 13.76 2.05
CA SER C 377 -56.16 13.85 3.19
CA SER C 377 -56.20 13.84 3.17
C SER C 377 -56.55 12.46 3.74
N LYS C 378 -56.10 11.40 3.04
CA LYS C 378 -56.27 10.01 3.52
C LYS C 378 -55.06 9.47 4.29
N THR C 379 -54.09 10.34 4.54
CA THR C 379 -52.93 9.98 5.33
C THR C 379 -53.32 9.53 6.73
N LYS C 380 -52.72 8.44 7.20
CA LYS C 380 -52.80 8.07 8.61
CA LYS C 380 -52.80 8.07 8.61
C LYS C 380 -51.62 8.71 9.31
N GLY C 381 -51.92 9.57 10.29
CA GLY C 381 -50.91 10.33 10.99
C GLY C 381 -51.08 11.81 10.74
N SER C 382 -49.98 12.55 10.82
CA SER C 382 -49.99 14.01 10.64
C SER C 382 -48.84 14.44 9.72
N ARG C 383 -48.78 15.75 9.45
CA ARG C 383 -47.76 16.34 8.58
C ARG C 383 -46.33 15.99 9.00
N THR C 384 -46.10 15.88 10.31
CA THR C 384 -44.76 15.57 10.84
C THR C 384 -44.70 14.21 11.53
N ASN C 385 -45.74 13.39 11.33
CA ASN C 385 -45.75 12.03 11.83
C ASN C 385 -46.56 11.13 10.91
N ILE C 386 -45.92 10.63 9.86
CA ILE C 386 -46.59 9.80 8.88
C ILE C 386 -46.62 8.36 9.40
N ILE C 387 -47.82 7.84 9.62
CA ILE C 387 -48.00 6.44 10.03
C ILE C 387 -48.20 5.56 8.80
N GLU C 388 -49.15 5.94 7.95
CA GLU C 388 -49.33 5.31 6.64
C GLU C 388 -49.54 6.39 5.58
N ILE C 389 -48.61 6.47 4.64
CA ILE C 389 -48.63 7.49 3.59
C ILE C 389 -49.82 7.26 2.64
N ASP C 390 -50.33 8.35 2.09
CA ASP C 390 -51.44 8.32 1.17
C ASP C 390 -50.93 8.38 -0.27
N GLU C 391 -50.74 7.20 -0.87
CA GLU C 391 -50.21 7.10 -2.22
C GLU C 391 -51.19 7.48 -3.32
N SER C 392 -52.42 7.84 -2.96
CA SER C 392 -53.36 8.42 -3.92
C SER C 392 -53.03 9.90 -4.21
N ALA C 393 -52.20 10.52 -3.39
CA ALA C 393 -51.83 11.92 -3.59
C ALA C 393 -50.30 12.04 -3.74
N LYS C 394 -49.73 13.12 -3.21
CA LYS C 394 -48.28 13.30 -3.35
C LYS C 394 -47.55 12.54 -2.26
N TYR C 395 -46.63 11.65 -2.66
CA TYR C 395 -46.03 10.72 -1.69
C TYR C 395 -44.53 10.52 -1.75
N SER C 396 -43.81 11.43 -2.40
CA SER C 396 -42.38 11.23 -2.61
C SER C 396 -41.66 12.51 -2.99
N TRP C 397 -40.40 12.64 -2.58
CA TRP C 397 -39.51 13.71 -3.08
C TRP C 397 -38.92 13.36 -4.46
N ILE C 398 -39.23 12.17 -4.99
CA ILE C 398 -38.73 11.76 -6.29
C ILE C 398 -39.77 12.18 -7.35
N LYS C 399 -39.34 12.89 -8.40
CA LYS C 399 -40.20 13.17 -9.57
C LYS C 399 -40.49 11.88 -10.34
N SER C 400 -41.45 11.93 -11.27
CA SER C 400 -41.80 10.75 -12.08
C SER C 400 -41.32 10.89 -13.54
N PRO C 401 -40.13 10.35 -13.85
CA PRO C 401 -39.71 10.43 -15.24
C PRO C 401 -40.33 9.32 -16.06
N ARG C 402 -40.72 9.66 -17.29
CA ARG C 402 -41.23 8.66 -18.22
C ARG C 402 -40.54 8.86 -19.57
N TRP C 403 -40.49 7.80 -20.38
CA TRP C 403 -39.90 7.89 -21.70
C TRP C 403 -41.02 7.66 -22.72
N ARG C 404 -41.38 8.68 -23.48
CA ARG C 404 -42.53 8.62 -24.37
C ARG C 404 -43.77 8.11 -23.60
N GLY C 405 -43.89 8.51 -22.34
CA GLY C 405 -45.02 8.13 -21.50
C GLY C 405 -44.89 6.76 -20.83
N HIS C 406 -43.83 6.03 -21.15
CA HIS C 406 -43.60 4.67 -20.60
C HIS C 406 -42.78 4.73 -19.32
N ALA C 407 -43.15 3.90 -18.35
CA ALA C 407 -42.31 3.65 -17.19
C ALA C 407 -41.28 2.61 -17.58
N VAL C 408 -40.01 2.88 -17.25
CA VAL C 408 -38.91 1.97 -17.63
C VAL C 408 -38.00 1.67 -16.44
N GLU C 409 -37.30 0.54 -16.52
CA GLU C 409 -36.25 0.21 -15.56
C GLU C 409 -34.90 0.60 -16.16
N VAL C 410 -34.03 1.17 -15.32
CA VAL C 410 -32.68 1.49 -15.73
C VAL C 410 -31.69 0.78 -14.81
N GLY C 411 -30.44 0.67 -15.25
CA GLY C 411 -29.40 0.08 -14.43
C GLY C 411 -28.57 -0.92 -15.20
N PRO C 412 -27.61 -1.56 -14.51
CA PRO C 412 -26.79 -2.57 -15.19
C PRO C 412 -27.64 -3.64 -15.90
N LEU C 413 -28.74 -4.08 -15.30
CA LEU C 413 -29.58 -5.09 -15.96
C LEU C 413 -30.16 -4.56 -17.27
N ALA C 414 -30.65 -3.32 -17.25
CA ALA C 414 -31.15 -2.70 -18.46
C ALA C 414 -30.06 -2.66 -19.53
N ARG C 415 -28.85 -2.23 -19.15
CA ARG C 415 -27.76 -2.18 -20.11
C ARG C 415 -27.38 -3.54 -20.64
N TYR C 416 -27.45 -4.54 -19.76
CA TYR C 416 -27.10 -5.89 -20.17
C TYR C 416 -28.12 -6.48 -21.15
N ILE C 417 -29.40 -6.24 -20.90
CA ILE C 417 -30.45 -6.59 -21.86
C ILE C 417 -30.27 -5.85 -23.20
N LEU C 418 -30.04 -4.55 -23.13
CA LEU C 418 -29.83 -3.78 -24.35
C LEU C 418 -28.58 -4.21 -25.13
N ALA C 419 -27.49 -4.52 -24.43
CA ALA C 419 -26.27 -4.97 -25.09
C ALA C 419 -26.43 -6.37 -25.68
N TYR C 420 -27.07 -7.25 -24.93
CA TYR C 420 -27.31 -8.59 -25.43
C TYR C 420 -28.14 -8.53 -26.71
N ALA C 421 -29.22 -7.74 -26.65
CA ALA C 421 -30.15 -7.63 -27.76
C ALA C 421 -29.51 -6.97 -28.99
N GLN C 422 -28.44 -6.20 -28.79
CA GLN C 422 -27.77 -5.54 -29.89
C GLN C 422 -26.49 -6.27 -30.34
N GLY C 423 -26.29 -7.48 -29.83
CA GLY C 423 -25.20 -8.35 -30.30
C GLY C 423 -23.80 -7.97 -29.84
N VAL C 424 -23.70 -7.39 -28.64
CA VAL C 424 -22.38 -7.10 -28.06
C VAL C 424 -21.81 -8.44 -27.60
N GLU C 425 -20.80 -8.92 -28.32
CA GLU C 425 -20.34 -10.28 -28.10
C GLU C 425 -19.75 -10.50 -26.70
N TYR C 426 -19.07 -9.48 -26.18
CA TYR C 426 -18.49 -9.59 -24.85
C TYR C 426 -19.59 -9.90 -23.84
N VAL C 427 -20.72 -9.19 -23.94
CA VAL C 427 -21.83 -9.31 -23.02
C VAL C 427 -22.54 -10.65 -23.23
N LYS C 428 -22.75 -11.01 -24.49
CA LYS C 428 -23.38 -12.29 -24.80
C LYS C 428 -22.59 -13.46 -24.19
N THR C 429 -21.27 -13.40 -24.32
CA THR C 429 -20.38 -14.40 -23.72
C THR C 429 -20.50 -14.40 -22.19
N GLN C 430 -20.49 -13.22 -21.57
CA GLN C 430 -20.68 -13.17 -20.13
C GLN C 430 -22.01 -13.77 -19.68
N VAL C 431 -23.09 -13.41 -20.38
CA VAL C 431 -24.41 -13.93 -20.05
C VAL C 431 -24.47 -15.46 -20.18
N HIS C 432 -24.00 -16.00 -21.32
CA HIS C 432 -24.07 -17.44 -21.58
C HIS C 432 -23.16 -18.20 -20.63
N THR C 433 -21.94 -17.70 -20.41
CA THR C 433 -21.02 -18.39 -19.49
C THR C 433 -21.54 -18.36 -18.06
N SER C 434 -22.13 -17.23 -17.64
CA SER C 434 -22.70 -17.10 -16.30
C SER C 434 -23.86 -18.06 -16.09
N LEU C 435 -24.74 -18.15 -17.08
CA LEU C 435 -25.85 -19.10 -17.02
C LEU C 435 -25.35 -20.54 -16.91
N ASN C 436 -24.33 -20.89 -17.71
CA ASN C 436 -23.72 -22.21 -17.64
C ASN C 436 -23.13 -22.50 -16.25
N ARG C 437 -22.39 -21.52 -15.72
CA ARG C 437 -21.79 -21.64 -14.39
C ARG C 437 -22.85 -21.75 -13.30
N PHE C 438 -23.89 -20.92 -13.40
CA PHE C 438 -25.04 -20.97 -12.51
C PHE C 438 -25.65 -22.38 -12.51
N ASN C 439 -25.95 -22.88 -13.70
CA ASN C 439 -26.53 -24.23 -13.81
C ASN C 439 -25.61 -25.32 -13.28
N ALA C 440 -24.29 -25.15 -13.46
CA ALA C 440 -23.30 -26.10 -12.95
C ALA C 440 -23.32 -26.14 -11.42
N VAL C 441 -23.37 -24.97 -10.78
CA VAL C 441 -23.44 -24.93 -9.32
C VAL C 441 -24.79 -25.50 -8.84
N CYS C 442 -25.88 -25.14 -9.52
CA CYS C 442 -27.20 -25.74 -9.20
C CYS C 442 -27.18 -27.26 -9.20
N ARG C 443 -26.52 -27.84 -10.20
CA ARG C 443 -26.43 -29.29 -10.38
C ARG C 443 -25.61 -29.92 -9.26
N LEU C 444 -24.65 -29.18 -8.73
CA LEU C 444 -23.89 -29.66 -7.58
C LEU C 444 -24.74 -29.66 -6.32
N LEU C 445 -25.59 -28.64 -6.16
CA LEU C 445 -26.49 -28.58 -5.01
C LEU C 445 -27.68 -29.51 -5.17
N ASP C 446 -28.01 -29.82 -6.42
CA ASP C 446 -29.13 -30.69 -6.77
C ASP C 446 -28.83 -31.44 -8.07
N PRO C 447 -28.34 -32.69 -7.99
CA PRO C 447 -27.92 -33.43 -9.19
C PRO C 447 -29.04 -33.64 -10.22
N ASN C 448 -30.29 -33.52 -9.76
CA ASN C 448 -31.49 -33.65 -10.59
C ASN C 448 -31.96 -32.32 -11.16
N HIS C 449 -31.16 -31.30 -10.99
CA HIS C 449 -31.45 -29.97 -11.49
C HIS C 449 -31.68 -29.97 -12.99
N LYS C 450 -32.75 -29.28 -13.41
CA LYS C 450 -32.99 -29.02 -14.82
C LYS C 450 -32.44 -27.64 -15.15
N ASP C 451 -31.56 -27.58 -16.14
CA ASP C 451 -30.93 -26.34 -16.55
C ASP C 451 -31.96 -25.27 -16.89
N ILE C 452 -31.72 -24.05 -16.40
CA ILE C 452 -32.50 -22.91 -16.83
C ILE C 452 -31.99 -22.54 -18.23
N THR C 453 -32.92 -22.33 -19.17
CA THR C 453 -32.58 -21.90 -20.52
C THR C 453 -33.24 -20.55 -20.89
N ASP C 454 -34.29 -20.18 -20.15
CA ASP C 454 -35.09 -18.98 -20.43
C ASP C 454 -34.40 -17.71 -19.96
N LEU C 455 -33.74 -17.02 -20.90
CA LEU C 455 -32.99 -15.80 -20.57
C LEU C 455 -33.83 -14.67 -20.01
N LYS C 456 -35.06 -14.52 -20.48
CA LYS C 456 -35.94 -13.48 -19.94
C LYS C 456 -36.32 -13.75 -18.48
N ALA C 457 -36.53 -15.02 -18.13
CA ALA C 457 -36.86 -15.38 -16.75
C ALA C 457 -35.65 -15.26 -15.85
N PHE C 458 -34.49 -15.63 -16.38
CA PHE C 458 -33.23 -15.63 -15.62
C PHE C 458 -32.75 -14.21 -15.37
N LEU C 459 -32.62 -13.44 -16.44
CA LEU C 459 -32.16 -12.06 -16.32
C LEU C 459 -33.23 -11.19 -15.67
N GLY C 460 -34.51 -11.44 -16.00
CA GLY C 460 -35.62 -10.61 -15.50
C GLY C 460 -36.09 -11.01 -14.11
N SER C 461 -35.21 -10.82 -13.14
CA SER C 461 -35.44 -11.20 -11.75
C SER C 461 -34.47 -10.45 -10.85
N THR C 462 -34.72 -10.49 -9.55
CA THR C 462 -33.80 -9.88 -8.57
C THR C 462 -32.42 -10.53 -8.69
N ILE C 463 -32.37 -11.86 -8.88
CA ILE C 463 -31.09 -12.55 -9.14
C ILE C 463 -30.39 -12.00 -10.39
N GLY C 464 -31.14 -11.87 -11.48
CA GLY C 464 -30.58 -11.40 -12.74
C GLY C 464 -30.08 -9.98 -12.63
N ARG C 465 -30.82 -9.16 -11.89
CA ARG C 465 -30.44 -7.76 -11.66
C ARG C 465 -29.11 -7.68 -10.91
N THR C 466 -28.96 -8.56 -9.92
CA THR C 466 -27.76 -8.65 -9.09
C THR C 466 -26.56 -9.18 -9.91
N LEU C 467 -26.81 -10.21 -10.71
CA LEU C 467 -25.78 -10.75 -11.60
C LEU C 467 -25.31 -9.74 -12.63
N ALA C 468 -26.24 -9.03 -13.27
CA ALA C 468 -25.87 -8.06 -14.30
C ALA C 468 -24.90 -7.01 -13.74
N ARG C 469 -25.15 -6.56 -12.51
CA ARG C 469 -24.25 -5.60 -11.84
C ARG C 469 -22.82 -6.16 -11.74
N ALA C 470 -22.70 -7.42 -11.30
CA ALA C 470 -21.39 -8.03 -11.15
C ALA C 470 -20.70 -8.19 -12.51
N LEU C 471 -21.44 -8.67 -13.52
CA LEU C 471 -20.87 -8.81 -14.84
C LEU C 471 -20.41 -7.46 -15.38
N GLU C 472 -21.19 -6.42 -15.14
CA GLU C 472 -20.82 -5.10 -15.62
C GLU C 472 -19.50 -4.64 -14.98
N SER C 473 -19.33 -4.92 -13.70
CA SER C 473 -18.07 -4.63 -13.02
C SER C 473 -16.90 -5.28 -13.75
N GLU C 474 -17.02 -6.57 -14.05
CA GLU C 474 -15.96 -7.26 -14.77
C GLU C 474 -15.70 -6.65 -16.16
N TYR C 475 -16.76 -6.36 -16.90
CA TYR C 475 -16.64 -5.70 -18.20
C TYR C 475 -15.89 -4.36 -18.09
N CYS C 476 -16.24 -3.57 -17.08
CA CYS C 476 -15.60 -2.28 -16.85
C CYS C 476 -14.10 -2.43 -16.55
N GLY C 477 -13.70 -3.45 -15.83
CA GLY C 477 -12.27 -3.66 -15.59
C GLY C 477 -11.50 -3.94 -16.87
N ASP C 478 -12.07 -4.79 -17.74
CA ASP C 478 -11.47 -5.06 -19.05
C ASP C 478 -11.42 -3.80 -19.93
N MET C 479 -12.51 -3.06 -19.97
CA MET C 479 -12.56 -1.83 -20.75
C MET C 479 -11.54 -0.82 -20.22
N MET C 480 -11.44 -0.72 -18.89
CA MET C 480 -10.52 0.23 -18.30
C MET C 480 -9.06 -0.09 -18.65
N LEU C 481 -8.70 -1.37 -18.69
CA LEU C 481 -7.38 -1.74 -19.15
C LEU C 481 -7.17 -1.31 -20.61
N ASP C 482 -8.16 -1.53 -21.46
CA ASP C 482 -8.07 -1.08 -22.86
C ASP C 482 -7.85 0.45 -22.89
N ASP C 483 -8.60 1.18 -22.08
CA ASP C 483 -8.46 2.64 -22.02
C ASP C 483 -7.06 3.05 -21.59
N PHE C 484 -6.53 2.37 -20.58
CA PHE C 484 -5.19 2.66 -20.11
C PHE C 484 -4.16 2.41 -21.21
N ASN C 485 -4.29 1.28 -21.89
CA ASN C 485 -3.38 0.98 -23.00
C ASN C 485 -3.46 2.04 -24.11
N GLN C 486 -4.66 2.52 -24.39
CA GLN C 486 -4.85 3.59 -25.38
C GLN C 486 -4.18 4.90 -24.93
N LEU C 487 -4.32 5.22 -23.64
CA LEU C 487 -3.66 6.41 -23.07
C LEU C 487 -2.14 6.33 -23.26
N ILE C 488 -1.55 5.19 -22.92
CA ILE C 488 -0.12 4.96 -23.10
C ILE C 488 0.26 5.11 -24.57
N SER C 489 -0.53 4.50 -25.46
CA SER C 489 -0.27 4.60 -26.90
CA SER C 489 -0.28 4.60 -26.90
C SER C 489 -0.29 6.05 -27.38
N ASN C 490 -1.27 6.81 -26.91
CA ASN C 490 -1.40 8.22 -27.29
C ASN C 490 -0.14 8.98 -26.87
N ILE C 491 0.26 8.78 -25.63
CA ILE C 491 1.47 9.43 -25.11
C ILE C 491 2.70 9.03 -25.93
N LYS C 492 2.82 7.72 -26.21
CA LYS C 492 3.93 7.22 -26.99
C LYS C 492 3.97 7.83 -28.40
N ASN C 493 2.80 8.07 -28.97
CA ASN C 493 2.69 8.69 -30.29
C ASN C 493 2.80 10.21 -30.26
N GLY C 494 3.12 10.77 -29.09
CA GLY C 494 3.43 12.19 -28.99
C GLY C 494 2.34 13.07 -28.41
N ASP C 495 1.20 12.50 -28.06
CA ASP C 495 0.09 13.27 -27.53
C ASP C 495 -0.04 13.12 -26.02
N SER C 496 0.44 14.13 -25.30
CA SER C 496 0.25 14.23 -23.85
C SER C 496 -0.79 15.28 -23.47
N SER C 497 -1.53 15.80 -24.44
CA SER C 497 -2.49 16.89 -24.16
C SER C 497 -3.68 16.42 -23.32
N THR C 498 -4.16 17.31 -22.45
CA THR C 498 -5.25 16.99 -21.53
C THR C 498 -6.40 18.01 -21.51
N ALA C 499 -6.21 19.20 -22.09
CA ALA C 499 -7.28 20.20 -22.04
C ALA C 499 -7.37 21.09 -23.29
N ASN C 500 -8.61 21.45 -23.62
CA ASN C 500 -8.96 22.40 -24.67
C ASN C 500 -9.49 23.62 -23.95
N THR C 501 -8.83 24.76 -24.10
CA THR C 501 -9.19 25.99 -23.38
C THR C 501 -9.79 27.06 -24.27
N ASP C 502 -10.13 26.71 -25.51
CA ASP C 502 -10.65 27.66 -26.49
C ASP C 502 -11.91 28.39 -26.03
N LYS C 503 -12.72 27.70 -25.24
CA LYS C 503 -14.00 28.23 -24.79
C LYS C 503 -14.03 28.36 -23.27
N TRP C 504 -12.86 28.46 -22.65
CA TRP C 504 -12.79 28.60 -21.20
C TRP C 504 -13.41 29.92 -20.73
N ASP C 505 -13.13 31.01 -21.45
CA ASP C 505 -13.62 32.32 -21.04
C ASP C 505 -15.05 32.53 -21.54
N PRO C 506 -15.96 32.98 -20.64
CA PRO C 506 -17.36 33.18 -21.04
C PRO C 506 -17.56 34.20 -22.18
N SER C 507 -16.59 35.07 -22.41
CA SER C 507 -16.67 36.00 -23.56
C SER C 507 -16.74 35.25 -24.90
N SER C 508 -16.33 33.97 -24.90
CA SER C 508 -16.33 33.14 -26.12
C SER C 508 -17.64 32.37 -26.31
N TRP C 509 -18.56 32.48 -25.34
CA TRP C 509 -19.80 31.69 -25.37
C TRP C 509 -20.91 32.45 -26.09
N PRO C 510 -21.90 31.71 -26.65
CA PRO C 510 -23.13 32.33 -27.15
C PRO C 510 -23.92 32.93 -25.99
N GLU C 511 -24.67 33.99 -26.25
CA GLU C 511 -25.53 34.61 -25.23
C GLU C 511 -26.54 33.61 -24.66
N HIS C 512 -27.01 32.70 -25.49
CA HIS C 512 -27.98 31.67 -25.10
C HIS C 512 -27.48 30.33 -25.61
N ALA C 513 -27.49 29.32 -24.75
CA ALA C 513 -27.05 28.00 -25.17
C ALA C 513 -27.70 26.97 -24.26
N LYS C 514 -27.92 25.78 -24.81
CA LYS C 514 -28.41 24.67 -23.99
C LYS C 514 -27.68 23.41 -24.35
N GLY C 515 -27.50 22.54 -23.36
CA GLY C 515 -26.78 21.29 -23.56
C GLY C 515 -27.28 20.18 -22.66
N VAL C 516 -26.91 18.97 -23.04
CA VAL C 516 -27.23 17.80 -22.24
C VAL C 516 -26.01 16.89 -22.20
N GLY C 517 -25.74 16.36 -21.02
CA GLY C 517 -24.66 15.39 -20.84
C GLY C 517 -25.25 14.12 -20.26
N THR C 518 -24.87 13.00 -20.85
CA THR C 518 -25.34 11.70 -20.38
C THR C 518 -24.19 10.87 -19.87
N VAL C 519 -24.50 9.95 -18.95
CA VAL C 519 -23.53 9.04 -18.35
C VAL C 519 -24.22 7.71 -18.10
N ALA C 520 -23.51 6.62 -18.38
CA ALA C 520 -23.95 5.31 -17.88
C ALA C 520 -23.46 5.20 -16.43
N ALA C 521 -24.22 5.81 -15.52
CA ALA C 521 -23.85 5.81 -14.10
C ALA C 521 -24.03 4.39 -13.52
N PRO C 522 -23.39 4.09 -12.37
CA PRO C 522 -23.53 2.73 -11.81
C PRO C 522 -24.96 2.21 -11.69
N ARG C 523 -25.94 3.08 -11.45
CA ARG C 523 -27.33 2.65 -11.24
C ARG C 523 -28.21 2.78 -12.47
N GLY C 524 -27.65 3.27 -13.58
CA GLY C 524 -28.40 3.40 -14.83
C GLY C 524 -28.21 4.72 -15.56
N ALA C 525 -29.29 5.17 -16.19
CA ALA C 525 -29.26 6.25 -17.16
C ALA C 525 -29.25 7.60 -16.42
N LEU C 526 -28.13 8.32 -16.49
CA LEU C 526 -28.00 9.64 -15.88
C LEU C 526 -27.87 10.70 -16.96
N ALA C 527 -28.58 11.81 -16.79
CA ALA C 527 -28.33 12.99 -17.64
C ALA C 527 -28.58 14.26 -16.88
N HIS C 528 -27.83 15.29 -17.26
CA HIS C 528 -28.00 16.68 -16.79
C HIS C 528 -28.30 17.55 -17.99
N TRP C 529 -29.30 18.42 -17.85
CA TRP C 529 -29.68 19.37 -18.87
C TRP C 529 -29.46 20.78 -18.36
N ILE C 530 -28.69 21.55 -19.11
CA ILE C 530 -28.36 22.91 -18.71
C ILE C 530 -28.86 23.92 -19.75
N VAL C 531 -29.37 25.05 -19.27
CA VAL C 531 -29.65 26.22 -20.11
C VAL C 531 -28.77 27.35 -19.58
N ILE C 532 -27.98 27.95 -20.46
CA ILE C 532 -27.06 29.03 -20.11
C ILE C 532 -27.57 30.32 -20.75
N GLU C 533 -27.54 31.39 -19.97
CA GLU C 533 -27.91 32.72 -20.45
C GLU C 533 -26.93 33.75 -19.92
N LYS C 534 -26.28 34.47 -20.82
CA LYS C 534 -25.36 35.55 -20.48
C LYS C 534 -24.33 35.09 -19.44
N GLY C 535 -23.77 33.89 -19.67
CA GLY C 535 -22.69 33.36 -18.85
C GLY C 535 -23.10 32.71 -17.54
N LYS C 536 -24.42 32.62 -17.30
CA LYS C 536 -24.92 32.10 -16.03
CA LYS C 536 -24.92 32.10 -16.03
C LYS C 536 -25.90 30.95 -16.25
N ILE C 537 -26.12 30.15 -15.22
CA ILE C 537 -27.05 29.02 -15.29
C ILE C 537 -28.49 29.54 -15.16
N LYS C 538 -29.27 29.37 -16.22
CA LYS C 538 -30.67 29.78 -16.23
C LYS C 538 -31.56 28.64 -15.72
N ASN C 539 -31.25 27.42 -16.16
CA ASN C 539 -31.92 26.23 -15.66
C ASN C 539 -30.91 25.09 -15.64
N TYR C 540 -31.02 24.26 -14.62
CA TYR C 540 -30.17 23.08 -14.52
C TYR C 540 -31.05 21.97 -13.95
N GLN C 541 -31.31 20.94 -14.74
CA GLN C 541 -32.20 19.87 -14.31
C GLN C 541 -31.51 18.52 -14.45
N CYS C 542 -31.57 17.74 -13.37
CA CYS C 542 -30.99 16.40 -13.34
C CYS C 542 -32.10 15.35 -13.32
N VAL C 543 -31.95 14.31 -14.14
CA VAL C 543 -32.82 13.13 -14.06
C VAL C 543 -31.84 11.99 -13.89
N VAL C 544 -31.94 11.31 -12.75
CA VAL C 544 -30.90 10.43 -12.24
CA VAL C 544 -30.88 10.37 -12.37
C VAL C 544 -31.45 8.96 -12.29
N PRO C 545 -30.57 7.95 -12.32
CA PRO C 545 -31.09 6.58 -12.44
C PRO C 545 -32.13 6.20 -11.38
N THR C 546 -31.87 6.51 -10.12
CA THR C 546 -32.83 6.19 -9.07
C THR C 546 -34.10 7.06 -9.14
N THR C 547 -34.03 8.21 -9.82
CA THR C 547 -35.26 8.95 -10.13
C THR C 547 -36.17 8.07 -11.01
N TRP C 548 -35.60 7.47 -12.05
CA TRP C 548 -36.35 6.55 -12.90
C TRP C 548 -36.86 5.37 -12.07
N ASN C 549 -35.95 4.65 -11.43
CA ASN C 549 -36.33 3.40 -10.78
C ASN C 549 -37.26 3.59 -9.58
N GLY C 550 -37.00 4.61 -8.77
CA GLY C 550 -37.76 4.84 -7.54
C GLY C 550 -38.98 5.72 -7.70
N SER C 551 -39.25 6.12 -8.95
N SER C 551 -39.24 6.17 -8.93
CA SER C 551 -40.38 6.96 -9.35
CA SER C 551 -40.30 7.14 -9.18
C SER C 551 -41.72 6.61 -8.69
C SER C 551 -41.66 6.68 -8.69
N PRO C 552 -42.47 7.63 -8.22
CA PRO C 552 -43.86 7.36 -7.85
C PRO C 552 -44.72 7.30 -9.11
N ARG C 553 -46.01 7.07 -8.93
CA ARG C 553 -46.92 6.90 -10.06
C ARG C 553 -47.06 8.18 -10.89
N ASP C 554 -47.44 8.00 -12.15
CA ASP C 554 -47.67 9.13 -13.05
C ASP C 554 -49.17 9.45 -13.16
N PRO C 555 -49.58 10.49 -13.94
CA PRO C 555 -51.01 10.83 -14.02
C PRO C 555 -51.90 9.71 -14.52
N LYS C 556 -51.36 8.85 -15.37
CA LYS C 556 -52.15 7.75 -15.91
C LYS C 556 -52.15 6.55 -14.99
N GLY C 557 -51.31 6.58 -13.96
CA GLY C 557 -51.27 5.55 -12.95
C GLY C 557 -50.24 4.45 -13.17
N ASN C 558 -49.37 4.59 -14.18
CA ASN C 558 -48.25 3.66 -14.37
C ASN C 558 -47.34 3.68 -13.15
N ILE C 559 -46.98 2.50 -12.68
CA ILE C 559 -46.02 2.34 -11.58
C ILE C 559 -44.58 2.24 -12.09
N GLY C 560 -43.64 2.74 -11.28
CA GLY C 560 -42.22 2.70 -11.60
C GLY C 560 -41.58 1.37 -11.23
N ALA C 561 -40.27 1.27 -11.50
CA ALA C 561 -39.56 -0.01 -11.40
C ALA C 561 -39.53 -0.62 -9.99
N PHE C 562 -39.25 0.19 -8.96
CA PHE C 562 -39.28 -0.31 -7.57
C PHE C 562 -40.64 -0.94 -7.24
N GLU C 563 -41.71 -0.17 -7.47
CA GLU C 563 -43.06 -0.61 -7.10
C GLU C 563 -43.41 -1.86 -7.88
N ALA C 564 -43.11 -1.90 -9.17
CA ALA C 564 -43.39 -3.10 -9.99
C ALA C 564 -42.64 -4.34 -9.52
N SER C 565 -41.40 -4.17 -9.08
CA SER C 565 -40.55 -5.30 -8.71
C SER C 565 -41.06 -6.06 -7.49
N LEU C 566 -41.83 -5.38 -6.64
CA LEU C 566 -42.30 -5.97 -5.40
C LEU C 566 -43.61 -6.72 -5.58
N MET C 567 -44.38 -6.31 -6.59
CA MET C 567 -45.71 -6.87 -6.83
C MET C 567 -45.64 -8.36 -7.07
N GLY C 568 -46.51 -9.10 -6.39
CA GLY C 568 -46.60 -10.55 -6.57
C GLY C 568 -45.59 -11.39 -5.79
N THR C 569 -44.75 -10.75 -4.99
CA THR C 569 -43.75 -11.44 -4.18
C THR C 569 -44.36 -11.96 -2.88
N PRO C 570 -44.25 -13.28 -2.64
CA PRO C 570 -44.63 -13.83 -1.34
C PRO C 570 -43.57 -13.52 -0.29
N MET C 571 -44.01 -13.27 0.94
CA MET C 571 -43.10 -13.01 2.05
C MET C 571 -43.28 -14.09 3.10
N GLU C 572 -42.18 -14.66 3.58
CA GLU C 572 -42.23 -15.65 4.66
C GLU C 572 -42.85 -15.03 5.90
N ARG C 573 -42.40 -13.81 6.20
CA ARG C 573 -42.79 -13.07 7.39
C ARG C 573 -42.93 -11.60 7.00
N PRO C 574 -44.17 -11.14 6.76
CA PRO C 574 -44.33 -9.74 6.33
C PRO C 574 -43.69 -8.71 7.25
N ASP C 575 -43.63 -8.99 8.55
CA ASP C 575 -43.04 -8.07 9.52
CA ASP C 575 -43.03 -8.06 9.51
C ASP C 575 -41.51 -8.19 9.63
N GLU C 576 -40.94 -9.15 8.89
CA GLU C 576 -39.48 -9.30 8.73
C GLU C 576 -39.16 -9.33 7.23
N PRO C 577 -39.23 -8.15 6.58
CA PRO C 577 -39.39 -8.01 5.14
C PRO C 577 -38.13 -8.26 4.30
N VAL C 578 -37.46 -9.37 4.56
CA VAL C 578 -36.25 -9.77 3.85
C VAL C 578 -36.41 -9.72 2.33
N GLU C 579 -37.52 -10.25 1.82
CA GLU C 579 -37.77 -10.29 0.37
C GLU C 579 -37.85 -8.88 -0.22
N VAL C 580 -38.48 -7.96 0.50
CA VAL C 580 -38.63 -6.58 0.03
C VAL C 580 -37.26 -5.91 -0.04
N LEU C 581 -36.49 -6.06 1.03
CA LEU C 581 -35.15 -5.51 1.08
C LEU C 581 -34.26 -6.11 -0.01
N ARG C 582 -34.34 -7.43 -0.20
CA ARG C 582 -33.54 -8.09 -1.21
C ARG C 582 -33.79 -7.53 -2.61
N THR C 583 -35.07 -7.37 -2.95
CA THR C 583 -35.44 -6.84 -4.25
C THR C 583 -35.15 -5.34 -4.39
N LEU C 584 -35.55 -4.52 -3.41
CA LEU C 584 -35.22 -3.08 -3.47
C LEU C 584 -33.72 -2.91 -3.61
N HIS C 585 -32.97 -3.59 -2.75
CA HIS C 585 -31.52 -3.45 -2.75
C HIS C 585 -30.91 -3.87 -4.08
N SER C 586 -31.56 -4.75 -4.83
CA SER C 586 -31.02 -5.20 -6.11
C SER C 586 -30.97 -4.08 -7.15
N PHE C 587 -31.75 -3.02 -6.94
CA PHE C 587 -31.68 -1.81 -7.77
C PHE C 587 -30.58 -0.88 -7.33
N ASP C 588 -29.97 -1.18 -6.18
CA ASP C 588 -28.92 -0.31 -5.63
C ASP C 588 -29.46 1.13 -5.47
N PRO C 589 -30.54 1.31 -4.70
CA PRO C 589 -31.16 2.62 -4.56
C PRO C 589 -30.19 3.65 -4.03
N CYS C 590 -30.13 4.79 -4.71
CA CYS C 590 -29.36 5.93 -4.23
C CYS C 590 -30.33 7.07 -4.09
N LEU C 591 -30.73 7.32 -2.85
CA LEU C 591 -31.84 8.21 -2.64
C LEU C 591 -31.47 9.67 -2.70
N ALA C 592 -30.24 9.99 -2.31
CA ALA C 592 -29.73 11.35 -2.48
C ALA C 592 -29.66 11.67 -3.97
N CYS C 593 -29.18 10.73 -4.77
CA CYS C 593 -29.27 10.84 -6.21
C CYS C 593 -30.68 11.10 -6.72
N SER C 594 -31.62 10.29 -6.26
CA SER C 594 -32.96 10.28 -6.84
C SER C 594 -33.65 11.64 -6.73
N THR C 595 -33.31 12.37 -5.67
CA THR C 595 -34.01 13.60 -5.29
C THR C 595 -33.18 14.85 -5.53
N HIS C 596 -31.87 14.75 -5.32
CA HIS C 596 -30.92 15.86 -5.55
C HIS C 596 -31.48 17.18 -5.02
N PRO D 11 -15.57 -3.82 26.92
CA PRO D 11 -16.70 -3.30 26.13
C PRO D 11 -16.28 -2.18 25.19
N ARG D 12 -16.67 -2.30 23.92
CA ARG D 12 -16.28 -1.34 22.93
C ARG D 12 -17.18 -0.11 23.00
N THR D 13 -16.58 1.06 22.75
CA THR D 13 -17.28 2.33 22.85
C THR D 13 -18.48 2.38 21.90
N PRO D 14 -19.69 2.57 22.46
CA PRO D 14 -20.89 2.68 21.62
C PRO D 14 -20.86 3.94 20.75
N VAL D 15 -21.13 3.75 19.46
CA VAL D 15 -21.21 4.84 18.50
C VAL D 15 -22.53 4.74 17.75
N ILE D 16 -23.28 5.83 17.74
CA ILE D 16 -24.48 5.95 16.94
C ILE D 16 -24.13 6.90 15.81
N TRP D 17 -24.31 6.47 14.57
CA TRP D 17 -23.95 7.31 13.41
C TRP D 17 -25.22 7.65 12.66
N LEU D 18 -25.67 8.90 12.84
CA LEU D 18 -26.89 9.36 12.18
C LEU D 18 -26.58 10.02 10.83
N HIS D 19 -27.59 10.06 9.97
CA HIS D 19 -27.49 10.61 8.63
C HIS D 19 -28.67 11.56 8.40
N GLY D 20 -28.40 12.86 8.22
CA GLY D 20 -29.46 13.80 7.85
C GLY D 20 -29.51 14.00 6.35
N LEU D 21 -29.64 15.25 5.92
CA LEU D 21 -29.47 15.59 4.50
C LEU D 21 -27.98 15.50 4.24
N GLU D 22 -27.61 14.70 3.24
CA GLU D 22 -26.22 14.33 3.03
CA GLU D 22 -26.22 14.36 3.01
C GLU D 22 -26.08 13.75 1.63
N CYS D 23 -24.84 13.50 1.22
CA CYS D 23 -24.57 12.73 0.00
C CYS D 23 -23.89 11.39 0.34
N THR D 24 -23.52 11.21 1.62
CA THR D 24 -22.90 9.98 2.15
C THR D 24 -21.38 9.90 1.88
N CYS D 25 -20.80 10.99 1.42
CA CYS D 25 -19.37 10.98 1.12
C CYS D 25 -18.52 10.73 2.37
N CYS D 26 -18.92 11.29 3.52
CA CYS D 26 -18.12 11.09 4.73
C CYS D 26 -18.09 9.60 5.13
N SER D 27 -19.22 8.92 5.00
CA SER D 27 -19.27 7.47 5.31
C SER D 27 -18.37 6.68 4.37
N GLU D 28 -18.42 7.05 3.09
CA GLU D 28 -17.52 6.47 2.10
C GLU D 28 -16.06 6.73 2.42
N SER D 29 -15.76 7.98 2.74
CA SER D 29 -14.37 8.29 3.09
C SER D 29 -13.90 7.44 4.27
N PHE D 30 -14.73 7.31 5.30
CA PHE D 30 -14.37 6.55 6.48
C PHE D 30 -13.84 5.14 6.13
N ILE D 31 -14.55 4.44 5.22
CA ILE D 31 -14.12 3.08 4.89
C ILE D 31 -12.90 3.02 3.98
N ARG D 32 -12.42 4.18 3.52
CA ARG D 32 -11.15 4.22 2.78
C ARG D 32 -9.93 4.17 3.68
N SER D 33 -10.12 4.25 5.00
CA SER D 33 -9.00 4.39 5.93
C SER D 33 -7.97 3.27 5.74
N ALA D 34 -6.72 3.66 5.53
CA ALA D 34 -5.63 2.70 5.33
C ALA D 34 -5.19 2.10 6.66
N HIS D 35 -5.35 2.85 7.74
CA HIS D 35 -4.85 2.45 9.06
C HIS D 35 -5.45 3.39 10.10
N PRO D 36 -6.25 2.87 11.01
CA PRO D 36 -6.71 1.47 11.06
C PRO D 36 -7.68 1.18 9.92
N LEU D 37 -7.81 -0.10 9.57
CA LEU D 37 -8.80 -0.51 8.60
C LEU D 37 -10.21 -0.37 9.20
N ALA D 38 -11.17 0.01 8.35
CA ALA D 38 -12.55 0.12 8.80
C ALA D 38 -13.04 -1.19 9.43
N LYS D 39 -12.67 -2.34 8.86
CA LYS D 39 -13.09 -3.64 9.40
C LYS D 39 -12.64 -3.77 10.86
N ASP D 40 -11.44 -3.27 11.17
CA ASP D 40 -10.90 -3.37 12.52
C ASP D 40 -11.52 -2.36 13.49
N VAL D 41 -11.78 -1.14 12.99
CA VAL D 41 -12.53 -0.16 13.78
C VAL D 41 -13.86 -0.75 14.27
N VAL D 42 -14.63 -1.30 13.33
CA VAL D 42 -15.98 -1.79 13.62
C VAL D 42 -15.99 -3.10 14.43
N LEU D 43 -15.03 -3.98 14.18
CA LEU D 43 -15.01 -5.26 14.90
C LEU D 43 -14.37 -5.14 16.27
N SER D 44 -13.38 -4.27 16.39
CA SER D 44 -12.47 -4.36 17.54
C SER D 44 -12.34 -3.08 18.37
N MET D 45 -12.67 -1.93 17.80
CA MET D 45 -12.39 -0.66 18.48
C MET D 45 -13.64 0.01 19.02
N ILE D 46 -14.64 0.22 18.16
CA ILE D 46 -15.90 0.80 18.59
C ILE D 46 -16.99 -0.26 18.48
N SER D 47 -18.17 0.05 19.00
CA SER D 47 -19.35 -0.72 18.70
C SER D 47 -20.27 0.20 17.88
N LEU D 48 -20.30 -0.02 16.57
CA LEU D 48 -21.11 0.80 15.68
C LEU D 48 -22.54 0.29 15.81
N ASP D 49 -23.30 0.92 16.69
CA ASP D 49 -24.59 0.37 17.13
C ASP D 49 -25.75 0.73 16.23
N TYR D 50 -25.63 1.85 15.52
CA TYR D 50 -26.64 2.24 14.57
C TYR D 50 -25.95 3.00 13.46
N ASP D 51 -26.28 2.62 12.23
CA ASP D 51 -25.79 3.29 11.04
C ASP D 51 -26.65 2.83 9.87
N ASP D 52 -27.58 3.69 9.44
CA ASP D 52 -28.54 3.36 8.38
C ASP D 52 -27.92 2.76 7.12
N THR D 53 -26.68 3.14 6.83
CA THR D 53 -25.92 2.65 5.68
C THR D 53 -25.64 1.15 5.72
N LEU D 54 -25.38 0.60 6.91
CA LEU D 54 -24.88 -0.78 7.02
C LEU D 54 -25.75 -1.78 7.77
N MET D 55 -26.80 -1.30 8.44
CA MET D 55 -27.60 -2.16 9.31
CA MET D 55 -27.70 -2.09 9.30
C MET D 55 -28.35 -3.27 8.60
N ALA D 56 -28.28 -4.46 9.21
CA ALA D 56 -29.03 -5.61 8.76
C ALA D 56 -30.53 -5.34 8.85
N ALA D 57 -30.96 -4.83 10.00
CA ALA D 57 -32.38 -4.54 10.26
C ALA D 57 -32.82 -3.22 9.65
N SER D 58 -34.09 -3.16 9.28
CA SER D 58 -34.69 -1.95 8.73
CA SER D 58 -34.70 -1.96 8.72
C SER D 58 -35.95 -1.59 9.51
N GLY D 59 -36.55 -0.45 9.18
CA GLY D 59 -37.82 -0.02 9.75
C GLY D 59 -37.90 -0.12 11.25
N HIS D 60 -38.95 -0.78 11.72
CA HIS D 60 -39.25 -0.88 13.14
C HIS D 60 -38.11 -1.52 13.93
N ALA D 61 -37.48 -2.55 13.34
CA ALA D 61 -36.35 -3.24 13.98
C ALA D 61 -35.14 -2.32 14.16
N ALA D 62 -34.90 -1.46 13.17
CA ALA D 62 -33.83 -0.46 13.26
C ALA D 62 -34.16 0.59 14.32
N GLU D 63 -35.37 1.13 14.29
CA GLU D 63 -35.83 2.12 15.26
C GLU D 63 -35.69 1.62 16.71
N ALA D 64 -36.01 0.34 16.90
CA ALA D 64 -35.93 -0.31 18.21
C ALA D 64 -34.52 -0.23 18.81
N ILE D 65 -33.51 -0.27 17.95
CA ILE D 65 -32.12 -0.17 18.41
C ILE D 65 -31.80 1.19 19.01
N LEU D 66 -32.18 2.28 18.32
CA LEU D 66 -31.95 3.63 18.85
C LEU D 66 -32.55 3.79 20.24
N ASP D 67 -33.77 3.30 20.40
CA ASP D 67 -34.44 3.33 21.70
C ASP D 67 -33.62 2.59 22.75
N GLU D 68 -33.14 1.41 22.37
CA GLU D 68 -32.42 0.51 23.27
C GLU D 68 -31.06 1.10 23.67
N ILE D 69 -30.29 1.54 22.69
CA ILE D 69 -28.94 2.07 22.95
C ILE D 69 -29.02 3.35 23.78
N LYS D 70 -29.99 4.21 23.46
CA LYS D 70 -30.21 5.48 24.15
C LYS D 70 -30.44 5.23 25.64
N GLU D 71 -31.19 4.17 25.95
CA GLU D 71 -31.50 3.81 27.33
C GLU D 71 -30.34 3.08 28.00
N LYS D 72 -29.83 2.02 27.34
CA LYS D 72 -28.77 1.19 27.94
C LYS D 72 -27.47 1.95 28.15
N TYR D 73 -27.15 2.83 27.20
CA TYR D 73 -25.90 3.58 27.22
C TYR D 73 -26.12 5.09 27.38
N LYS D 74 -27.18 5.47 28.09
CA LYS D 74 -27.49 6.88 28.34
C LYS D 74 -26.25 7.64 28.86
N GLY D 75 -25.84 8.67 28.13
CA GLY D 75 -24.69 9.46 28.52
C GLY D 75 -23.33 8.85 28.18
N ASN D 76 -23.34 7.70 27.52
CA ASN D 76 -22.10 6.94 27.29
C ASN D 76 -21.77 6.65 25.83
N TYR D 77 -22.69 6.97 24.93
CA TYR D 77 -22.42 6.78 23.51
C TYR D 77 -21.90 8.05 22.85
N ILE D 78 -21.05 7.84 21.84
CA ILE D 78 -20.68 8.93 20.97
CA ILE D 78 -20.65 8.91 20.94
C ILE D 78 -21.73 9.04 19.86
N LEU D 79 -22.20 10.26 19.64
CA LEU D 79 -23.14 10.52 18.56
C LEU D 79 -22.37 11.12 17.39
N ALA D 80 -22.17 10.32 16.34
CA ALA D 80 -21.58 10.80 15.11
C ALA D 80 -22.71 11.23 14.20
N VAL D 81 -22.59 12.41 13.59
CA VAL D 81 -23.62 12.89 12.70
C VAL D 81 -23.00 13.24 11.35
N GLU D 82 -23.52 12.60 10.30
N GLU D 82 -23.59 12.66 10.31
CA GLU D 82 -23.23 13.01 8.94
CA GLU D 82 -23.27 12.96 8.93
C GLU D 82 -24.47 13.69 8.40
C GLU D 82 -24.49 13.63 8.32
N GLY D 83 -24.26 14.70 7.57
CA GLY D 83 -25.37 15.46 7.03
C GLY D 83 -25.94 16.43 8.07
N ASN D 84 -27.09 17.02 7.75
CA ASN D 84 -27.65 18.03 8.62
C ASN D 84 -29.19 18.08 8.60
N PRO D 85 -29.78 18.73 9.61
CA PRO D 85 -31.23 18.85 9.65
C PRO D 85 -31.78 20.05 8.85
N PRO D 86 -32.79 19.82 8.02
CA PRO D 86 -33.52 20.93 7.40
C PRO D 86 -34.60 21.46 8.34
N LEU D 87 -34.81 22.77 8.30
CA LEU D 87 -35.86 23.42 9.08
C LEU D 87 -37.07 23.83 8.25
N ASN D 88 -36.91 23.92 6.93
CA ASN D 88 -38.05 24.20 6.06
C ASN D 88 -38.85 22.93 5.82
N GLN D 89 -40.02 23.08 5.18
CA GLN D 89 -40.93 21.96 4.92
C GLN D 89 -41.31 21.26 6.23
N ASP D 90 -41.34 22.02 7.33
CA ASP D 90 -41.56 21.46 8.68
C ASP D 90 -40.61 20.31 9.00
N GLY D 91 -39.42 20.37 8.41
CA GLY D 91 -38.39 19.38 8.62
C GLY D 91 -38.55 18.12 7.78
N MET D 92 -39.63 18.08 6.98
CA MET D 92 -39.99 16.86 6.26
C MET D 92 -39.34 16.77 4.88
N SER D 93 -38.38 17.64 4.62
CA SER D 93 -37.43 17.44 3.54
C SER D 93 -36.34 16.43 3.95
N CYS D 94 -36.39 15.97 5.21
CA CYS D 94 -35.60 14.81 5.63
C CYS D 94 -36.41 14.00 6.65
N ILE D 95 -37.06 12.93 6.18
CA ILE D 95 -38.00 12.16 6.98
C ILE D 95 -37.33 10.84 7.36
N ILE D 96 -37.35 10.53 8.66
CA ILE D 96 -36.92 9.20 9.13
C ILE D 96 -37.97 8.64 10.08
N GLY D 97 -38.44 7.43 9.81
CA GLY D 97 -39.48 6.81 10.62
C GLY D 97 -40.76 7.63 10.65
N GLY D 98 -41.05 8.31 9.53
CA GLY D 98 -42.25 9.13 9.40
C GLY D 98 -42.17 10.52 10.03
N ARG D 99 -41.03 10.86 10.64
CA ARG D 99 -40.89 12.09 11.42
C ARG D 99 -39.68 12.89 10.94
N PRO D 100 -39.62 14.21 11.26
CA PRO D 100 -38.45 14.97 10.83
C PRO D 100 -37.15 14.41 11.40
N PHE D 101 -36.11 14.34 10.58
CA PHE D 101 -34.79 13.96 11.07
C PHE D 101 -34.37 14.83 12.26
N SER D 102 -34.74 16.12 12.24
CA SER D 102 -34.36 17.00 13.33
C SER D 102 -34.80 16.45 14.69
N GLU D 103 -35.97 15.79 14.73
CA GLU D 103 -36.44 15.18 15.98
C GLU D 103 -35.56 13.99 16.42
N GLN D 104 -35.11 13.19 15.47
CA GLN D 104 -34.17 12.10 15.77
C GLN D 104 -32.85 12.66 16.30
N LEU D 105 -32.33 13.68 15.61
CA LEU D 105 -31.08 14.28 16.02
C LEU D 105 -31.17 14.85 17.45
N LYS D 106 -32.22 15.60 17.73
CA LYS D 106 -32.40 16.21 19.04
C LYS D 106 -32.48 15.14 20.13
N ARG D 107 -33.29 14.11 19.89
CA ARG D 107 -33.48 13.01 20.85
C ARG D 107 -32.16 12.31 21.19
N MET D 108 -31.35 12.05 20.17
CA MET D 108 -30.08 11.37 20.41
C MET D 108 -29.02 12.28 21.01
N ALA D 109 -29.05 13.57 20.64
CA ALA D 109 -28.10 14.54 21.18
C ALA D 109 -28.30 14.73 22.67
N ASP D 110 -29.56 14.67 23.12
CA ASP D 110 -29.91 14.86 24.53
C ASP D 110 -29.08 13.97 25.46
N ASP D 111 -28.82 12.73 25.03
CA ASP D 111 -28.18 11.73 25.89
C ASP D 111 -26.81 11.25 25.40
N ALA D 112 -26.25 11.95 24.43
CA ALA D 112 -24.91 11.64 23.94
C ALA D 112 -23.85 12.05 24.95
N LYS D 113 -22.71 11.35 24.94
CA LYS D 113 -21.54 11.74 25.71
C LYS D 113 -20.86 12.93 25.03
N ALA D 114 -20.83 12.88 23.70
CA ALA D 114 -20.17 13.88 22.87
C ALA D 114 -20.69 13.68 21.45
N ILE D 115 -20.59 14.72 20.64
CA ILE D 115 -20.97 14.63 19.23
C ILE D 115 -19.75 14.83 18.33
N ILE D 116 -19.65 14.01 17.29
CA ILE D 116 -18.75 14.27 16.19
C ILE D 116 -19.59 14.74 14.99
N SER D 117 -19.34 15.96 14.53
CA SER D 117 -19.94 16.46 13.30
C SER D 117 -19.03 16.06 12.12
N TRP D 118 -19.32 14.95 11.49
CA TRP D 118 -18.53 14.53 10.33
C TRP D 118 -18.81 15.43 9.15
N GLY D 119 -17.75 15.94 8.53
CA GLY D 119 -17.90 16.59 7.23
C GLY D 119 -18.42 18.02 7.28
N SER D 120 -18.36 18.65 6.14
CA SER D 120 -18.86 20.02 6.03
C SER D 120 -20.38 20.12 6.18
N CYS D 121 -21.15 19.08 5.80
CA CYS D 121 -22.61 19.17 6.04
C CYS D 121 -22.92 19.34 7.53
N ALA D 122 -22.38 18.45 8.35
CA ALA D 122 -22.73 18.46 9.76
C ALA D 122 -22.07 19.65 10.45
N SER D 123 -20.86 19.99 10.01
CA SER D 123 -20.09 21.10 10.60
C SER D 123 -20.66 22.48 10.26
N TRP D 124 -21.00 22.69 8.99
CA TRP D 124 -21.28 24.05 8.48
C TRP D 124 -22.54 24.18 7.66
N GLY D 125 -22.93 23.12 6.94
CA GLY D 125 -24.06 23.19 6.04
C GLY D 125 -23.85 22.52 4.70
N CYS D 126 -22.65 22.68 4.17
CA CYS D 126 -22.23 22.19 2.84
C CYS D 126 -23.23 22.53 1.73
N VAL D 127 -23.34 21.67 0.72
CA VAL D 127 -23.90 22.10 -0.55
C VAL D 127 -25.37 22.53 -0.46
N GLN D 128 -26.16 21.78 0.33
CA GLN D 128 -27.59 22.09 0.47
C GLN D 128 -27.83 23.44 1.16
N ALA D 129 -26.84 23.92 1.92
CA ALA D 129 -26.95 25.21 2.59
C ALA D 129 -26.49 26.37 1.72
N ALA D 130 -25.92 26.09 0.54
CA ALA D 130 -25.53 27.14 -0.40
C ALA D 130 -26.77 27.89 -0.87
N LYS D 131 -26.57 29.19 -1.18
CA LYS D 131 -27.67 30.04 -1.61
CA LYS D 131 -27.67 30.05 -1.61
C LYS D 131 -28.52 29.37 -2.70
N PRO D 132 -29.87 29.40 -2.54
CA PRO D 132 -30.69 30.06 -1.52
C PRO D 132 -31.14 29.11 -0.40
N ASN D 133 -30.44 28.00 -0.19
CA ASN D 133 -30.77 27.06 0.89
C ASN D 133 -32.27 26.71 0.98
N PRO D 134 -32.81 26.01 -0.04
CA PRO D 134 -34.25 25.77 -0.13
C PRO D 134 -34.84 25.02 1.08
N THR D 135 -34.03 24.21 1.75
CA THR D 135 -34.53 23.42 2.88
C THR D 135 -34.20 24.00 4.26
N GLN D 136 -33.54 25.18 4.26
CA GLN D 136 -32.98 25.75 5.49
CA GLN D 136 -32.97 25.76 5.48
C GLN D 136 -32.18 24.68 6.25
N ALA D 137 -31.28 24.04 5.52
CA ALA D 137 -30.38 23.07 6.11
C ALA D 137 -29.48 23.82 7.08
N THR D 138 -29.27 23.23 8.25
CA THR D 138 -28.64 23.92 9.38
C THR D 138 -27.61 22.98 10.02
N PRO D 139 -26.35 23.42 10.22
CA PRO D 139 -25.38 22.51 10.82
C PRO D 139 -25.75 22.12 12.25
N VAL D 140 -25.19 21.01 12.71
CA VAL D 140 -25.56 20.43 13.99
C VAL D 140 -25.44 21.39 15.17
N HIS D 141 -24.30 22.09 15.27
CA HIS D 141 -24.10 22.98 16.41
C HIS D 141 -25.12 24.13 16.45
N LYS D 142 -25.49 24.64 15.28
CA LYS D 142 -26.47 25.73 15.21
C LYS D 142 -27.87 25.19 15.53
N PHE D 143 -28.16 23.99 15.04
CA PHE D 143 -29.45 23.38 15.34
C PHE D 143 -29.64 23.17 16.85
N LEU D 144 -28.60 22.68 17.52
CA LEU D 144 -28.71 22.39 18.96
C LEU D 144 -28.64 23.65 19.81
N GLY D 145 -28.00 24.69 19.29
CA GLY D 145 -27.97 26.01 19.94
C GLY D 145 -26.93 26.18 21.04
N GLY D 146 -26.81 27.41 21.53
CA GLY D 146 -25.78 27.77 22.49
C GLY D 146 -25.87 27.05 23.83
N GLY D 147 -27.07 26.57 24.15
CA GLY D 147 -27.30 25.89 25.43
C GLY D 147 -26.84 24.44 25.47
N TYR D 148 -26.44 23.90 24.33
CA TYR D 148 -25.99 22.51 24.28
C TYR D 148 -24.69 22.34 25.07
N ASP D 149 -24.68 21.39 25.99
CA ASP D 149 -23.63 21.32 27.00
C ASP D 149 -22.66 20.14 26.85
N LYS D 150 -22.68 19.46 25.71
CA LYS D 150 -21.70 18.43 25.42
C LYS D 150 -20.80 18.90 24.29
N PRO D 151 -19.56 18.38 24.21
CA PRO D 151 -18.65 18.76 23.12
C PRO D 151 -19.22 18.39 21.76
N ILE D 152 -19.01 19.29 20.80
CA ILE D 152 -19.27 19.03 19.39
C ILE D 152 -17.94 19.17 18.66
N ILE D 153 -17.42 18.04 18.20
CA ILE D 153 -16.13 17.99 17.51
C ILE D 153 -16.41 18.11 16.02
N LYS D 154 -16.03 19.23 15.42
CA LYS D 154 -16.25 19.41 13.99
C LYS D 154 -15.07 18.83 13.23
N VAL D 155 -15.38 17.95 12.28
CA VAL D 155 -14.36 17.33 11.43
C VAL D 155 -14.72 17.66 9.98
N PRO D 156 -14.46 18.92 9.56
CA PRO D 156 -15.02 19.36 8.27
C PRO D 156 -14.23 18.86 7.05
N GLY D 157 -14.77 19.18 5.87
CA GLY D 157 -14.25 18.67 4.62
C GLY D 157 -15.37 17.94 3.91
N CYS D 158 -15.28 17.90 2.59
CA CYS D 158 -16.33 17.33 1.77
C CYS D 158 -15.75 16.27 0.82
N PRO D 159 -15.53 15.05 1.35
CA PRO D 159 -15.58 14.66 2.75
C PRO D 159 -14.25 14.98 3.47
N PRO D 160 -14.17 14.72 4.77
CA PRO D 160 -12.86 14.70 5.43
C PRO D 160 -11.99 13.57 4.91
N ILE D 161 -10.68 13.69 5.12
CA ILE D 161 -9.73 12.64 4.77
C ILE D 161 -10.03 11.41 5.62
N ALA D 162 -9.87 10.22 5.04
CA ALA D 162 -10.24 8.97 5.72
C ALA D 162 -9.47 8.81 7.03
N GLU D 163 -8.15 9.00 6.97
CA GLU D 163 -7.29 8.77 8.12
C GLU D 163 -7.42 9.87 9.17
N VAL D 164 -7.95 11.03 8.77
CA VAL D 164 -8.33 12.06 9.75
C VAL D 164 -9.53 11.54 10.55
N MET D 165 -10.54 11.02 9.86
CA MET D 165 -11.73 10.49 10.55
C MET D 165 -11.37 9.37 11.54
N THR D 166 -10.62 8.39 11.05
CA THR D 166 -10.24 7.30 11.95
C THR D 166 -9.20 7.74 12.97
N GLY D 167 -8.40 8.75 12.63
CA GLY D 167 -7.42 9.31 13.56
C GLY D 167 -8.08 9.98 14.77
N VAL D 168 -9.19 10.67 14.53
CA VAL D 168 -9.93 11.29 15.63
C VAL D 168 -10.44 10.20 16.59
N ILE D 169 -11.01 9.14 16.01
CA ILE D 169 -11.53 8.03 16.79
CA ILE D 169 -11.54 8.01 16.77
C ILE D 169 -10.42 7.34 17.57
N THR D 170 -9.32 6.98 16.89
CA THR D 170 -8.23 6.31 17.59
C THR D 170 -7.63 7.20 18.68
N TYR D 171 -7.59 8.52 18.46
CA TYR D 171 -7.07 9.37 19.50
C TYR D 171 -7.94 9.29 20.77
N MET D 172 -9.25 9.37 20.59
CA MET D 172 -10.15 9.34 21.73
C MET D 172 -10.06 8.00 22.47
N LEU D 173 -9.93 6.92 21.71
CA LEU D 173 -9.85 5.58 22.32
C LEU D 173 -8.52 5.31 23.00
N THR D 174 -7.44 5.86 22.45
CA THR D 174 -6.10 5.59 22.94
C THR D 174 -5.72 6.49 24.10
N PHE D 175 -6.09 7.77 23.99
CA PHE D 175 -5.61 8.77 24.95
C PHE D 175 -6.67 9.24 25.95
N ASP D 176 -7.89 8.74 25.79
CA ASP D 176 -8.96 8.92 26.78
C ASP D 176 -9.36 10.38 26.98
N ARG D 177 -9.22 11.18 25.93
CA ARG D 177 -9.78 12.53 25.95
C ARG D 177 -10.15 13.02 24.57
N ILE D 178 -11.05 14.00 24.54
CA ILE D 178 -11.40 14.75 23.34
CA ILE D 178 -11.37 14.70 23.32
C ILE D 178 -10.12 15.47 22.90
N PRO D 179 -9.78 15.42 21.61
CA PRO D 179 -8.60 16.18 21.19
C PRO D 179 -8.79 17.68 21.38
N GLU D 180 -7.69 18.40 21.55
CA GLU D 180 -7.77 19.85 21.65
C GLU D 180 -8.40 20.43 20.38
N LEU D 181 -9.33 21.35 20.56
CA LEU D 181 -10.05 21.96 19.43
C LEU D 181 -9.66 23.43 19.28
N ASP D 182 -9.69 23.90 18.04
CA ASP D 182 -9.53 25.33 17.78
C ASP D 182 -10.84 26.06 18.08
N ARG D 183 -10.87 27.39 17.88
CA ARG D 183 -12.07 28.16 18.18
C ARG D 183 -13.31 27.74 17.38
N GLN D 184 -13.08 27.12 16.23
CA GLN D 184 -14.19 26.61 15.43
C GLN D 184 -14.58 25.17 15.76
N GLY D 185 -13.97 24.60 16.79
CA GLY D 185 -14.32 23.24 17.21
C GLY D 185 -13.62 22.13 16.43
N ARG D 186 -12.60 22.49 15.66
CA ARG D 186 -11.88 21.51 14.82
C ARG D 186 -10.65 20.97 15.55
N PRO D 187 -10.42 19.64 15.49
CA PRO D 187 -9.21 19.12 16.16
C PRO D 187 -7.91 19.67 15.60
N LYS D 188 -7.08 20.21 16.50
CA LYS D 188 -5.78 20.75 16.12
C LYS D 188 -4.88 19.66 15.53
N MET D 189 -5.15 18.40 15.93
CA MET D 189 -4.55 17.17 15.34
C MET D 189 -4.39 17.30 13.84
N PHE D 190 -5.39 17.90 13.17
CA PHE D 190 -5.49 17.85 11.71
C PHE D 190 -5.82 19.17 11.02
N TYR D 191 -6.42 20.12 11.75
CA TYR D 191 -7.00 21.32 11.12
C TYR D 191 -6.32 22.61 11.51
N SER D 192 -5.10 22.51 12.02
CA SER D 192 -4.41 23.71 12.53
C SER D 192 -3.32 24.24 11.60
N GLN D 193 -3.39 23.91 10.33
CA GLN D 193 -2.58 24.55 9.29
C GLN D 193 -3.41 24.72 8.03
N ARG D 194 -3.11 25.78 7.27
CA ARG D 194 -3.75 25.92 5.97
C ARG D 194 -3.03 25.08 4.92
N ILE D 195 -3.75 24.71 3.87
CA ILE D 195 -3.16 23.91 2.80
C ILE D 195 -1.86 24.59 2.30
N HIS D 196 -1.95 25.90 2.08
CA HIS D 196 -0.87 26.74 1.55
C HIS D 196 0.32 26.84 2.51
N ASP D 197 0.09 26.54 3.79
CA ASP D 197 1.14 26.54 4.82
C ASP D 197 2.02 25.30 4.78
N LYS D 198 1.61 24.28 4.01
CA LYS D 198 2.41 23.04 3.85
CA LYS D 198 2.31 23.00 3.89
C LYS D 198 2.29 22.49 2.43
N CYS D 199 2.18 23.39 1.45
CA CYS D 199 2.00 22.97 0.06
C CYS D 199 3.31 22.84 -0.70
N TYR D 200 3.53 21.65 -1.26
CA TYR D 200 4.75 21.38 -1.98
C TYR D 200 4.90 22.22 -3.26
N ARG D 201 3.81 22.84 -3.74
CA ARG D 201 3.92 23.81 -4.87
C ARG D 201 4.26 25.24 -4.45
N ARG D 202 4.40 25.46 -3.15
CA ARG D 202 4.72 26.81 -2.65
C ARG D 202 5.98 27.41 -3.30
N PRO D 203 7.06 26.64 -3.52
CA PRO D 203 8.21 27.27 -4.20
C PRO D 203 7.85 27.97 -5.50
N HIS D 204 6.90 27.42 -6.26
CA HIS D 204 6.44 28.04 -7.50
C HIS D 204 5.64 29.30 -7.24
N PHE D 205 4.73 29.27 -6.28
CA PHE D 205 4.02 30.48 -5.84
C PHE D 205 5.04 31.56 -5.54
N ASP D 206 6.06 31.19 -4.77
CA ASP D 206 7.08 32.17 -4.34
C ASP D 206 7.81 32.81 -5.52
N ALA D 207 8.02 32.03 -6.58
CA ALA D 207 8.77 32.47 -7.76
C ALA D 207 7.87 33.06 -8.85
N GLY D 208 6.58 33.24 -8.55
CA GLY D 208 5.60 33.68 -9.54
C GLY D 208 5.46 32.74 -10.71
N GLN D 209 5.57 31.45 -10.43
CA GLN D 209 5.46 30.39 -11.43
C GLN D 209 4.09 29.74 -11.25
N PHE D 210 3.18 30.07 -12.16
CA PHE D 210 1.77 29.71 -12.06
C PHE D 210 1.29 29.00 -13.31
N VAL D 211 0.35 28.09 -13.12
CA VAL D 211 -0.52 27.68 -14.23
C VAL D 211 -1.36 28.90 -14.64
N GLU D 212 -1.23 29.31 -15.89
CA GLU D 212 -1.99 30.47 -16.37
C GLU D 212 -3.22 30.03 -17.16
N GLU D 213 -3.10 28.90 -17.88
CA GLU D 213 -4.20 28.33 -18.65
C GLU D 213 -4.06 26.85 -18.44
N TRP D 214 -5.16 26.10 -18.46
CA TRP D 214 -5.08 24.64 -18.30
C TRP D 214 -4.14 24.01 -19.31
N ASP D 215 -3.34 23.07 -18.84
CA ASP D 215 -2.42 22.28 -19.67
C ASP D 215 -1.38 23.14 -20.41
N ASP D 216 -1.01 24.26 -19.80
CA ASP D 216 0.10 25.05 -20.28
C ASP D 216 1.41 24.50 -19.75
N GLU D 217 2.51 25.15 -20.06
CA GLU D 217 3.83 24.70 -19.61
C GLU D 217 3.86 24.54 -18.08
N GLY D 218 3.31 25.53 -17.38
CA GLY D 218 3.29 25.47 -15.93
C GLY D 218 2.53 24.27 -15.39
N ALA D 219 1.36 24.00 -15.96
CA ALA D 219 0.56 22.84 -15.56
C ALA D 219 1.39 21.56 -15.65
N ARG D 220 2.16 21.44 -16.71
CA ARG D 220 2.95 20.23 -16.99
C ARG D 220 4.21 20.16 -16.12
N LYS D 221 4.57 21.28 -15.49
CA LYS D 221 5.67 21.34 -14.55
C LYS D 221 5.21 21.32 -13.10
N GLY D 222 3.89 21.33 -12.87
CA GLY D 222 3.37 21.35 -11.51
C GLY D 222 3.48 22.71 -10.82
N TYR D 223 3.35 23.77 -11.61
CA TYR D 223 3.38 25.13 -11.05
C TYR D 223 2.18 25.43 -10.14
N CYS D 224 2.25 26.49 -9.37
CA CYS D 224 1.21 26.83 -8.41
C CYS D 224 -0.12 27.11 -9.12
N LEU D 225 -1.21 26.75 -8.43
CA LEU D 225 -2.58 26.84 -8.95
C LEU D 225 -3.35 28.08 -8.47
N TYR D 226 -2.64 29.04 -7.85
CA TYR D 226 -3.26 30.27 -7.35
C TYR D 226 -4.08 31.01 -8.42
N LYS D 227 -3.51 31.14 -9.61
CA LYS D 227 -4.17 31.92 -10.65
C LYS D 227 -5.36 31.22 -11.28
N VAL D 228 -5.47 29.91 -11.09
CA VAL D 228 -6.67 29.19 -11.53
C VAL D 228 -7.64 28.93 -10.38
N GLY D 229 -7.47 29.64 -9.27
CA GLY D 229 -8.49 29.68 -8.22
C GLY D 229 -8.22 28.93 -6.93
N CYS D 230 -7.01 28.38 -6.78
CA CYS D 230 -6.69 27.61 -5.57
C CYS D 230 -7.04 28.37 -4.29
N LYS D 231 -7.84 27.75 -3.44
CA LYS D 231 -8.24 28.34 -2.17
C LYS D 231 -7.43 27.80 -1.00
N GLY D 232 -6.32 27.11 -1.32
CA GLY D 232 -5.36 26.68 -0.31
C GLY D 232 -4.95 27.76 0.71
N PRO D 233 -4.77 29.04 0.26
CA PRO D 233 -4.33 30.08 1.21
C PRO D 233 -5.28 30.35 2.37
N THR D 234 -6.55 29.96 2.26
CA THR D 234 -7.52 30.25 3.29
C THR D 234 -8.21 29.00 3.88
N THR D 235 -7.68 27.81 3.57
CA THR D 235 -8.37 26.56 3.90
C THR D 235 -7.55 25.73 4.87
N TYR D 236 -8.12 25.44 6.04
CA TYR D 236 -7.45 24.64 7.07
C TYR D 236 -7.81 23.18 6.94
N ASN D 237 -6.82 22.35 6.62
CA ASN D 237 -7.07 20.90 6.46
C ASN D 237 -5.72 20.22 6.37
N ALA D 238 -5.76 18.88 6.33
CA ALA D 238 -4.55 18.06 6.35
C ALA D 238 -4.21 17.54 4.95
N CYS D 239 -4.82 18.11 3.92
CA CYS D 239 -4.66 17.58 2.57
C CYS D 239 -3.25 17.64 2.02
N SER D 240 -2.45 18.63 2.46
CA SER D 240 -1.10 18.77 1.94
C SER D 240 -0.07 18.08 2.83
N THR D 241 -0.53 17.45 3.91
CA THR D 241 0.37 16.80 4.86
C THR D 241 0.06 15.30 4.96
N VAL D 242 -1.17 14.95 5.38
CA VAL D 242 -1.63 13.55 5.40
C VAL D 242 -2.00 13.12 3.99
N ARG D 243 -2.62 13.98 3.22
CA ARG D 243 -3.05 13.69 1.87
C ARG D 243 -4.16 12.61 1.87
N TRP D 244 -4.52 12.21 0.67
CA TRP D 244 -5.76 11.46 0.42
C TRP D 244 -5.52 10.04 -0.02
N ASN D 245 -6.42 9.11 0.40
CA ASN D 245 -6.46 7.73 -0.13
C ASN D 245 -5.14 7.00 0.10
N GLY D 246 -4.80 6.89 1.38
CA GLY D 246 -3.56 6.28 1.79
C GLY D 246 -2.35 7.05 1.32
N GLY D 247 -2.45 8.38 1.38
CA GLY D 247 -1.33 9.24 1.04
C GLY D 247 -1.01 9.25 -0.45
N THR D 248 -1.98 8.95 -1.31
CA THR D 248 -1.75 8.83 -2.73
C THR D 248 -1.68 10.19 -3.42
N SER D 249 -2.58 11.10 -3.06
CA SER D 249 -2.61 12.39 -3.77
C SER D 249 -3.38 13.40 -2.95
N PHE D 250 -3.53 14.60 -3.51
CA PHE D 250 -4.53 15.55 -3.01
C PHE D 250 -4.91 16.44 -4.19
N PRO D 251 -6.01 17.23 -4.06
CA PRO D 251 -6.46 17.97 -5.23
C PRO D 251 -5.34 18.72 -5.99
N ILE D 252 -4.49 19.46 -5.27
CA ILE D 252 -3.44 20.25 -5.88
C ILE D 252 -2.41 19.39 -6.58
N GLN D 253 -2.02 18.27 -5.97
CA GLN D 253 -1.05 17.38 -6.62
C GLN D 253 -1.57 16.95 -8.00
N SER D 254 -2.85 16.61 -8.06
CA SER D 254 -3.44 16.14 -9.29
C SER D 254 -3.85 17.26 -10.24
N GLY D 255 -3.56 18.52 -9.86
CA GLY D 255 -3.66 19.64 -10.81
C GLY D 255 -4.87 20.56 -10.75
N HIS D 256 -5.75 20.38 -9.78
CA HIS D 256 -6.89 21.30 -9.60
C HIS D 256 -6.68 22.04 -8.28
N GLY D 257 -6.93 23.36 -8.28
CA GLY D 257 -6.82 24.08 -7.03
C GLY D 257 -7.77 23.54 -5.96
N CYS D 258 -7.39 23.73 -4.71
CA CYS D 258 -8.31 23.58 -3.61
C CYS D 258 -9.54 24.45 -3.87
N ILE D 259 -10.73 23.92 -3.56
CA ILE D 259 -11.97 24.68 -3.67
C ILE D 259 -12.48 25.17 -2.31
N GLY D 260 -11.70 24.86 -1.27
CA GLY D 260 -11.97 25.33 0.10
C GLY D 260 -12.96 24.49 0.87
N CYS D 261 -13.04 23.20 0.54
CA CYS D 261 -14.21 22.38 0.89
C CYS D 261 -14.40 22.10 2.38
N SER D 262 -13.39 22.40 3.20
CA SER D 262 -13.52 22.26 4.65
C SER D 262 -13.92 23.56 5.35
N GLU D 263 -14.01 24.66 4.61
CA GLU D 263 -14.27 25.97 5.23
C GLU D 263 -15.74 26.35 5.19
N ASP D 264 -16.21 26.89 6.31
CA ASP D 264 -17.56 27.41 6.43
C ASP D 264 -17.88 28.32 5.26
N GLY D 265 -18.95 28.02 4.53
CA GLY D 265 -19.45 28.90 3.47
C GLY D 265 -18.72 28.82 2.14
N PHE D 266 -17.92 27.77 1.94
CA PHE D 266 -17.08 27.72 0.73
C PHE D 266 -17.84 27.75 -0.60
N TRP D 267 -19.08 27.27 -0.61
CA TRP D 267 -19.83 27.24 -1.86
C TRP D 267 -20.22 28.63 -2.34
N ASP D 268 -20.29 29.58 -1.42
CA ASP D 268 -20.73 30.93 -1.75
C ASP D 268 -19.60 31.95 -1.63
N LYS D 269 -18.36 31.47 -1.62
CA LYS D 269 -17.23 32.40 -1.58
CA LYS D 269 -17.20 32.36 -1.57
C LYS D 269 -16.90 32.99 -2.93
N GLY D 270 -17.46 32.40 -3.98
CA GLY D 270 -17.23 32.87 -5.35
C GLY D 270 -16.86 31.69 -6.23
N SER D 271 -16.73 31.91 -7.54
CA SER D 271 -16.30 30.87 -8.45
C SER D 271 -15.04 30.19 -7.96
N PHE D 272 -14.98 28.88 -8.15
CA PHE D 272 -13.81 28.14 -7.76
C PHE D 272 -12.59 28.53 -8.56
N TYR D 273 -12.79 29.16 -9.72
CA TYR D 273 -11.69 29.55 -10.61
C TYR D 273 -11.27 31.00 -10.47
N SER D 274 -11.92 31.70 -9.54
CA SER D 274 -11.55 33.08 -9.22
C SER D 274 -10.54 33.07 -8.07
N ARG D 275 -9.58 33.98 -8.14
CA ARG D 275 -8.48 34.01 -7.18
C ARG D 275 -8.89 34.26 -5.71
N ASP D 276 -8.19 33.59 -4.80
CA ASP D 276 -8.40 33.75 -3.36
C ASP D 276 -8.01 35.17 -2.89
N THR D 277 -8.93 35.82 -2.18
CA THR D 277 -8.69 37.16 -1.65
C THR D 277 -9.03 37.24 -0.16
NI 3NI E . 25.58 -5.79 5.93
FE FCO F . 26.15 -6.12 8.66
C1 FCO F . 24.90 -7.03 9.66
N1 FCO F . 24.11 -7.57 10.30
C2 FCO F . 27.36 -7.50 8.96
N2 FCO F . 28.11 -8.33 9.14
C3 FCO F . 26.68 -5.26 10.23
O3 FCO F . 26.98 -4.79 11.17
O O G . 25.45 -7.25 6.87
C1 GOL H . 8.65 -10.44 23.95
O1 GOL H . 7.26 -10.17 23.69
C2 GOL H . 8.99 -10.29 25.43
O2 GOL H . 10.41 -10.44 25.65
C3 GOL H . 8.30 -11.36 26.24
O3 GOL H . 8.72 -11.24 27.60
C1 GOL I . 4.03 17.25 21.80
O1 GOL I . 4.34 17.71 20.48
C2 GOL I . 2.68 16.52 21.91
O2 GOL I . 2.65 15.21 21.28
C3 GOL I . 1.52 17.37 21.40
O3 GOL I . 0.29 16.65 21.62
MG MG J . 37.46 -2.71 11.14
FE1 SF3 K . 26.49 3.03 -3.21
FE3 SF3 K . 25.91 5.34 -1.83
FE4 SF3 K . 25.11 1.97 -1.32
FE7 SF3 K . 23.20 1.39 -3.49
FE7 SF3 K . 23.39 0.67 -3.78
S1 SF3 K . 25.06 4.67 -3.84
S2 SF3 K . 25.64 1.01 -3.38
S3 SF3 K . 26.82 3.44 -0.93
FE1 F3S L . 18.17 14.25 0.18
FE3 F3S L . 19.02 11.76 -0.45
FE4 F3S L . 16.55 12.58 -1.09
S1 F3S L . 19.52 12.87 1.46
S2 F3S L . 15.98 13.98 0.51
S3 F3S L . 18.48 13.43 -1.94
S4 F3S L . 17.20 10.57 -0.36
FE1 SF4 M . 12.36 21.95 2.60
FE2 SF4 M . 13.48 23.79 4.24
FE3 SF4 M . 15.01 21.75 3.26
FE4 SF4 M . 14.14 23.73 1.64
S1 SF4 M . 15.63 23.88 3.34
S2 SF4 M . 14.16 21.56 1.16
S3 SF4 M . 12.08 24.15 2.51
S4 SF4 M . 13.22 21.65 4.69
MG MG N . -34.34 16.53 -11.20
NI 3NI O . -25.66 7.97 -5.79
FE FCO P . -26.34 7.92 -8.53
C1 FCO P . -25.70 6.50 -9.54
N1 FCO P . -25.31 5.60 -10.16
C2 FCO P . -28.07 7.33 -8.87
N2 FCO P . -29.12 6.98 -9.06
C3 FCO P . -26.32 8.88 -10.15
O3 FCO P . -26.31 9.43 -11.12
O O Q . -26.27 6.65 -6.63
C1 GOL R . -13.42 -5.02 -23.68
O1 GOL R . -12.08 -5.49 -23.45
C2 GOL R . -13.69 -4.76 -25.16
O2 GOL R . -15.01 -4.21 -25.34
C3 GOL R . -13.61 -6.07 -25.93
O3 GOL R . -14.02 -5.82 -27.29
C1 GOL S . 4.46 16.52 -22.19
O1 GOL S . 4.55 17.20 -20.95
C2 GOL S . 5.31 15.23 -22.29
O2 GOL S . 4.69 14.09 -21.64
C3 GOL S . 6.76 15.42 -21.81
O3 GOL S . 7.49 14.21 -22.09
FE1 SF3 T . -21.89 16.32 3.08
FE3 SF3 T . -20.25 17.98 1.63
FE4 SF3 T . -21.27 14.63 1.22
FE7 SF3 T . -19.94 13.23 3.41
FE7 SF3 T . -20.39 12.71 3.75
S1 SF3 T . -19.82 17.01 3.62
S2 SF3 T . -22.18 14.11 3.29
S3 SF3 T . -21.95 16.76 0.76
FE1 F3S U . -9.06 21.76 -0.55
FE3 F3S U . -11.07 20.07 0.13
FE4 F3S U . -8.52 19.49 0.76
S1 F3S U . -10.89 21.23 -1.83
S2 F3S U . -7.31 20.39 -0.89
S3 F3S U . -9.72 21.23 1.56
S4 F3S U . -10.07 18.08 0.03
FE1 SF4 V . -0.23 25.35 -3.13
FE2 SF4 V . -0.23 27.46 -4.82
FE3 SF4 V . -2.62 26.53 -3.79
FE4 SF4 V . -0.82 27.80 -2.21
S1 SF4 V . -1.99 28.67 -3.95
S2 SF4 V . -1.92 25.94 -1.71
S3 SF4 V . 1.19 27.09 -3.11
S4 SF4 V . -1.16 25.45 -5.23
#